data_2WQ1
# 
_entry.id   2WQ1 
# 
_audit_conform.dict_name       mmcif_pdbx.dic 
_audit_conform.dict_version    5.391 
_audit_conform.dict_location   http://mmcif.pdb.org/dictionaries/ascii/mmcif_pdbx.dic 
# 
loop_
_database_2.database_id 
_database_2.database_code 
_database_2.pdbx_database_accession 
_database_2.pdbx_DOI 
PDB   2WQ1         pdb_00002wq1 10.2210/pdb2wq1/pdb 
PDBE  EBI-40737    ?            ?                   
WWPDB D_1290040737 ?            ?                   
# 
loop_
_pdbx_audit_revision_history.ordinal 
_pdbx_audit_revision_history.data_content_type 
_pdbx_audit_revision_history.major_revision 
_pdbx_audit_revision_history.minor_revision 
_pdbx_audit_revision_history.revision_date 
1 'Structure model' 1 0 2009-11-03 
2 'Structure model' 1 1 2011-05-08 
3 'Structure model' 1 2 2011-07-13 
4 'Structure model' 1 3 2024-05-08 
# 
_pdbx_audit_revision_details.ordinal             1 
_pdbx_audit_revision_details.revision_ordinal    1 
_pdbx_audit_revision_details.data_content_type   'Structure model' 
_pdbx_audit_revision_details.provider            repository 
_pdbx_audit_revision_details.type                'Initial release' 
_pdbx_audit_revision_details.description         ? 
_pdbx_audit_revision_details.details             ? 
# 
loop_
_pdbx_audit_revision_group.ordinal 
_pdbx_audit_revision_group.revision_ordinal 
_pdbx_audit_revision_group.data_content_type 
_pdbx_audit_revision_group.group 
1 2 'Structure model' 'Version format compliance' 
2 3 'Structure model' 'Version format compliance' 
3 4 'Structure model' 'Data collection'           
4 4 'Structure model' 'Database references'       
5 4 'Structure model' 'Derived calculations'      
6 4 'Structure model' Other                       
# 
loop_
_pdbx_audit_revision_category.ordinal 
_pdbx_audit_revision_category.revision_ordinal 
_pdbx_audit_revision_category.data_content_type 
_pdbx_audit_revision_category.category 
1 4 'Structure model' chem_comp_atom       
2 4 'Structure model' chem_comp_bond       
3 4 'Structure model' database_2           
4 4 'Structure model' pdbx_database_status 
5 4 'Structure model' struct_site          
# 
loop_
_pdbx_audit_revision_item.ordinal 
_pdbx_audit_revision_item.revision_ordinal 
_pdbx_audit_revision_item.data_content_type 
_pdbx_audit_revision_item.item 
1 4 'Structure model' '_database_2.pdbx_DOI'                 
2 4 'Structure model' '_database_2.pdbx_database_accession'  
3 4 'Structure model' '_pdbx_database_status.status_code_sf' 
4 4 'Structure model' '_struct_site.pdbx_auth_asym_id'       
5 4 'Structure model' '_struct_site.pdbx_auth_comp_id'       
6 4 'Structure model' '_struct_site.pdbx_auth_seq_id'        
# 
_pdbx_database_status.status_code                     REL 
_pdbx_database_status.entry_id                        2WQ1 
_pdbx_database_status.deposit_site                    PDBE 
_pdbx_database_status.process_site                    PDBE 
_pdbx_database_status.SG_entry                        . 
_pdbx_database_status.recvd_initial_deposition_date   2009-08-12 
_pdbx_database_status.pdb_format_compatible           Y 
_pdbx_database_status.status_code_sf                  REL 
_pdbx_database_status.status_code_mr                  ? 
_pdbx_database_status.status_code_cs                  ? 
_pdbx_database_status.methods_development_category    ? 
_pdbx_database_status.status_code_nmr_data            ? 
# 
loop_
_pdbx_database_related.db_name 
_pdbx_database_related.db_id 
_pdbx_database_related.content_type 
_pdbx_database_related.details 
PDB 1RB5 unspecified 'ANTIPARALLEL TRIMER OF GCN4-LEUCINE ZIPPER CORE MUTANT ASN16A TRIGONAL FORM' 
PDB 1GCM unspecified 'GCN4 LEUCINE ZIPPER CORE MUTANT P-LI' 
PDB 1UNT unspecified 'STRUCTURE BASED ENGINEERING OF INTERNAL MOLECULAR SURFACES OF FOUR HELIX BUNDLES' 
PDB 1LLM unspecified 'CRYSTAL STRUCTURE OF A ZIF23-GCN4 CHIMERA BOUND TO DNA' 
PDB 2ZTA unspecified 'GCN4 LEUCINE ZIPPER' 
PDB 1UNW unspecified 'STRUCTURE BASED ENGINEERING OF INTERNAL MOLECULAR SURFACES OF FOUR HELIX BUNDLES' 
PDB 1UO2 unspecified 'STRUCTURE BASED ENGINEERING OF INTERNAL MOLECULAR SURFACES OF FOUR HELIX BUNDLES' 
PDB 2CCF unspecified 'ANTIPARALLEL CONFIGURATION OF PLI E20S' 
PDB 1CE9 unspecified 'HELIX CAPPING IN THE GCN4 LEUCINE ZIPPER' 
PDB 2WG6 unspecified 
'PROTEASOME-ACTIVATING NUCLEOTIDASE (PAN) N- DOMAIN (57-134) FROM ARCHAEOGLOBUS FULGIDUS FUSED TO GCN4, P61A MUTANT'           
PDB 1TMZ unspecified 'TMZIP: A CHIMERIC PEPTIDE MODEL OF THE N- TERMINUS OF ALPHA TROPOMYOSIN, NMR, 15 STRUCTURES' 
PDB 1ZIL unspecified 'GCN4-LEUCINE ZIPPER CORE MUTANT ASN16GLN IN THE DIMERIC STATE' 
PDB 2CCN unspecified 'PLI E20C IS ANTIPARALLEL' 
PDB 1W5L unspecified 'AN ANTI-PARALLEL TO PARALLEL SWITCH.' 
PDB 1RB6 unspecified 'ANTIPARALLEL TRIMER OF GCN4-LEUCINE ZIPPER CORE MUTANT ASN16A TETRAGONAL FORM' 
PDB 1ZIJ unspecified 'GCN4-LEUCINE ZIPPER CORE MUTANT ASN16ABA IN THE TRIMERIC STATE' 
PDB 1UNZ unspecified 'STRUCTURE BASED ENGINEERING OF INTERNAL MOLECULAR SURFACES OF FOUR HELIX BUNDLES' 
PDB 1W5K unspecified 'AN ANTI-PARALLEL FOUR HELIX BUNDLE' 
PDB 1PIQ unspecified 'CRYSTAL STRUCTURE OF GCN4-PIQ, A TRIMERIC COILED COIL WITH BURIED POLAR RESIDUES' 
PDB 1UNX unspecified 'STRUCTURE BASED ENGINEERING OF INTERNAL MOLECULAR SURFACES OF FOUR HELIX BUNDLES' 
PDB 1UNY unspecified 'STRUCTURE BASED ENGINEERING OF INTERNAL MOLECULAR SURFACES OF FOUR HELIX BUNDLES' 
PDB 1ZIK unspecified 'GCN4-LEUCINE ZIPPER CORE MUTANT ASN16LYS IN THE DIMERIC STATE' 
PDB 1YSA unspecified 'GCN4 (BASIC REGION, LEUCINE ZIPPER) COMPLEX WITH AP-1 DEOXYRIBONUCLEIC ACID' 
PDB 1W5H unspecified 'AN ANTI-PARALLEL FOUR HELIX BUNDLE.' 
PDB 1IJ2 unspecified 'GCN4-PVTL COILED-COIL TRIMER WITH THREONINE AT THE A(16)POSITION' 
PDB 1UNV unspecified 'STRUCTURE BASED ENGINEERING OF INTERNAL MOLECULAR SURFACES OF FOUR HELIX BUNDLES' 
PDB 1UO3 unspecified 'STRUCTURE BASED ENGINEERING OF INTERNAL MOLECULAR SURFACES OF FOUR HELIX BUNDLES' 
PDB 2CCE unspecified 'PARALLEL CONFIGURATION OF PLI E20S' 
PDB 1IJ0 unspecified 'COILED COIL TRIMER GCN4-PVLS SER AT BURIED D POSITION' 
PDB 1W5G unspecified 'AN ANTI-PARALLEL FOUR HELIX BUNDLE ( ACETIMIDE MODIFICATION).' 
PDB 1UNU unspecified 'STRUCTURE BASED ENGINEERING OF INTERNAL MOLECULAR SURFACES OF FOUR HELIX BUNDLES' 
PDB 2B22 unspecified 'ANTIPARALLEL FOUR-STRANDED COILED COIL SPECIFIED BY A 3-3-1HYDROPHOBIC HEPTAD REPEAT' 
PDB 1LD4 unspecified 'PLACEMENT OF THE STRUCTURAL PROTEINS IN SINDBIS VIRUS' 
PDB 2B1F unspecified 'ANTIPARALLEL FOUR-STRANDED COILED COIL SPECIFIED BY A 3-3-1HYDROPHOBIC HEPTAD REPEAT' 
PDB 1UO0 unspecified 'STRUCTURE BASED ENGINEERING OF INTERNAL MOLECULAR SURFACES OF FOUR HELIX BUNDLES' 
PDB 2WG5 unspecified 'PROTEASOME-ACTIVATING NUCLEOTIDASE (PAN) N- DOMAIN (57-134) FROM ARCHAEOGLOBUS FULGIDUS FUSED TO GCN4' 
PDB 1UO1 unspecified 'STRUCTURE BASED ENGINEERING OF INTERNAL MOLECULAR SURFACES OF FOUR HELIX BUNDLES' 
PDB 1SWI unspecified 'GCN4-LEUCINE ZIPPER CORE MUTANT AS N16A COMPLEXED WITH BENZENE' 
PDB 1W5I unspecified 'ABA DOES NOT AFFECT TOPOLOGY OF PLI.' 
PDB 2DGC unspecified 'GCN4 BASIC DOMAIN, LEUCINE ZIPPER COMPLEXED WITH ATF/CREB SITE DEOXYRIBONUCLEIC ACID' 
PDB 1NKN unspecified 
'VISUALIZING AN UNSTABLE COILED COIL: THE CRYSTAL STRUCTUREOF AN N-TERMINAL SEGMENT OF THE SCALLOP MYOSIN ROD'                 
PDB 2D3E unspecified 'CRYSTAL STRUCTURE OF THE C-TERMINAL FRAGMENT OF RABBITSKELETAL ALPHA-TROPOMYOSIN' 
PDB 1GCL unspecified 'GCN4 LEUCINE ZIPPER CORE MUTANT P-LI' 
PDB 1ZII unspecified 'GCN4-LEUCINE ZIPPER CORE MUTANT ASN16ABA IN THE DIMERIC STATE' 
PDB 1KQL unspecified 'CRYSTAL STRUCTURE OF THE C-TERMINAL REGION OF STRIATEDMUSCLE ALPHA-TROPOMYOSIN AT 2.7 ANGSTROM RESOLUTION' 
PDB 1UO5 unspecified 'STRUCTURE BASED ENGINEERING OF INTERNAL MOLECULAR SURFACES OF FOUR HELIX BUNDLES' 
PDB 1RB4 unspecified 'ANTIPARALLEL TRIMER OF GCN4-LEUCINE ZIPPER CORE MUTANT ASN16A TETRAGONAL AUTOMATIC SOLUTION' 
PDB 1IHQ unspecified 
'GLYTM1BZIP: A CHIMERIC PEPTIDE MODEL OF THE N-TERMINUS OF ARAT SHORT ALPHA TROPOMYOSIN WITH THE N-TERMINUS ENCODED BYEXON 1B' 
PDB 1UO4 unspecified 'STRUCTURE BASED ENGINEERING OF INTERNAL MOLECULAR SURFACES OF FOUR HELIX BUNDLES' 
PDB 1IJ3 unspecified 'GCN4-PVSL COILED-COIL TRIMER WITH SERINE AT THE A(16)POSITION' 
PDB 1ZTA unspecified 'LEUCINE ZIPPER MONOMER (NMR, 20 STRUCTURES)' 
PDB 1W5J unspecified 'AN ANTI-PARALLEL FOUR HELIX BUNDLE' 
PDB 1IJ1 unspecified 'GCN4-PVLT COILED-COIL TRIMER WITH THREONINE AT THE D(12)POSITION' 
PDB 1DGC unspecified 'GCN4 LEUCINE ZIPPER COMPLEXED WITH SPECIFIC ATF/CREB SITE DEOXYRIBONUCLEIC ACID' 
PDB 1RB1 unspecified 'GCN4-LEUCINE ZIPPER CORE MUTANT AS N16A TRIGONAL AUTOMATICSOLUTION' 
PDB 1ZIM unspecified 'GCN4-LEUCINE ZIPPER CORE MUTANT ASN16GLN IN THE TRIMERIC STATE' 
PDB 1GZL unspecified 
'CRYSTAL STRUCTURE OF C14LINKMID/IQN17: A CROSS-LINKED INHIBITOR OF HIV-1 ENTRY BOUND TO THE GP41 HYDROPHOBIC POCKET'          
PDB 2BNI unspecified 'PLI MUTANT E20C L16G Y17H, ANTIPARALLEL' 
PDB 2WPS unspecified 'SALMONELLA ENTERICA SADA 483-523 FUSED TO GCN4 ADAPTORS (SADAK3B-V2, OUT-OF-REGISTER FUSION)' 
PDB 2WPZ unspecified 'GCN4 LEUCINE ZIPPER MUTANT WITH TWO VXXNXXX MOTIFS COORDINATING CHLORIDE' 
PDB 2WPY unspecified 'GCN4 LEUCINE ZIPPER MUTANT WITH ONE VXXNXXX MOTIF COORDINATING CHLORIDE' 
PDB 2WQ0 unspecified 'GCN4 LEUCINE ZIPPER MUTANT WITH THREE IXXNTXX MOTIFS COORDINATING CHLORIDE' 
PDB 2WQ3 unspecified 'GCN4 LEUCINE ZIPPER MUTANT WITH THREE IXXNTXX MOTIFS COORDINATING CHLORIDE AND NITRATE' 
PDB 2WPQ unspecified 'SALMONELLA ENTERICA SADA 479-519 FUSED TO GCN4 ADAPTORS (SADAK3, IN-REGISTER FUSION)' 
PDB 2WQ2 unspecified 'GCN4 LEUCINE ZIPPER MUTANT WITH THREE IXXNTXX MOTIFS COORDINATING IODIDE' 
PDB 2WPR unspecified 'SALMONELLA ENTERICA SADA 483-523 FUSED TO GCN4 ADAPTORS (SADAK3B-V1, OUT-OF-REGISTER FUSION)' 
# 
loop_
_audit_author.name 
_audit_author.pdbx_ordinal 
'Hartmann, M.D.'        1 
'Hernandez Alvarez, B.' 2 
'Lupas, A.N.'           3 
# 
_citation.id                        primary 
_citation.title                     'A Coiled-Coil Motif that Sequesters Ions to the Hydrophobic Core.' 
_citation.journal_abbrev            Proc.Natl.Acad.Sci.USA 
_citation.journal_volume            106 
_citation.page_first                16950 
_citation.page_last                 ? 
_citation.year                      2009 
_citation.journal_id_ASTM           PNASA6 
_citation.country                   US 
_citation.journal_id_ISSN           0027-8424 
_citation.journal_id_CSD            0040 
_citation.book_publisher            ? 
_citation.pdbx_database_id_PubMed   19805097 
_citation.pdbx_database_id_DOI      10.1073/PNAS.0907256106 
# 
loop_
_citation_author.citation_id 
_citation_author.name 
_citation_author.ordinal 
_citation_author.identifier_ORCID 
primary 'Hartmann, M.D.'      1  ? 
primary 'Ridderbusch, O.'     2  ? 
primary 'Zeth, K.'            3  ? 
primary 'Albrecht, R.'        4  ? 
primary 'Testa, O.'           5  ? 
primary 'Woolfson, D.N.'      6  ? 
primary 'Sauer, G.'           7  ? 
primary 'Dunin-Horkawicz, S.' 8  ? 
primary 'Lupas, A.N.'         9  ? 
primary 'Alvarez, B.H.'       10 ? 
# 
loop_
_entity.id 
_entity.type 
_entity.src_method 
_entity.pdbx_description 
_entity.formula_weight 
_entity.pdbx_number_of_molecules 
_entity.pdbx_ec 
_entity.pdbx_mutation 
_entity.pdbx_fragment 
_entity.details 
1 polymer     syn 'GENERAL CONTROL PROTEIN GCN4' 3967.468 1  ? YES 'COILED-COIL DOMAIN, RESIDUES 249-281' ? 
2 non-polymer syn 'BROMIDE ION'                  79.904   3  ? ?   ?                                      ? 
3 water       nat water                          18.015   70 ? ?   ?                                      ? 
# 
_entity_name_com.entity_id   1 
_entity_name_com.name        'AMINO ACID BIOSYNTHESIS REGULATORY PROTEIN, GCN4 LEUCINE ZIPPER MUTANT' 
# 
_entity_poly.entity_id                      1 
_entity_poly.type                           'polypeptide(L)' 
_entity_poly.nstd_linkage                   no 
_entity_poly.nstd_monomer                   no 
_entity_poly.pdbx_seq_one_letter_code       RMKQLEDKIEENTSKIYHNTNEIARNTKLVGER 
_entity_poly.pdbx_seq_one_letter_code_can   RMKQLEDKIEENTSKIYHNTNEIARNTKLVGER 
_entity_poly.pdbx_strand_id                 A 
_entity_poly.pdbx_target_identifier         ? 
# 
loop_
_pdbx_entity_nonpoly.entity_id 
_pdbx_entity_nonpoly.name 
_pdbx_entity_nonpoly.comp_id 
2 'BROMIDE ION' BR  
3 water         HOH 
# 
loop_
_entity_poly_seq.entity_id 
_entity_poly_seq.num 
_entity_poly_seq.mon_id 
_entity_poly_seq.hetero 
1 1  ARG n 
1 2  MET n 
1 3  LYS n 
1 4  GLN n 
1 5  LEU n 
1 6  GLU n 
1 7  ASP n 
1 8  LYS n 
1 9  ILE n 
1 10 GLU n 
1 11 GLU n 
1 12 ASN n 
1 13 THR n 
1 14 SER n 
1 15 LYS n 
1 16 ILE n 
1 17 TYR n 
1 18 HIS n 
1 19 ASN n 
1 20 THR n 
1 21 ASN n 
1 22 GLU n 
1 23 ILE n 
1 24 ALA n 
1 25 ARG n 
1 26 ASN n 
1 27 THR n 
1 28 LYS n 
1 29 LEU n 
1 30 VAL n 
1 31 GLY n 
1 32 GLU n 
1 33 ARG n 
# 
_pdbx_entity_src_syn.entity_id              1 
_pdbx_entity_src_syn.pdbx_src_id            1 
_pdbx_entity_src_syn.pdbx_alt_source_flag   sample 
_pdbx_entity_src_syn.pdbx_beg_seq_num       ? 
_pdbx_entity_src_syn.pdbx_end_seq_num       ? 
_pdbx_entity_src_syn.organism_scientific    'SACCHAROMYCES CEREVISIAE' 
_pdbx_entity_src_syn.organism_common_name   
;BAKER'S YEAST
;
_pdbx_entity_src_syn.ncbi_taxonomy_id       4932 
_pdbx_entity_src_syn.details                ? 
# 
loop_
_chem_comp.id 
_chem_comp.type 
_chem_comp.mon_nstd_flag 
_chem_comp.name 
_chem_comp.pdbx_synonyms 
_chem_comp.formula 
_chem_comp.formula_weight 
ALA 'L-peptide linking' y ALANINE         ? 'C3 H7 N O2'     89.093  
ARG 'L-peptide linking' y ARGININE        ? 'C6 H15 N4 O2 1' 175.209 
ASN 'L-peptide linking' y ASPARAGINE      ? 'C4 H8 N2 O3'    132.118 
ASP 'L-peptide linking' y 'ASPARTIC ACID' ? 'C4 H7 N O4'     133.103 
BR  non-polymer         . 'BROMIDE ION'   ? 'Br -1'          79.904  
GLN 'L-peptide linking' y GLUTAMINE       ? 'C5 H10 N2 O3'   146.144 
GLU 'L-peptide linking' y 'GLUTAMIC ACID' ? 'C5 H9 N O4'     147.129 
GLY 'peptide linking'   y GLYCINE         ? 'C2 H5 N O2'     75.067  
HIS 'L-peptide linking' y HISTIDINE       ? 'C6 H10 N3 O2 1' 156.162 
HOH non-polymer         . WATER           ? 'H2 O'           18.015  
ILE 'L-peptide linking' y ISOLEUCINE      ? 'C6 H13 N O2'    131.173 
LEU 'L-peptide linking' y LEUCINE         ? 'C6 H13 N O2'    131.173 
LYS 'L-peptide linking' y LYSINE          ? 'C6 H15 N2 O2 1' 147.195 
MET 'L-peptide linking' y METHIONINE      ? 'C5 H11 N O2 S'  149.211 
SER 'L-peptide linking' y SERINE          ? 'C3 H7 N O3'     105.093 
THR 'L-peptide linking' y THREONINE       ? 'C4 H9 N O3'     119.119 
TYR 'L-peptide linking' y TYROSINE        ? 'C9 H11 N O3'    181.189 
VAL 'L-peptide linking' y VALINE          ? 'C5 H11 N O2'    117.146 
# 
loop_
_pdbx_poly_seq_scheme.asym_id 
_pdbx_poly_seq_scheme.entity_id 
_pdbx_poly_seq_scheme.seq_id 
_pdbx_poly_seq_scheme.mon_id 
_pdbx_poly_seq_scheme.ndb_seq_num 
_pdbx_poly_seq_scheme.pdb_seq_num 
_pdbx_poly_seq_scheme.auth_seq_num 
_pdbx_poly_seq_scheme.pdb_mon_id 
_pdbx_poly_seq_scheme.auth_mon_id 
_pdbx_poly_seq_scheme.pdb_strand_id 
_pdbx_poly_seq_scheme.pdb_ins_code 
_pdbx_poly_seq_scheme.hetero 
A 1 1  ARG 1  1  1  ARG ARG A . n 
A 1 2  MET 2  2  2  MET MET A . n 
A 1 3  LYS 3  3  3  LYS LYS A . n 
A 1 4  GLN 4  4  4  GLN GLN A . n 
A 1 5  LEU 5  5  5  LEU LEU A . n 
A 1 6  GLU 6  6  6  GLU GLU A . n 
A 1 7  ASP 7  7  7  ASP ASP A . n 
A 1 8  LYS 8  8  8  LYS LYS A . n 
A 1 9  ILE 9  9  9  ILE ILE A . n 
A 1 10 GLU 10 10 10 GLU GLU A . n 
A 1 11 GLU 11 11 11 GLU GLU A . n 
A 1 12 ASN 12 12 12 ASN ASN A . n 
A 1 13 THR 13 13 13 THR THR A . n 
A 1 14 SER 14 14 14 SER SER A . n 
A 1 15 LYS 15 15 15 LYS LYS A . n 
A 1 16 ILE 16 16 16 ILE ILE A . n 
A 1 17 TYR 17 17 17 TYR TYR A . n 
A 1 18 HIS 18 18 18 HIS HIS A . n 
A 1 19 ASN 19 19 19 ASN ASN A . n 
A 1 20 THR 20 20 20 THR THR A . n 
A 1 21 ASN 21 21 21 ASN ASN A . n 
A 1 22 GLU 22 22 22 GLU GLU A . n 
A 1 23 ILE 23 23 23 ILE ILE A . n 
A 1 24 ALA 24 24 24 ALA ALA A . n 
A 1 25 ARG 25 25 25 ARG ARG A . n 
A 1 26 ASN 26 26 26 ASN ASN A . n 
A 1 27 THR 27 27 27 THR THR A . n 
A 1 28 LYS 28 28 28 LYS LYS A . n 
A 1 29 LEU 29 29 29 LEU LEU A . n 
A 1 30 VAL 30 30 30 VAL VAL A . n 
A 1 31 GLY 31 31 31 GLY GLY A . n 
A 1 32 GLU 32 32 32 GLU GLU A . n 
A 1 33 ARG 33 33 ?  ?   ?   A . n 
# 
loop_
_pdbx_nonpoly_scheme.asym_id 
_pdbx_nonpoly_scheme.entity_id 
_pdbx_nonpoly_scheme.mon_id 
_pdbx_nonpoly_scheme.ndb_seq_num 
_pdbx_nonpoly_scheme.pdb_seq_num 
_pdbx_nonpoly_scheme.auth_seq_num 
_pdbx_nonpoly_scheme.pdb_mon_id 
_pdbx_nonpoly_scheme.auth_mon_id 
_pdbx_nonpoly_scheme.pdb_strand_id 
_pdbx_nonpoly_scheme.pdb_ins_code 
B 2 BR  1  1033 1033 BR  BR  A . 
C 2 BR  1  1034 1034 BR  BR  A . 
D 2 BR  1  1035 1035 BR  BR  A . 
E 3 HOH 1  2001 2001 HOH HOH A . 
E 3 HOH 2  2002 2002 HOH HOH A . 
E 3 HOH 3  2003 2003 HOH HOH A . 
E 3 HOH 4  2004 2004 HOH HOH A . 
E 3 HOH 5  2005 2005 HOH HOH A . 
E 3 HOH 6  2006 2006 HOH HOH A . 
E 3 HOH 7  2007 2007 HOH HOH A . 
E 3 HOH 8  2008 2008 HOH HOH A . 
E 3 HOH 9  2009 2009 HOH HOH A . 
E 3 HOH 10 2010 2010 HOH HOH A . 
E 3 HOH 11 2011 2011 HOH HOH A . 
E 3 HOH 12 2012 2012 HOH HOH A . 
E 3 HOH 13 2013 2013 HOH HOH A . 
E 3 HOH 14 2014 2014 HOH HOH A . 
E 3 HOH 15 2015 2015 HOH HOH A . 
E 3 HOH 16 2016 2016 HOH HOH A . 
E 3 HOH 17 2017 2017 HOH HOH A . 
E 3 HOH 18 2018 2018 HOH HOH A . 
E 3 HOH 19 2019 2019 HOH HOH A . 
E 3 HOH 20 2020 2020 HOH HOH A . 
E 3 HOH 21 2021 2021 HOH HOH A . 
E 3 HOH 22 2022 2022 HOH HOH A . 
E 3 HOH 23 2023 2023 HOH HOH A . 
E 3 HOH 24 2024 2024 HOH HOH A . 
E 3 HOH 25 2025 2025 HOH HOH A . 
E 3 HOH 26 2026 2026 HOH HOH A . 
E 3 HOH 27 2027 2027 HOH HOH A . 
E 3 HOH 28 2028 2028 HOH HOH A . 
E 3 HOH 29 2029 2029 HOH HOH A . 
E 3 HOH 30 2030 2030 HOH HOH A . 
E 3 HOH 31 2031 2031 HOH HOH A . 
E 3 HOH 32 2032 2032 HOH HOH A . 
E 3 HOH 33 2033 2033 HOH HOH A . 
E 3 HOH 34 2034 2034 HOH HOH A . 
E 3 HOH 35 2035 2035 HOH HOH A . 
E 3 HOH 36 2036 2036 HOH HOH A . 
E 3 HOH 37 2037 2037 HOH HOH A . 
E 3 HOH 38 2038 2038 HOH HOH A . 
E 3 HOH 39 2039 2039 HOH HOH A . 
E 3 HOH 40 2040 2040 HOH HOH A . 
E 3 HOH 41 2041 2041 HOH HOH A . 
E 3 HOH 42 2042 2042 HOH HOH A . 
E 3 HOH 43 2043 2043 HOH HOH A . 
E 3 HOH 44 2044 2044 HOH HOH A . 
E 3 HOH 45 2045 2045 HOH HOH A . 
E 3 HOH 46 2046 2046 HOH HOH A . 
E 3 HOH 47 2047 2047 HOH HOH A . 
E 3 HOH 48 2048 2048 HOH HOH A . 
E 3 HOH 49 2049 2049 HOH HOH A . 
E 3 HOH 50 2050 2050 HOH HOH A . 
E 3 HOH 51 2051 2051 HOH HOH A . 
E 3 HOH 52 2052 2052 HOH HOH A . 
E 3 HOH 53 2053 2053 HOH HOH A . 
E 3 HOH 54 2054 2054 HOH HOH A . 
E 3 HOH 55 2055 2055 HOH HOH A . 
E 3 HOH 56 2056 2056 HOH HOH A . 
E 3 HOH 57 2057 2057 HOH HOH A . 
E 3 HOH 58 2058 2058 HOH HOH A . 
E 3 HOH 59 2059 2059 HOH HOH A . 
E 3 HOH 60 2060 2060 HOH HOH A . 
E 3 HOH 61 2061 2061 HOH HOH A . 
E 3 HOH 62 2062 2062 HOH HOH A . 
E 3 HOH 63 2063 2063 HOH HOH A . 
E 3 HOH 64 2064 2064 HOH HOH A . 
E 3 HOH 65 2065 2065 HOH HOH A . 
E 3 HOH 66 2066 2066 HOH HOH A . 
E 3 HOH 67 2067 2067 HOH HOH A . 
E 3 HOH 68 2068 2068 HOH HOH A . 
E 3 HOH 69 2069 2069 HOH HOH A . 
E 3 HOH 70 2070 2070 HOH HOH A . 
# 
loop_
_pdbx_unobs_or_zero_occ_atoms.id 
_pdbx_unobs_or_zero_occ_atoms.PDB_model_num 
_pdbx_unobs_or_zero_occ_atoms.polymer_flag 
_pdbx_unobs_or_zero_occ_atoms.occupancy_flag 
_pdbx_unobs_or_zero_occ_atoms.auth_asym_id 
_pdbx_unobs_or_zero_occ_atoms.auth_comp_id 
_pdbx_unobs_or_zero_occ_atoms.auth_seq_id 
_pdbx_unobs_or_zero_occ_atoms.PDB_ins_code 
_pdbx_unobs_or_zero_occ_atoms.auth_atom_id 
_pdbx_unobs_or_zero_occ_atoms.label_alt_id 
_pdbx_unobs_or_zero_occ_atoms.label_asym_id 
_pdbx_unobs_or_zero_occ_atoms.label_comp_id 
_pdbx_unobs_or_zero_occ_atoms.label_seq_id 
_pdbx_unobs_or_zero_occ_atoms.label_atom_id 
1 1 Y 1 A ARG 1 ? CG  ? A ARG 1 CG  
2 1 Y 1 A ARG 1 ? CD  ? A ARG 1 CD  
3 1 Y 1 A ARG 1 ? NE  ? A ARG 1 NE  
4 1 Y 1 A ARG 1 ? CZ  ? A ARG 1 CZ  
5 1 Y 1 A ARG 1 ? NH1 ? A ARG 1 NH1 
6 1 Y 1 A ARG 1 ? NH2 ? A ARG 1 NH2 
7 1 Y 1 A LYS 3 ? CD  ? A LYS 3 CD  
8 1 Y 1 A LYS 3 ? CE  ? A LYS 3 CE  
9 1 Y 1 A LYS 3 ? NZ  ? A LYS 3 NZ  
# 
loop_
_software.name 
_software.classification 
_software.version 
_software.citation_id 
_software.pdbx_ordinal 
REFMAC refinement       5.2.0019 ? 1 
XDS    'data reduction' .        ? 2 
XSCALE 'data scaling'   .        ? 3 
SHELX  phasing          .        ? 4 
# 
_cell.entry_id           2WQ1 
_cell.length_a           56.580 
_cell.length_b           56.580 
_cell.length_c           56.580 
_cell.angle_alpha        90.00 
_cell.angle_beta         90.00 
_cell.angle_gamma        90.00 
_cell.Z_PDB              24 
_cell.pdbx_unique_axis   ? 
# 
_symmetry.entry_id                         2WQ1 
_symmetry.space_group_name_H-M             'I 21 3' 
_symmetry.pdbx_full_space_group_name_H-M   ? 
_symmetry.cell_setting                     ? 
_symmetry.Int_Tables_number                199 
# 
_exptl.entry_id          2WQ1 
_exptl.method            'X-RAY DIFFRACTION' 
_exptl.crystals_number   1 
# 
_exptl_crystal.id                    1 
_exptl_crystal.density_meas          ? 
_exptl_crystal.density_Matthews      2 
_exptl_crystal.density_percent_sol   39 
_exptl_crystal.description           NONE 
# 
_exptl_crystal_grow.crystal_id      1 
_exptl_crystal_grow.method          ? 
_exptl_crystal_grow.temp            ? 
_exptl_crystal_grow.temp_details    ? 
_exptl_crystal_grow.pH              ? 
_exptl_crystal_grow.pdbx_pH_range   ? 
_exptl_crystal_grow.pdbx_details    '20% (W/V) PEG 3350, 200 MM NABR, 100 MM BIS-TRIS PROPANE PH 8.5' 
# 
_diffrn.id                     1 
_diffrn.ambient_temp           100 
_diffrn.ambient_temp_details   ? 
_diffrn.crystal_id             1 
# 
_diffrn_detector.diffrn_id              1 
_diffrn_detector.detector               CCD 
_diffrn_detector.type                   MARRESEARCH 
_diffrn_detector.pdbx_collection_date   ? 
_diffrn_detector.details                ? 
# 
_diffrn_radiation.diffrn_id                        1 
_diffrn_radiation.wavelength_id                    1 
_diffrn_radiation.pdbx_monochromatic_or_laue_m_l   M 
_diffrn_radiation.monochromator                    ? 
_diffrn_radiation.pdbx_diffrn_protocol             'SINGLE WAVELENGTH' 
_diffrn_radiation.pdbx_scattering_type             x-ray 
# 
_diffrn_radiation_wavelength.id           1 
_diffrn_radiation_wavelength.wavelength   0.9184 
_diffrn_radiation_wavelength.wt           1.0 
# 
_diffrn_source.diffrn_id                   1 
_diffrn_source.source                      SYNCHROTRON 
_diffrn_source.type                        'SLS BEAMLINE X10SA' 
_diffrn_source.pdbx_synchrotron_site       SLS 
_diffrn_source.pdbx_synchrotron_beamline   X10SA 
_diffrn_source.pdbx_wavelength             0.9184 
_diffrn_source.pdbx_wavelength_list        ? 
# 
_reflns.pdbx_diffrn_id               1 
_reflns.pdbx_ordinal                 1 
_reflns.entry_id                     2WQ1 
_reflns.observed_criterion_sigma_I   0.0 
_reflns.observed_criterion_sigma_F   ? 
_reflns.d_resolution_low             18.00 
_reflns.d_resolution_high            1.08 
_reflns.number_obs                   13026 
_reflns.number_all                   ? 
_reflns.percent_possible_obs         99.5 
_reflns.pdbx_Rmerge_I_obs            0.08 
_reflns.pdbx_Rsym_value              ? 
_reflns.pdbx_netI_over_sigmaI        10.00 
_reflns.B_iso_Wilson_estimate        12.0 
_reflns.pdbx_redundancy              4.11 
# 
_reflns_shell.pdbx_diffrn_id         1 
_reflns_shell.pdbx_ordinal           1 
_reflns_shell.d_res_high             1.08 
_reflns_shell.d_res_low              1.15 
_reflns_shell.percent_possible_all   98.8 
_reflns_shell.Rmerge_I_obs           0.66 
_reflns_shell.pdbx_Rsym_value        ? 
_reflns_shell.meanI_over_sigI_obs    2.01 
_reflns_shell.pdbx_redundancy        3.97 
# 
_refine.pdbx_refine_id                           'X-RAY DIFFRACTION' 
_refine.entry_id                                 2WQ1 
_refine.pdbx_diffrn_id                           1 
_refine.pdbx_TLS_residual_ADP_flag               ? 
_refine.ls_number_reflns_obs                     12350 
_refine.ls_number_reflns_all                     ? 
_refine.pdbx_ls_sigma_I                          ? 
_refine.pdbx_ls_sigma_F                          . 
_refine.pdbx_data_cutoff_high_absF               ? 
_refine.pdbx_data_cutoff_low_absF                ? 
_refine.pdbx_data_cutoff_high_rms_absF           ? 
_refine.ls_d_res_low                             16.33 
_refine.ls_d_res_high                            1.08 
_refine.ls_percent_reflns_obs                    99.85 
_refine.ls_R_factor_obs                          0.12938 
_refine.ls_R_factor_all                          ? 
_refine.ls_R_factor_R_work                       0.12741 
_refine.ls_R_factor_R_free                       0.16748 
_refine.ls_R_factor_R_free_error                 ? 
_refine.ls_R_factor_R_free_error_details         ? 
_refine.ls_percent_reflns_R_free                 5.1 
_refine.ls_number_reflns_R_free                  657 
_refine.ls_number_parameters                     ? 
_refine.ls_number_restraints                     ? 
_refine.occupancy_min                            ? 
_refine.occupancy_max                            ? 
_refine.correlation_coeff_Fo_to_Fc               0.977 
_refine.correlation_coeff_Fo_to_Fc_free          0.959 
_refine.B_iso_mean                               11.580 
_refine.aniso_B[1][1]                            ? 
_refine.aniso_B[2][2]                            ? 
_refine.aniso_B[3][3]                            ? 
_refine.aniso_B[1][2]                            ? 
_refine.aniso_B[1][3]                            ? 
_refine.aniso_B[2][3]                            ? 
_refine.solvent_model_details                    'BABINET MODEL WITH MASK' 
_refine.solvent_model_param_ksol                 ? 
_refine.solvent_model_param_bsol                 ? 
_refine.pdbx_solvent_vdw_probe_radii             1.20 
_refine.pdbx_solvent_ion_probe_radii             0.80 
_refine.pdbx_solvent_shrinkage_radii             0.80 
_refine.pdbx_ls_cross_valid_method               THROUGHOUT 
_refine.details                                  'HYDROGENS HAVE BEEN ADDED IN THE RIDING POSITIONS.' 
_refine.pdbx_starting_model                      NONE 
_refine.pdbx_method_to_determine_struct          SAD 
_refine.pdbx_isotropic_thermal_model             ? 
_refine.pdbx_stereochemistry_target_values       'MAXIMUM LIKELIHOOD' 
_refine.pdbx_stereochem_target_val_spec_case     ? 
_refine.pdbx_R_Free_selection_details            RANDOM 
_refine.pdbx_overall_ESU_R                       0.032 
_refine.pdbx_overall_ESU_R_Free                  0.035 
_refine.overall_SU_ML                            0.021 
_refine.pdbx_overall_phase_error                 ? 
_refine.overall_SU_B                             0.913 
_refine.overall_SU_R_Cruickshank_DPI             ? 
_refine.pdbx_overall_SU_R_free_Cruickshank_DPI   ? 
_refine.pdbx_overall_SU_R_Blow_DPI               ? 
_refine.pdbx_overall_SU_R_free_Blow_DPI          ? 
# 
_refine_hist.pdbx_refine_id                   'X-RAY DIFFRACTION' 
_refine_hist.cycle_id                         LAST 
_refine_hist.pdbx_number_atoms_protein        256 
_refine_hist.pdbx_number_atoms_nucleic_acid   0 
_refine_hist.pdbx_number_atoms_ligand         3 
_refine_hist.number_atoms_solvent             70 
_refine_hist.number_atoms_total               329 
_refine_hist.d_res_high                       1.08 
_refine_hist.d_res_low                        16.33 
# 
loop_
_refine_ls_restr.type 
_refine_ls_restr.dev_ideal 
_refine_ls_restr.dev_ideal_target 
_refine_ls_restr.weight 
_refine_ls_restr.number 
_refine_ls_restr.pdbx_refine_id 
_refine_ls_restr.pdbx_restraint_function 
r_bond_refined_d             0.019  0.021  ? 366 'X-RAY DIFFRACTION' ? 
r_bond_other_d               0.003  0.020  ? 247 'X-RAY DIFFRACTION' ? 
r_angle_refined_deg          1.834  1.968  ? 495 'X-RAY DIFFRACTION' ? 
r_angle_other_deg            1.259  3.000  ? 620 'X-RAY DIFFRACTION' ? 
r_dihedral_angle_1_deg       4.897  5.000  ? 45  'X-RAY DIFFRACTION' ? 
r_dihedral_angle_2_deg       36.995 28.095 ? 21  'X-RAY DIFFRACTION' ? 
r_dihedral_angle_3_deg       14.385 15.000 ? 84  'X-RAY DIFFRACTION' ? 
r_dihedral_angle_4_deg       11.299 15.000 ? 1   'X-RAY DIFFRACTION' ? 
r_chiral_restr               0.137  0.200  ? 58  'X-RAY DIFFRACTION' ? 
r_gen_planes_refined         0.008  0.020  ? 402 'X-RAY DIFFRACTION' ? 
r_gen_planes_other           0.003  0.020  ? 55  'X-RAY DIFFRACTION' ? 
r_nbd_refined                0.385  0.200  ? 83  'X-RAY DIFFRACTION' ? 
r_nbd_other                  0.211  0.200  ? 220 'X-RAY DIFFRACTION' ? 
r_nbtor_refined              0.184  0.200  ? 126 'X-RAY DIFFRACTION' ? 
r_nbtor_other                0.092  0.200  ? 174 'X-RAY DIFFRACTION' ? 
r_xyhbond_nbd_refined        0.170  0.200  ? 40  'X-RAY DIFFRACTION' ? 
r_xyhbond_nbd_other          ?      ?      ? ?   'X-RAY DIFFRACTION' ? 
r_metal_ion_refined          ?      ?      ? ?   'X-RAY DIFFRACTION' ? 
r_metal_ion_other            ?      ?      ? ?   'X-RAY DIFFRACTION' ? 
r_symmetry_vdw_refined       0.091  0.200  ? 16  'X-RAY DIFFRACTION' ? 
r_symmetry_vdw_other         0.281  0.200  ? 30  'X-RAY DIFFRACTION' ? 
r_symmetry_hbond_refined     0.191  0.200  ? 15  'X-RAY DIFFRACTION' ? 
r_symmetry_hbond_other       ?      ?      ? ?   'X-RAY DIFFRACTION' ? 
r_symmetry_metal_ion_refined ?      ?      ? ?   'X-RAY DIFFRACTION' ? 
r_symmetry_metal_ion_other   ?      ?      ? ?   'X-RAY DIFFRACTION' ? 
r_mcbond_it                  5.237  24.000 ? 254 'X-RAY DIFFRACTION' ? 
r_mcbond_other               3.975  24.000 ? 91  'X-RAY DIFFRACTION' ? 
r_mcangle_it                 5.732  32.000 ? 369 'X-RAY DIFFRACTION' ? 
r_mcangle_other              ?      ?      ? ?   'X-RAY DIFFRACTION' ? 
r_scbond_it                  6.889  48.000 ? 145 'X-RAY DIFFRACTION' ? 
r_scbond_other               ?      ?      ? ?   'X-RAY DIFFRACTION' ? 
r_scangle_it                 8.820  72.000 ? 125 'X-RAY DIFFRACTION' ? 
r_scangle_other              ?      ?      ? ?   'X-RAY DIFFRACTION' ? 
r_long_range_B_refined       ?      ?      ? ?   'X-RAY DIFFRACTION' ? 
r_long_range_B_other         ?      ?      ? ?   'X-RAY DIFFRACTION' ? 
r_rigid_bond_restr           2.924  3.000  ? 658 'X-RAY DIFFRACTION' ? 
r_sphericity_free            8.898  3.000  ? 73  'X-RAY DIFFRACTION' ? 
r_sphericity_bonded          6.026  3.000  ? 608 'X-RAY DIFFRACTION' ? 
# 
_refine_ls_shell.pdbx_refine_id                   'X-RAY DIFFRACTION' 
_refine_ls_shell.pdbx_total_number_of_bins_used   20 
_refine_ls_shell.d_res_high                       1.082 
_refine_ls_shell.d_res_low                        1.110 
_refine_ls_shell.number_reflns_R_work             921 
_refine_ls_shell.R_factor_R_work                  0.203 
_refine_ls_shell.percent_reflns_obs               100.00 
_refine_ls_shell.R_factor_R_free                  0.258 
_refine_ls_shell.R_factor_R_free_error            ? 
_refine_ls_shell.percent_reflns_R_free            ? 
_refine_ls_shell.number_reflns_R_free             48 
_refine_ls_shell.number_reflns_all                ? 
_refine_ls_shell.R_factor_all                     ? 
# 
_struct.entry_id                  2WQ1 
_struct.title                     'GCN4 leucine zipper mutant with three IxxNTxx motifs coordinating bromide' 
_struct.pdbx_model_details        ? 
_struct.pdbx_CASP_flag            ? 
_struct.pdbx_model_type_details   ? 
# 
_struct_keywords.entry_id        2WQ1 
_struct_keywords.pdbx_keywords   TRANSCRIPTION 
_struct_keywords.text            
;TAA, NUCLEUS, COILED COIL, DNA-BINDING, PROTEIN EXPORT, ION COORDINATION, POLAR CORE RESIDUES, TRIMERIC AUTOTRANSPORTER ADHESIN, TRANSCRIPTION
;
# 
loop_
_struct_asym.id 
_struct_asym.pdbx_blank_PDB_chainid_flag 
_struct_asym.pdbx_modified 
_struct_asym.entity_id 
_struct_asym.details 
A N N 1 ? 
B N N 2 ? 
C N N 2 ? 
D N N 2 ? 
E N N 3 ? 
# 
_struct_ref.id                         1 
_struct_ref.db_name                    UNP 
_struct_ref.db_code                    GCN4_YEAST 
_struct_ref.entity_id                  1 
_struct_ref.pdbx_seq_one_letter_code   ? 
_struct_ref.pdbx_align_begin           ? 
_struct_ref.pdbx_db_accession          P03069 
_struct_ref.pdbx_db_isoform            ? 
# 
_struct_ref_seq.align_id                      1 
_struct_ref_seq.ref_id                        1 
_struct_ref_seq.pdbx_PDB_id_code              2WQ1 
_struct_ref_seq.pdbx_strand_id                A 
_struct_ref_seq.seq_align_beg                 1 
_struct_ref_seq.pdbx_seq_align_beg_ins_code   ? 
_struct_ref_seq.seq_align_end                 33 
_struct_ref_seq.pdbx_seq_align_end_ins_code   ? 
_struct_ref_seq.pdbx_db_accession             P03069 
_struct_ref_seq.db_align_beg                  249 
_struct_ref_seq.pdbx_db_align_beg_ins_code    ? 
_struct_ref_seq.db_align_end                  281 
_struct_ref_seq.pdbx_db_align_end_ins_code    ? 
_struct_ref_seq.pdbx_auth_seq_align_beg       1 
_struct_ref_seq.pdbx_auth_seq_align_end       33 
# 
loop_
_struct_ref_seq_dif.align_id 
_struct_ref_seq_dif.pdbx_pdb_id_code 
_struct_ref_seq_dif.mon_id 
_struct_ref_seq_dif.pdbx_pdb_strand_id 
_struct_ref_seq_dif.seq_num 
_struct_ref_seq_dif.pdbx_pdb_ins_code 
_struct_ref_seq_dif.pdbx_seq_db_name 
_struct_ref_seq_dif.pdbx_seq_db_accession_code 
_struct_ref_seq_dif.db_mon_id 
_struct_ref_seq_dif.pdbx_seq_db_seq_num 
_struct_ref_seq_dif.details 
_struct_ref_seq_dif.pdbx_auth_seq_num 
_struct_ref_seq_dif.pdbx_ordinal 
1 2WQ1 ILE A 9  ? UNP P03069 VAL 257 'engineered mutation' 9  1 
1 2WQ1 ASN A 12 ? UNP P03069 LEU 260 'engineered mutation' 12 2 
1 2WQ1 THR A 13 ? UNP P03069 LEU 261 'engineered mutation' 13 3 
1 2WQ1 ILE A 16 ? UNP P03069 ASN 264 'engineered mutation' 16 4 
1 2WQ1 ASN A 19 ? UNP P03069 LEU 267 'engineered mutation' 19 5 
1 2WQ1 THR A 20 ? UNP P03069 GLU 268 'engineered mutation' 20 6 
1 2WQ1 ILE A 23 ? UNP P03069 VAL 271 'engineered mutation' 23 7 
1 2WQ1 ASN A 26 ? UNP P03069 LEU 274 'engineered mutation' 26 8 
1 2WQ1 THR A 27 ? UNP P03069 LYS 275 'engineered mutation' 27 9 
# 
_pdbx_struct_assembly.id                   1 
_pdbx_struct_assembly.details              author_and_software_defined_assembly 
_pdbx_struct_assembly.method_details       PISA 
_pdbx_struct_assembly.oligomeric_details   trimeric 
_pdbx_struct_assembly.oligomeric_count     3 
# 
loop_
_pdbx_struct_assembly_prop.biol_id 
_pdbx_struct_assembly_prop.type 
_pdbx_struct_assembly_prop.value 
_pdbx_struct_assembly_prop.details 
1 'ABSA (A^2)' 3480   ? 
1 MORE         -31.49 ? 
1 'SSA (A^2)'  6650   ? 
# 
_pdbx_struct_assembly_gen.assembly_id       1 
_pdbx_struct_assembly_gen.oper_expression   1,2,3 
_pdbx_struct_assembly_gen.asym_id_list      A,B,C,D,E 
# 
loop_
_pdbx_struct_oper_list.id 
_pdbx_struct_oper_list.type 
_pdbx_struct_oper_list.name 
_pdbx_struct_oper_list.symmetry_operation 
_pdbx_struct_oper_list.matrix[1][1] 
_pdbx_struct_oper_list.matrix[1][2] 
_pdbx_struct_oper_list.matrix[1][3] 
_pdbx_struct_oper_list.vector[1] 
_pdbx_struct_oper_list.matrix[2][1] 
_pdbx_struct_oper_list.matrix[2][2] 
_pdbx_struct_oper_list.matrix[2][3] 
_pdbx_struct_oper_list.vector[2] 
_pdbx_struct_oper_list.matrix[3][1] 
_pdbx_struct_oper_list.matrix[3][2] 
_pdbx_struct_oper_list.matrix[3][3] 
_pdbx_struct_oper_list.vector[3] 
1 'identity operation'         1_555 x,y,z 1.0000000000  0.0000000000  0.0000000000 0.0000000000  0.0000000000  1.0000000000  0.0000000000  0.0000000000 0.0000000000 0.0000000000  1.0000000000 0.0000000000 
2 'crystal symmetry operation' 9_555 y,z,x -0.4036786420 -0.8003197855 0.4433190668 -3.2784968599 0.8680714457  -0.4880860082 -0.0906863477 8.0383690070 0.2889559120 0.3482244815  0.8917646502 0.1187609794 
3 'crystal symmetry operation' 5_555 z,x,y -0.4036786420 0.8680714457  0.2889559120 -8.3356544526 -0.8003197855 -0.4880860082 0.3482244815  1.2582140572 0.4433190668 -0.0906863477 0.8917646502 2.0764836521 
# 
_struct_biol.id   1 
# 
_struct_conf.conf_type_id            HELX_P 
_struct_conf.id                      HELX_P1 
_struct_conf.pdbx_PDB_helix_id       1 
_struct_conf.beg_label_comp_id       ARG 
_struct_conf.beg_label_asym_id       A 
_struct_conf.beg_label_seq_id        1 
_struct_conf.pdbx_beg_PDB_ins_code   ? 
_struct_conf.end_label_comp_id       VAL 
_struct_conf.end_label_asym_id       A 
_struct_conf.end_label_seq_id        30 
_struct_conf.pdbx_end_PDB_ins_code   ? 
_struct_conf.beg_auth_comp_id        ARG 
_struct_conf.beg_auth_asym_id        A 
_struct_conf.beg_auth_seq_id         1 
_struct_conf.end_auth_comp_id        VAL 
_struct_conf.end_auth_asym_id        A 
_struct_conf.end_auth_seq_id         30 
_struct_conf.pdbx_PDB_helix_class    1 
_struct_conf.details                 ? 
_struct_conf.pdbx_PDB_helix_length   30 
# 
_struct_conf_type.id          HELX_P 
_struct_conf_type.criteria    ? 
_struct_conf_type.reference   ? 
# 
loop_
_struct_site.id 
_struct_site.pdbx_evidence_code 
_struct_site.pdbx_auth_asym_id 
_struct_site.pdbx_auth_comp_id 
_struct_site.pdbx_auth_seq_id 
_struct_site.pdbx_auth_ins_code 
_struct_site.pdbx_num_residues 
_struct_site.details 
AC1 Software A BR 1033 ? 3 'BINDING SITE FOR RESIDUE BR A 1033' 
AC2 Software A BR 1034 ? 3 'BINDING SITE FOR RESIDUE BR A 1034' 
AC3 Software A BR 1035 ? 3 'BINDING SITE FOR RESIDUE BR A 1035' 
# 
loop_
_struct_site_gen.id 
_struct_site_gen.site_id 
_struct_site_gen.pdbx_num_res 
_struct_site_gen.label_comp_id 
_struct_site_gen.label_asym_id 
_struct_site_gen.label_seq_id 
_struct_site_gen.pdbx_auth_ins_code 
_struct_site_gen.auth_comp_id 
_struct_site_gen.auth_asym_id 
_struct_site_gen.auth_seq_id 
_struct_site_gen.label_atom_id 
_struct_site_gen.label_alt_id 
_struct_site_gen.symmetry 
_struct_site_gen.details 
1 AC1 3 ASN A 12 ? ASN A 12 . ? 1_555 ? 
2 AC1 3 ASN A 12 ? ASN A 12 . ? 5_555 ? 
3 AC1 3 ASN A 12 ? ASN A 12 . ? 9_555 ? 
4 AC2 3 ASN A 19 ? ASN A 19 . ? 1_555 ? 
5 AC2 3 ASN A 19 ? ASN A 19 . ? 9_555 ? 
6 AC2 3 ASN A 19 ? ASN A 19 . ? 5_555 ? 
7 AC3 3 ASN A 26 ? ASN A 26 . ? 5_555 ? 
8 AC3 3 ASN A 26 ? ASN A 26 . ? 1_555 ? 
9 AC3 3 ASN A 26 ? ASN A 26 . ? 9_555 ? 
# 
loop_
_pdbx_struct_special_symmetry.id 
_pdbx_struct_special_symmetry.PDB_model_num 
_pdbx_struct_special_symmetry.auth_asym_id 
_pdbx_struct_special_symmetry.auth_comp_id 
_pdbx_struct_special_symmetry.auth_seq_id 
_pdbx_struct_special_symmetry.PDB_ins_code 
_pdbx_struct_special_symmetry.label_asym_id 
_pdbx_struct_special_symmetry.label_comp_id 
_pdbx_struct_special_symmetry.label_seq_id 
1 1 A BR  1033 ? B BR  . 
2 1 A BR  1034 ? C BR  . 
3 1 A BR  1035 ? D BR  . 
4 1 A HOH 2010 ? E HOH . 
5 1 A HOH 2031 ? E HOH . 
# 
_pdbx_entry_details.entry_id                 2WQ1 
_pdbx_entry_details.compound_details         
;ENGINEERED RESIDUE IN CHAIN A, VAL 257 TO ILE
ENGINEERED RESIDUE IN CHAIN A, LEU 260 TO ASN
ENGINEERED RESIDUE IN CHAIN A, LEU 261 TO THR
ENGINEERED RESIDUE IN CHAIN A, ASN 264 TO ILE
ENGINEERED RESIDUE IN CHAIN A, LEU 267 TO ASN
ENGINEERED RESIDUE IN CHAIN A, GLU 268 TO THR
ENGINEERED RESIDUE IN CHAIN A, VAL 271 TO ILE
ENGINEERED RESIDUE IN CHAIN A, LEU 274 TO ASN
ENGINEERED RESIDUE IN CHAIN A, LYS 275 TO THR
;
_pdbx_entry_details.source_details           ? 
_pdbx_entry_details.nonpolymer_details       ? 
_pdbx_entry_details.sequence_details         ? 
_pdbx_entry_details.has_ligand_of_interest   ? 
# 
_pdbx_distant_solvent_atoms.id                                1 
_pdbx_distant_solvent_atoms.PDB_model_num                     1 
_pdbx_distant_solvent_atoms.auth_atom_id                      O 
_pdbx_distant_solvent_atoms.label_alt_id                      ? 
_pdbx_distant_solvent_atoms.auth_asym_id                      A 
_pdbx_distant_solvent_atoms.auth_comp_id                      HOH 
_pdbx_distant_solvent_atoms.auth_seq_id                       2001 
_pdbx_distant_solvent_atoms.PDB_ins_code                      ? 
_pdbx_distant_solvent_atoms.neighbor_macromolecule_distance   5.83 
_pdbx_distant_solvent_atoms.neighbor_ligand_distance          . 
# 
_pdbx_unobs_or_zero_occ_residues.id               1 
_pdbx_unobs_or_zero_occ_residues.PDB_model_num    1 
_pdbx_unobs_or_zero_occ_residues.polymer_flag     Y 
_pdbx_unobs_or_zero_occ_residues.occupancy_flag   1 
_pdbx_unobs_or_zero_occ_residues.auth_asym_id     A 
_pdbx_unobs_or_zero_occ_residues.auth_comp_id     ARG 
_pdbx_unobs_or_zero_occ_residues.auth_seq_id      33 
_pdbx_unobs_or_zero_occ_residues.PDB_ins_code     ? 
_pdbx_unobs_or_zero_occ_residues.label_asym_id    A 
_pdbx_unobs_or_zero_occ_residues.label_comp_id    ARG 
_pdbx_unobs_or_zero_occ_residues.label_seq_id     33 
# 
loop_
_chem_comp_atom.comp_id 
_chem_comp_atom.atom_id 
_chem_comp_atom.type_symbol 
_chem_comp_atom.pdbx_aromatic_flag 
_chem_comp_atom.pdbx_stereo_config 
_chem_comp_atom.pdbx_ordinal 
ALA N    N  N N 1   
ALA CA   C  N S 2   
ALA C    C  N N 3   
ALA O    O  N N 4   
ALA CB   C  N N 5   
ALA OXT  O  N N 6   
ALA H    H  N N 7   
ALA H2   H  N N 8   
ALA HA   H  N N 9   
ALA HB1  H  N N 10  
ALA HB2  H  N N 11  
ALA HB3  H  N N 12  
ALA HXT  H  N N 13  
ARG N    N  N N 14  
ARG CA   C  N S 15  
ARG C    C  N N 16  
ARG O    O  N N 17  
ARG CB   C  N N 18  
ARG CG   C  N N 19  
ARG CD   C  N N 20  
ARG NE   N  N N 21  
ARG CZ   C  N N 22  
ARG NH1  N  N N 23  
ARG NH2  N  N N 24  
ARG OXT  O  N N 25  
ARG H    H  N N 26  
ARG H2   H  N N 27  
ARG HA   H  N N 28  
ARG HB2  H  N N 29  
ARG HB3  H  N N 30  
ARG HG2  H  N N 31  
ARG HG3  H  N N 32  
ARG HD2  H  N N 33  
ARG HD3  H  N N 34  
ARG HE   H  N N 35  
ARG HH11 H  N N 36  
ARG HH12 H  N N 37  
ARG HH21 H  N N 38  
ARG HH22 H  N N 39  
ARG HXT  H  N N 40  
ASN N    N  N N 41  
ASN CA   C  N S 42  
ASN C    C  N N 43  
ASN O    O  N N 44  
ASN CB   C  N N 45  
ASN CG   C  N N 46  
ASN OD1  O  N N 47  
ASN ND2  N  N N 48  
ASN OXT  O  N N 49  
ASN H    H  N N 50  
ASN H2   H  N N 51  
ASN HA   H  N N 52  
ASN HB2  H  N N 53  
ASN HB3  H  N N 54  
ASN HD21 H  N N 55  
ASN HD22 H  N N 56  
ASN HXT  H  N N 57  
ASP N    N  N N 58  
ASP CA   C  N S 59  
ASP C    C  N N 60  
ASP O    O  N N 61  
ASP CB   C  N N 62  
ASP CG   C  N N 63  
ASP OD1  O  N N 64  
ASP OD2  O  N N 65  
ASP OXT  O  N N 66  
ASP H    H  N N 67  
ASP H2   H  N N 68  
ASP HA   H  N N 69  
ASP HB2  H  N N 70  
ASP HB3  H  N N 71  
ASP HD2  H  N N 72  
ASP HXT  H  N N 73  
BR  BR   BR N N 74  
GLN N    N  N N 75  
GLN CA   C  N S 76  
GLN C    C  N N 77  
GLN O    O  N N 78  
GLN CB   C  N N 79  
GLN CG   C  N N 80  
GLN CD   C  N N 81  
GLN OE1  O  N N 82  
GLN NE2  N  N N 83  
GLN OXT  O  N N 84  
GLN H    H  N N 85  
GLN H2   H  N N 86  
GLN HA   H  N N 87  
GLN HB2  H  N N 88  
GLN HB3  H  N N 89  
GLN HG2  H  N N 90  
GLN HG3  H  N N 91  
GLN HE21 H  N N 92  
GLN HE22 H  N N 93  
GLN HXT  H  N N 94  
GLU N    N  N N 95  
GLU CA   C  N S 96  
GLU C    C  N N 97  
GLU O    O  N N 98  
GLU CB   C  N N 99  
GLU CG   C  N N 100 
GLU CD   C  N N 101 
GLU OE1  O  N N 102 
GLU OE2  O  N N 103 
GLU OXT  O  N N 104 
GLU H    H  N N 105 
GLU H2   H  N N 106 
GLU HA   H  N N 107 
GLU HB2  H  N N 108 
GLU HB3  H  N N 109 
GLU HG2  H  N N 110 
GLU HG3  H  N N 111 
GLU HE2  H  N N 112 
GLU HXT  H  N N 113 
GLY N    N  N N 114 
GLY CA   C  N N 115 
GLY C    C  N N 116 
GLY O    O  N N 117 
GLY OXT  O  N N 118 
GLY H    H  N N 119 
GLY H2   H  N N 120 
GLY HA2  H  N N 121 
GLY HA3  H  N N 122 
GLY HXT  H  N N 123 
HIS N    N  N N 124 
HIS CA   C  N S 125 
HIS C    C  N N 126 
HIS O    O  N N 127 
HIS CB   C  N N 128 
HIS CG   C  Y N 129 
HIS ND1  N  Y N 130 
HIS CD2  C  Y N 131 
HIS CE1  C  Y N 132 
HIS NE2  N  Y N 133 
HIS OXT  O  N N 134 
HIS H    H  N N 135 
HIS H2   H  N N 136 
HIS HA   H  N N 137 
HIS HB2  H  N N 138 
HIS HB3  H  N N 139 
HIS HD1  H  N N 140 
HIS HD2  H  N N 141 
HIS HE1  H  N N 142 
HIS HE2  H  N N 143 
HIS HXT  H  N N 144 
HOH O    O  N N 145 
HOH H1   H  N N 146 
HOH H2   H  N N 147 
ILE N    N  N N 148 
ILE CA   C  N S 149 
ILE C    C  N N 150 
ILE O    O  N N 151 
ILE CB   C  N S 152 
ILE CG1  C  N N 153 
ILE CG2  C  N N 154 
ILE CD1  C  N N 155 
ILE OXT  O  N N 156 
ILE H    H  N N 157 
ILE H2   H  N N 158 
ILE HA   H  N N 159 
ILE HB   H  N N 160 
ILE HG12 H  N N 161 
ILE HG13 H  N N 162 
ILE HG21 H  N N 163 
ILE HG22 H  N N 164 
ILE HG23 H  N N 165 
ILE HD11 H  N N 166 
ILE HD12 H  N N 167 
ILE HD13 H  N N 168 
ILE HXT  H  N N 169 
LEU N    N  N N 170 
LEU CA   C  N S 171 
LEU C    C  N N 172 
LEU O    O  N N 173 
LEU CB   C  N N 174 
LEU CG   C  N N 175 
LEU CD1  C  N N 176 
LEU CD2  C  N N 177 
LEU OXT  O  N N 178 
LEU H    H  N N 179 
LEU H2   H  N N 180 
LEU HA   H  N N 181 
LEU HB2  H  N N 182 
LEU HB3  H  N N 183 
LEU HG   H  N N 184 
LEU HD11 H  N N 185 
LEU HD12 H  N N 186 
LEU HD13 H  N N 187 
LEU HD21 H  N N 188 
LEU HD22 H  N N 189 
LEU HD23 H  N N 190 
LEU HXT  H  N N 191 
LYS N    N  N N 192 
LYS CA   C  N S 193 
LYS C    C  N N 194 
LYS O    O  N N 195 
LYS CB   C  N N 196 
LYS CG   C  N N 197 
LYS CD   C  N N 198 
LYS CE   C  N N 199 
LYS NZ   N  N N 200 
LYS OXT  O  N N 201 
LYS H    H  N N 202 
LYS H2   H  N N 203 
LYS HA   H  N N 204 
LYS HB2  H  N N 205 
LYS HB3  H  N N 206 
LYS HG2  H  N N 207 
LYS HG3  H  N N 208 
LYS HD2  H  N N 209 
LYS HD3  H  N N 210 
LYS HE2  H  N N 211 
LYS HE3  H  N N 212 
LYS HZ1  H  N N 213 
LYS HZ2  H  N N 214 
LYS HZ3  H  N N 215 
LYS HXT  H  N N 216 
MET N    N  N N 217 
MET CA   C  N S 218 
MET C    C  N N 219 
MET O    O  N N 220 
MET CB   C  N N 221 
MET CG   C  N N 222 
MET SD   S  N N 223 
MET CE   C  N N 224 
MET OXT  O  N N 225 
MET H    H  N N 226 
MET H2   H  N N 227 
MET HA   H  N N 228 
MET HB2  H  N N 229 
MET HB3  H  N N 230 
MET HG2  H  N N 231 
MET HG3  H  N N 232 
MET HE1  H  N N 233 
MET HE2  H  N N 234 
MET HE3  H  N N 235 
MET HXT  H  N N 236 
SER N    N  N N 237 
SER CA   C  N S 238 
SER C    C  N N 239 
SER O    O  N N 240 
SER CB   C  N N 241 
SER OG   O  N N 242 
SER OXT  O  N N 243 
SER H    H  N N 244 
SER H2   H  N N 245 
SER HA   H  N N 246 
SER HB2  H  N N 247 
SER HB3  H  N N 248 
SER HG   H  N N 249 
SER HXT  H  N N 250 
THR N    N  N N 251 
THR CA   C  N S 252 
THR C    C  N N 253 
THR O    O  N N 254 
THR CB   C  N R 255 
THR OG1  O  N N 256 
THR CG2  C  N N 257 
THR OXT  O  N N 258 
THR H    H  N N 259 
THR H2   H  N N 260 
THR HA   H  N N 261 
THR HB   H  N N 262 
THR HG1  H  N N 263 
THR HG21 H  N N 264 
THR HG22 H  N N 265 
THR HG23 H  N N 266 
THR HXT  H  N N 267 
TYR N    N  N N 268 
TYR CA   C  N S 269 
TYR C    C  N N 270 
TYR O    O  N N 271 
TYR CB   C  N N 272 
TYR CG   C  Y N 273 
TYR CD1  C  Y N 274 
TYR CD2  C  Y N 275 
TYR CE1  C  Y N 276 
TYR CE2  C  Y N 277 
TYR CZ   C  Y N 278 
TYR OH   O  N N 279 
TYR OXT  O  N N 280 
TYR H    H  N N 281 
TYR H2   H  N N 282 
TYR HA   H  N N 283 
TYR HB2  H  N N 284 
TYR HB3  H  N N 285 
TYR HD1  H  N N 286 
TYR HD2  H  N N 287 
TYR HE1  H  N N 288 
TYR HE2  H  N N 289 
TYR HH   H  N N 290 
TYR HXT  H  N N 291 
VAL N    N  N N 292 
VAL CA   C  N S 293 
VAL C    C  N N 294 
VAL O    O  N N 295 
VAL CB   C  N N 296 
VAL CG1  C  N N 297 
VAL CG2  C  N N 298 
VAL OXT  O  N N 299 
VAL H    H  N N 300 
VAL H2   H  N N 301 
VAL HA   H  N N 302 
VAL HB   H  N N 303 
VAL HG11 H  N N 304 
VAL HG12 H  N N 305 
VAL HG13 H  N N 306 
VAL HG21 H  N N 307 
VAL HG22 H  N N 308 
VAL HG23 H  N N 309 
VAL HXT  H  N N 310 
# 
loop_
_chem_comp_bond.comp_id 
_chem_comp_bond.atom_id_1 
_chem_comp_bond.atom_id_2 
_chem_comp_bond.value_order 
_chem_comp_bond.pdbx_aromatic_flag 
_chem_comp_bond.pdbx_stereo_config 
_chem_comp_bond.pdbx_ordinal 
ALA N   CA   sing N N 1   
ALA N   H    sing N N 2   
ALA N   H2   sing N N 3   
ALA CA  C    sing N N 4   
ALA CA  CB   sing N N 5   
ALA CA  HA   sing N N 6   
ALA C   O    doub N N 7   
ALA C   OXT  sing N N 8   
ALA CB  HB1  sing N N 9   
ALA CB  HB2  sing N N 10  
ALA CB  HB3  sing N N 11  
ALA OXT HXT  sing N N 12  
ARG N   CA   sing N N 13  
ARG N   H    sing N N 14  
ARG N   H2   sing N N 15  
ARG CA  C    sing N N 16  
ARG CA  CB   sing N N 17  
ARG CA  HA   sing N N 18  
ARG C   O    doub N N 19  
ARG C   OXT  sing N N 20  
ARG CB  CG   sing N N 21  
ARG CB  HB2  sing N N 22  
ARG CB  HB3  sing N N 23  
ARG CG  CD   sing N N 24  
ARG CG  HG2  sing N N 25  
ARG CG  HG3  sing N N 26  
ARG CD  NE   sing N N 27  
ARG CD  HD2  sing N N 28  
ARG CD  HD3  sing N N 29  
ARG NE  CZ   sing N N 30  
ARG NE  HE   sing N N 31  
ARG CZ  NH1  sing N N 32  
ARG CZ  NH2  doub N N 33  
ARG NH1 HH11 sing N N 34  
ARG NH1 HH12 sing N N 35  
ARG NH2 HH21 sing N N 36  
ARG NH2 HH22 sing N N 37  
ARG OXT HXT  sing N N 38  
ASN N   CA   sing N N 39  
ASN N   H    sing N N 40  
ASN N   H2   sing N N 41  
ASN CA  C    sing N N 42  
ASN CA  CB   sing N N 43  
ASN CA  HA   sing N N 44  
ASN C   O    doub N N 45  
ASN C   OXT  sing N N 46  
ASN CB  CG   sing N N 47  
ASN CB  HB2  sing N N 48  
ASN CB  HB3  sing N N 49  
ASN CG  OD1  doub N N 50  
ASN CG  ND2  sing N N 51  
ASN ND2 HD21 sing N N 52  
ASN ND2 HD22 sing N N 53  
ASN OXT HXT  sing N N 54  
ASP N   CA   sing N N 55  
ASP N   H    sing N N 56  
ASP N   H2   sing N N 57  
ASP CA  C    sing N N 58  
ASP CA  CB   sing N N 59  
ASP CA  HA   sing N N 60  
ASP C   O    doub N N 61  
ASP C   OXT  sing N N 62  
ASP CB  CG   sing N N 63  
ASP CB  HB2  sing N N 64  
ASP CB  HB3  sing N N 65  
ASP CG  OD1  doub N N 66  
ASP CG  OD2  sing N N 67  
ASP OD2 HD2  sing N N 68  
ASP OXT HXT  sing N N 69  
GLN N   CA   sing N N 70  
GLN N   H    sing N N 71  
GLN N   H2   sing N N 72  
GLN CA  C    sing N N 73  
GLN CA  CB   sing N N 74  
GLN CA  HA   sing N N 75  
GLN C   O    doub N N 76  
GLN C   OXT  sing N N 77  
GLN CB  CG   sing N N 78  
GLN CB  HB2  sing N N 79  
GLN CB  HB3  sing N N 80  
GLN CG  CD   sing N N 81  
GLN CG  HG2  sing N N 82  
GLN CG  HG3  sing N N 83  
GLN CD  OE1  doub N N 84  
GLN CD  NE2  sing N N 85  
GLN NE2 HE21 sing N N 86  
GLN NE2 HE22 sing N N 87  
GLN OXT HXT  sing N N 88  
GLU N   CA   sing N N 89  
GLU N   H    sing N N 90  
GLU N   H2   sing N N 91  
GLU CA  C    sing N N 92  
GLU CA  CB   sing N N 93  
GLU CA  HA   sing N N 94  
GLU C   O    doub N N 95  
GLU C   OXT  sing N N 96  
GLU CB  CG   sing N N 97  
GLU CB  HB2  sing N N 98  
GLU CB  HB3  sing N N 99  
GLU CG  CD   sing N N 100 
GLU CG  HG2  sing N N 101 
GLU CG  HG3  sing N N 102 
GLU CD  OE1  doub N N 103 
GLU CD  OE2  sing N N 104 
GLU OE2 HE2  sing N N 105 
GLU OXT HXT  sing N N 106 
GLY N   CA   sing N N 107 
GLY N   H    sing N N 108 
GLY N   H2   sing N N 109 
GLY CA  C    sing N N 110 
GLY CA  HA2  sing N N 111 
GLY CA  HA3  sing N N 112 
GLY C   O    doub N N 113 
GLY C   OXT  sing N N 114 
GLY OXT HXT  sing N N 115 
HIS N   CA   sing N N 116 
HIS N   H    sing N N 117 
HIS N   H2   sing N N 118 
HIS CA  C    sing N N 119 
HIS CA  CB   sing N N 120 
HIS CA  HA   sing N N 121 
HIS C   O    doub N N 122 
HIS C   OXT  sing N N 123 
HIS CB  CG   sing N N 124 
HIS CB  HB2  sing N N 125 
HIS CB  HB3  sing N N 126 
HIS CG  ND1  sing Y N 127 
HIS CG  CD2  doub Y N 128 
HIS ND1 CE1  doub Y N 129 
HIS ND1 HD1  sing N N 130 
HIS CD2 NE2  sing Y N 131 
HIS CD2 HD2  sing N N 132 
HIS CE1 NE2  sing Y N 133 
HIS CE1 HE1  sing N N 134 
HIS NE2 HE2  sing N N 135 
HIS OXT HXT  sing N N 136 
HOH O   H1   sing N N 137 
HOH O   H2   sing N N 138 
ILE N   CA   sing N N 139 
ILE N   H    sing N N 140 
ILE N   H2   sing N N 141 
ILE CA  C    sing N N 142 
ILE CA  CB   sing N N 143 
ILE CA  HA   sing N N 144 
ILE C   O    doub N N 145 
ILE C   OXT  sing N N 146 
ILE CB  CG1  sing N N 147 
ILE CB  CG2  sing N N 148 
ILE CB  HB   sing N N 149 
ILE CG1 CD1  sing N N 150 
ILE CG1 HG12 sing N N 151 
ILE CG1 HG13 sing N N 152 
ILE CG2 HG21 sing N N 153 
ILE CG2 HG22 sing N N 154 
ILE CG2 HG23 sing N N 155 
ILE CD1 HD11 sing N N 156 
ILE CD1 HD12 sing N N 157 
ILE CD1 HD13 sing N N 158 
ILE OXT HXT  sing N N 159 
LEU N   CA   sing N N 160 
LEU N   H    sing N N 161 
LEU N   H2   sing N N 162 
LEU CA  C    sing N N 163 
LEU CA  CB   sing N N 164 
LEU CA  HA   sing N N 165 
LEU C   O    doub N N 166 
LEU C   OXT  sing N N 167 
LEU CB  CG   sing N N 168 
LEU CB  HB2  sing N N 169 
LEU CB  HB3  sing N N 170 
LEU CG  CD1  sing N N 171 
LEU CG  CD2  sing N N 172 
LEU CG  HG   sing N N 173 
LEU CD1 HD11 sing N N 174 
LEU CD1 HD12 sing N N 175 
LEU CD1 HD13 sing N N 176 
LEU CD2 HD21 sing N N 177 
LEU CD2 HD22 sing N N 178 
LEU CD2 HD23 sing N N 179 
LEU OXT HXT  sing N N 180 
LYS N   CA   sing N N 181 
LYS N   H    sing N N 182 
LYS N   H2   sing N N 183 
LYS CA  C    sing N N 184 
LYS CA  CB   sing N N 185 
LYS CA  HA   sing N N 186 
LYS C   O    doub N N 187 
LYS C   OXT  sing N N 188 
LYS CB  CG   sing N N 189 
LYS CB  HB2  sing N N 190 
LYS CB  HB3  sing N N 191 
LYS CG  CD   sing N N 192 
LYS CG  HG2  sing N N 193 
LYS CG  HG3  sing N N 194 
LYS CD  CE   sing N N 195 
LYS CD  HD2  sing N N 196 
LYS CD  HD3  sing N N 197 
LYS CE  NZ   sing N N 198 
LYS CE  HE2  sing N N 199 
LYS CE  HE3  sing N N 200 
LYS NZ  HZ1  sing N N 201 
LYS NZ  HZ2  sing N N 202 
LYS NZ  HZ3  sing N N 203 
LYS OXT HXT  sing N N 204 
MET N   CA   sing N N 205 
MET N   H    sing N N 206 
MET N   H2   sing N N 207 
MET CA  C    sing N N 208 
MET CA  CB   sing N N 209 
MET CA  HA   sing N N 210 
MET C   O    doub N N 211 
MET C   OXT  sing N N 212 
MET CB  CG   sing N N 213 
MET CB  HB2  sing N N 214 
MET CB  HB3  sing N N 215 
MET CG  SD   sing N N 216 
MET CG  HG2  sing N N 217 
MET CG  HG3  sing N N 218 
MET SD  CE   sing N N 219 
MET CE  HE1  sing N N 220 
MET CE  HE2  sing N N 221 
MET CE  HE3  sing N N 222 
MET OXT HXT  sing N N 223 
SER N   CA   sing N N 224 
SER N   H    sing N N 225 
SER N   H2   sing N N 226 
SER CA  C    sing N N 227 
SER CA  CB   sing N N 228 
SER CA  HA   sing N N 229 
SER C   O    doub N N 230 
SER C   OXT  sing N N 231 
SER CB  OG   sing N N 232 
SER CB  HB2  sing N N 233 
SER CB  HB3  sing N N 234 
SER OG  HG   sing N N 235 
SER OXT HXT  sing N N 236 
THR N   CA   sing N N 237 
THR N   H    sing N N 238 
THR N   H2   sing N N 239 
THR CA  C    sing N N 240 
THR CA  CB   sing N N 241 
THR CA  HA   sing N N 242 
THR C   O    doub N N 243 
THR C   OXT  sing N N 244 
THR CB  OG1  sing N N 245 
THR CB  CG2  sing N N 246 
THR CB  HB   sing N N 247 
THR OG1 HG1  sing N N 248 
THR CG2 HG21 sing N N 249 
THR CG2 HG22 sing N N 250 
THR CG2 HG23 sing N N 251 
THR OXT HXT  sing N N 252 
TYR N   CA   sing N N 253 
TYR N   H    sing N N 254 
TYR N   H2   sing N N 255 
TYR CA  C    sing N N 256 
TYR CA  CB   sing N N 257 
TYR CA  HA   sing N N 258 
TYR C   O    doub N N 259 
TYR C   OXT  sing N N 260 
TYR CB  CG   sing N N 261 
TYR CB  HB2  sing N N 262 
TYR CB  HB3  sing N N 263 
TYR CG  CD1  doub Y N 264 
TYR CG  CD2  sing Y N 265 
TYR CD1 CE1  sing Y N 266 
TYR CD1 HD1  sing N N 267 
TYR CD2 CE2  doub Y N 268 
TYR CD2 HD2  sing N N 269 
TYR CE1 CZ   doub Y N 270 
TYR CE1 HE1  sing N N 271 
TYR CE2 CZ   sing Y N 272 
TYR CE2 HE2  sing N N 273 
TYR CZ  OH   sing N N 274 
TYR OH  HH   sing N N 275 
TYR OXT HXT  sing N N 276 
VAL N   CA   sing N N 277 
VAL N   H    sing N N 278 
VAL N   H2   sing N N 279 
VAL CA  C    sing N N 280 
VAL CA  CB   sing N N 281 
VAL CA  HA   sing N N 282 
VAL C   O    doub N N 283 
VAL C   OXT  sing N N 284 
VAL CB  CG1  sing N N 285 
VAL CB  CG2  sing N N 286 
VAL CB  HB   sing N N 287 
VAL CG1 HG11 sing N N 288 
VAL CG1 HG12 sing N N 289 
VAL CG1 HG13 sing N N 290 
VAL CG2 HG21 sing N N 291 
VAL CG2 HG22 sing N N 292 
VAL CG2 HG23 sing N N 293 
VAL OXT HXT  sing N N 294 
# 
_atom_sites.entry_id                    2WQ1 
_atom_sites.fract_transf_matrix[1][1]   -0.00576040 
_atom_sites.fract_transf_matrix[1][2]   -0.01482568 
_atom_sites.fract_transf_matrix[1][3]   -0.00770632 
_atom_sites.fract_transf_matrix[2][1]   -0.01277118 
_atom_sites.fract_transf_matrix[2][2]   0.00916284 
_atom_sites.fract_transf_matrix[2][3]   -0.00808143 
_atom_sites.fract_transf_matrix[3][1]   0.01077427 
_atom_sites.fract_transf_matrix[3][2]   0.00293462 
_atom_sites.fract_transf_matrix[3][3]   -0.01369939 
_atom_sites.fract_transf_vector[1]      0.326266 
_atom_sites.fract_transf_vector[2]      0.225062 
_atom_sites.fract_transf_vector[3]      0.339627 
# 
loop_
_atom_type.symbol 
BR 
C  
N  
O  
S  
# 
loop_
_atom_site.group_PDB 
_atom_site.id 
_atom_site.type_symbol 
_atom_site.label_atom_id 
_atom_site.label_alt_id 
_atom_site.label_comp_id 
_atom_site.label_asym_id 
_atom_site.label_entity_id 
_atom_site.label_seq_id 
_atom_site.pdbx_PDB_ins_code 
_atom_site.Cartn_x 
_atom_site.Cartn_y 
_atom_site.Cartn_z 
_atom_site.occupancy 
_atom_site.B_iso_or_equiv 
_atom_site.pdbx_formal_charge 
_atom_site.auth_seq_id 
_atom_site.auth_comp_id 
_atom_site.auth_asym_id 
_atom_site.auth_atom_id 
_atom_site.pdbx_PDB_model_num 
ATOM   1   N  N   A ARG A 1 1  ? -4.481 1.344  -22.485 0.50 19.57 ? 1    ARG A N   1 
ATOM   2   N  N   B ARG A 1 1  ? -2.767 3.499  -21.857 0.50 23.99 ? 1    ARG A N   1 
ATOM   3   C  CA  A ARG A 1 1  ? -3.460 1.915  -21.546 0.50 24.92 ? 1    ARG A CA  1 
ATOM   4   C  CA  B ARG A 1 1  ? -2.750 4.040  -20.474 0.50 19.63 ? 1    ARG A CA  1 
ATOM   5   C  C   A ARG A 1 1  ? -3.691 1.423  -20.113 0.50 27.12 ? 1    ARG A C   1 
ATOM   6   C  C   B ARG A 1 1  ? -3.070 2.959  -19.441 0.50 15.82 ? 1    ARG A C   1 
ATOM   7   O  O   A ARG A 1 1  ? -3.316 2.064  -19.123 0.50 26.12 ? 1    ARG A O   1 
ATOM   8   O  O   B ARG A 1 1  ? -2.683 3.083  -18.312 0.50 14.44 ? 1    ARG A O   1 
ATOM   9   C  CB  A ARG A 1 1  ? -3.422 3.449  -21.623 0.50 31.40 ? 1    ARG A CB  1 
ATOM   10  C  CB  B ARG A 1 1  ? -3.744 5.207  -20.328 0.50 23.05 ? 1    ARG A CB  1 
ATOM   11  N  N   A MET A 1 2  ? -4.278 0.238  -20.058 0.50 21.33 ? 2    MET A N   1 
ATOM   12  N  N   B MET A 1 2  ? -3.806 1.921  -19.811 0.50 21.92 ? 2    MET A N   1 
ATOM   13  C  CA  A MET A 1 2  ? -4.478 -0.535 -18.848 0.50 23.72 ? 2    MET A CA  1 
ATOM   14  C  CA  B MET A 1 2  ? -4.137 0.861  -18.846 0.50 17.13 ? 2    MET A CA  1 
ATOM   15  C  C   A MET A 1 2  ? -3.197 -0.777 -18.099 0.50 20.10 ? 2    MET A C   1 
ATOM   16  C  C   B MET A 1 2  ? -2.959 0.274  -18.086 0.50 14.29 ? 2    MET A C   1 
ATOM   17  O  O   A MET A 1 2  ? -3.225 -0.998 -16.896 0.50 21.63 ? 2    MET A O   1 
ATOM   18  O  O   B MET A 1 2  ? -3.073 0.008  -16.882 0.50 13.10 ? 2    MET A O   1 
ATOM   19  C  CB  A MET A 1 2  ? -5.039 -1.911 -19.220 0.50 31.27 ? 2    MET A CB  1 
ATOM   20  C  CB  B MET A 1 2  ? -4.832 -0.257 -19.571 0.50 21.50 ? 2    MET A CB  1 
ATOM   21  C  CG  A MET A 1 2  ? -6.450 -1.909 -19.751 0.50 36.57 ? 2    MET A CG  1 
ATOM   22  C  CG  B MET A 1 2  ? -5.113 -1.421 -18.685 0.50 28.63 ? 2    MET A CG  1 
ATOM   23  S  SD  A MET A 1 2  ? -7.638 -1.369 -18.519 0.50 36.92 ? 2    MET A SD  1 
ATOM   24  S  SD  B MET A 1 2  ? -6.663 -2.179 -19.137 0.50 34.95 ? 2    MET A SD  1 
ATOM   25  C  CE  A MET A 1 2  ? -7.512 0.407  -18.771 0.50 21.56 ? 2    MET A CE  1 
ATOM   26  C  CE  B MET A 1 2  ? -7.829 -1.212 -18.194 0.50 43.90 ? 2    MET A CE  1 
ATOM   27  N  N   A LYS A 1 3  ? -2.078 -0.783 -18.816 0.50 17.69 ? 3    LYS A N   1 
ATOM   28  N  N   B LYS A 1 3  ? -1.831 0.071  -18.767 0.50 13.60 ? 3    LYS A N   1 
ATOM   29  C  CA  A LYS A 1 3  ? -0.812 -1.183 -18.198 0.50 22.91 ? 3    LYS A CA  1 
ATOM   30  C  CA  B LYS A 1 3  ? -0.627 -0.407 -18.041 0.50 15.44 ? 3    LYS A CA  1 
ATOM   31  C  C   A LYS A 1 3  ? -0.295 -0.229 -17.094 0.50 17.04 ? 3    LYS A C   1 
ATOM   32  C  C   B LYS A 1 3  ? -0.053 0.588  -17.052 0.50 15.43 ? 3    LYS A C   1 
ATOM   33  O  O   A LYS A 1 3  ? -0.027 -0.718 -15.991 0.50 13.84 ? 3    LYS A O   1 
ATOM   34  O  O   B LYS A 1 3  ? 0.425  0.241  -15.970 0.50 11.29 ? 3    LYS A O   1 
ATOM   35  C  CB  A LYS A 1 3  ? 0.264  -1.417 -19.266 0.50 30.36 ? 3    LYS A CB  1 
ATOM   36  C  CB  B LYS A 1 3  ? 0.447  -0.870 -19.031 0.50 16.23 ? 3    LYS A CB  1 
ATOM   37  C  CG  A LYS A 1 3  ? 0.094  -2.731 -20.011 0.50 37.18 ? 3    LYS A CG  1 
ATOM   38  C  CG  B LYS A 1 3  ? 0.261  -2.320 -19.458 0.50 23.48 ? 3    LYS A CG  1 
ATOM   39  N  N   A GLN A 1 4  ? -0.131 1.073  -17.392 0.50 13.44 ? 4    GLN A N   1 
ATOM   40  N  N   B GLN A 1 4  ? -0.062 1.838  -17.399 0.50 12.00 ? 4    GLN A N   1 
ATOM   41  C  CA  A GLN A 1 4  ? 0.345  2.126  -16.432 0.50 20.08 ? 4    GLN A CA  1 
ATOM   42  C  CA  B GLN A 1 4  ? 0.426  2.751  -16.463 0.50 12.24 ? 4    GLN A CA  1 
ATOM   43  C  C   A GLN A 1 4  ? -0.610 2.665  -15.294 0.50 19.19 ? 4    GLN A C   1 
ATOM   44  C  C   B GLN A 1 4  ? -0.548 2.580  -15.335 0.50 16.21 ? 4    GLN A C   1 
ATOM   45  O  O   A GLN A 1 4  ? -0.156 3.176  -14.252 0.50 14.33 ? 4    GLN A O   1 
ATOM   46  O  O   B GLN A 1 4  ? -0.099 2.321  -14.228 0.50 13.28 ? 4    GLN A O   1 
ATOM   47  C  CB  A GLN A 1 4  ? 0.851  3.371  -17.203 0.50 12.68 ? 4    GLN A CB  1 
ATOM   48  C  CB  B GLN A 1 4  ? 0.495  4.116  -17.046 0.50 13.35 ? 4    GLN A CB  1 
ATOM   49  C  CG  A GLN A 1 4  ? 1.564  4.328  -16.253 0.50 15.54 ? 4    GLN A CG  1 
ATOM   50  C  CG  B GLN A 1 4  ? 1.596  4.198  -17.917 0.50 14.52 ? 4    GLN A CG  1 
ATOM   51  C  CD  A GLN A 1 4  ? 1.986  5.635  -16.856 0.50 14.22 ? 4    GLN A CD  1 
ATOM   52  C  CD  B GLN A 1 4  ? 1.578  5.446  -18.665 0.50 20.63 ? 4    GLN A CD  1 
ATOM   53  O  OE1 A GLN A 1 4  ? 1.903  5.841  -18.055 0.50 20.71 ? 4    GLN A OE1 1 
ATOM   54  O  OE1 B GLN A 1 4  ? 1.782  6.523  -18.114 0.50 30.20 ? 4    GLN A OE1 1 
ATOM   55  N  NE2 A GLN A 1 4  ? 2.449  6.511  -16.021 0.50 15.72 ? 4    GLN A NE2 1 
ATOM   56  N  NE2 B GLN A 1 4  ? 1.357  5.332  -19.942 0.50 25.64 ? 4    GLN A NE2 1 
ATOM   57  N  N   A LEU A 1 5  ? -1.918 2.637  -15.504 0.50 19.21 ? 5    LEU A N   1 
ATOM   58  N  N   B LEU A 1 5  ? -1.854 2.571  -15.635 0.50 18.20 ? 5    LEU A N   1 
ATOM   59  C  CA  A LEU A 1 5  ? -2.823 2.814  -14.382 0.50 13.45 ? 5    LEU A CA  1 
ATOM   60  C  CA  B LEU A 1 5  ? -2.848 2.426  -14.548 0.50 17.43 ? 5    LEU A CA  1 
ATOM   61  C  C   A LEU A 1 5  ? -2.609 1.664  -13.451 0.50 11.96 ? 5    LEU A C   1 
ATOM   62  C  C   B LEU A 1 5  ? -2.775 1.165  -13.646 0.50 14.53 ? 5    LEU A C   1 
ATOM   63  O  O   A LEU A 1 5  ? -2.661 1.822  -12.264 0.50 14.37 ? 5    LEU A O   1 
ATOM   64  O  O   B LEU A 1 5  ? -2.829 1.305  -12.461 0.50 13.42 ? 5    LEU A O   1 
ATOM   65  C  CB  A LEU A 1 5  ? -4.262 2.779  -14.854 0.50 17.80 ? 5    LEU A CB  1 
ATOM   66  C  CB  B LEU A 1 5  ? -4.280 2.644  -15.054 0.50 20.64 ? 5    LEU A CB  1 
ATOM   67  C  CG  . LEU A 1 5  ? -4.604 4.073  -15.545 1.00 21.94 ? 5    LEU A CG  1 
ATOM   68  C  CD1 . LEU A 1 5  ? -6.073 4.173  -15.876 1.00 28.12 ? 5    LEU A CD1 1 
ATOM   69  C  CD2 . LEU A 1 5  ? -4.231 5.237  -14.618 1.00 29.83 ? 5    LEU A CD2 1 
ATOM   70  N  N   A GLU A 1 6  ? -2.415 0.478  -14.029 0.50 14.41 ? 6    GLU A N   1 
ATOM   71  N  N   B GLU A 1 6  ? -2.675 -0.038 -14.188 0.50 12.10 ? 6    GLU A N   1 
ATOM   72  C  CA  A GLU A 1 6  ? -2.050 -0.704 -13.243 0.50 13.46 ? 6    GLU A CA  1 
ATOM   73  C  CA  B GLU A 1 6  ? -2.591 -1.242 -13.329 0.50 14.64 ? 6    GLU A CA  1 
ATOM   74  C  C   A GLU A 1 6  ? -0.783 -0.480 -12.419 0.50 10.03 ? 6    GLU A C   1 
ATOM   75  C  C   B GLU A 1 6  ? -1.361 -1.133 -12.437 0.50 11.87 ? 6    GLU A C   1 
ATOM   76  O  O   A GLU A 1 6  ? -0.745 -0.884 -11.252 0.50 11.07 ? 6    GLU A O   1 
ATOM   77  O  O   B GLU A 1 6  ? -1.378 -1.475 -11.260 0.50 11.18 ? 6    GLU A O   1 
ATOM   78  C  CB  A GLU A 1 6  ? -1.941 -1.948 -14.120 0.50 18.00 ? 6    GLU A CB  1 
ATOM   79  C  CB  B GLU A 1 6  ? -2.482 -2.516 -14.179 0.50 17.11 ? 6    GLU A CB  1 
ATOM   80  C  CG  A GLU A 1 6  ? -3.249 -2.321 -14.716 0.50 23.35 ? 6    GLU A CG  1 
ATOM   81  C  CG  B GLU A 1 6  ? -3.576 -2.691 -15.218 0.50 30.10 ? 6    GLU A CG  1 
ATOM   82  C  CD  A GLU A 1 6  ? -3.152 -3.441 -15.749 0.50 27.99 ? 6    GLU A CD  1 
ATOM   83  C  CD  B GLU A 1 6  ? -3.566 -4.065 -15.869 0.50 31.17 ? 6    GLU A CD  1 
ATOM   84  O  OE1 A GLU A 1 6  ? -2.567 -4.488 -15.424 0.50 37.52 ? 6    GLU A OE1 1 
ATOM   85  O  OE1 B GLU A 1 6  ? -2.465 -4.584 -16.148 0.50 39.90 ? 6    GLU A OE1 1 
ATOM   86  O  OE2 A GLU A 1 6  ? -3.679 -3.284 -16.880 0.50 32.50 ? 6    GLU A OE2 1 
ATOM   87  O  OE2 B GLU A 1 6  ? -4.656 -4.609 -16.127 0.50 35.46 ? 6    GLU A OE2 1 
ATOM   88  N  N   A ASP A 1 7  ? 0.249  0.179  -12.982 0.70 13.99 ? 7    ASP A N   1 
ATOM   89  N  N   B ASP A 1 7  ? -0.274 -0.670 -13.027 0.30 6.59  ? 7    ASP A N   1 
ATOM   90  C  CA  A ASP A 1 7  ? 1.465  0.568  -12.212 0.70 13.47 ? 7    ASP A CA  1 
ATOM   91  C  CA  B ASP A 1 7  ? 0.920  -0.406 -12.250 0.30 8.12  ? 7    ASP A CA  1 
ATOM   92  C  C   A ASP A 1 7  ? 1.149  1.461  -11.047 0.70 14.87 ? 7    ASP A C   1 
ATOM   93  C  C   B ASP A 1 7  ? 0.706  0.773  -11.246 0.30 8.99  ? 7    ASP A C   1 
ATOM   94  O  O   A ASP A 1 7  ? 1.687  1.244  -9.964  0.70 14.63 ? 7    ASP A O   1 
ATOM   95  O  O   B ASP A 1 7  ? 1.269  0.704  -10.161 0.30 11.71 ? 7    ASP A O   1 
ATOM   96  C  CB  A ASP A 1 7  ? 2.465  1.283  -13.139 0.70 15.12 ? 7    ASP A CB  1 
ATOM   97  C  CB  B ASP A 1 7  ? 2.102  -0.207 -13.201 0.30 9.19  ? 7    ASP A CB  1 
ATOM   98  C  CG  A ASP A 1 7  ? 3.839  1.370  -12.532 0.70 17.08 ? 7    ASP A CG  1 
ATOM   99  C  CG  B ASP A 1 7  ? 2.536  -1.532 -13.855 0.30 11.12 ? 7    ASP A CG  1 
ATOM   100 O  OD1 A ASP A 1 7  ? 4.459  0.296  -12.288 0.70 25.52 ? 7    ASP A OD1 1 
ATOM   101 O  OD1 B ASP A 1 7  ? 2.119  -2.645 -13.433 0.30 17.56 ? 7    ASP A OD1 1 
ATOM   102 O  OD2 A ASP A 1 7  ? 4.304  2.496  -12.298 0.70 22.66 ? 7    ASP A OD2 1 
ATOM   103 O  OD2 B ASP A 1 7  ? 3.323  -1.471 -14.824 0.30 14.35 ? 7    ASP A OD2 1 
ATOM   104 N  N   A LYS A 1 8  ? 0.288  2.465  -11.254 0.50 9.46  ? 8    LYS A N   1 
ATOM   105 N  N   B LYS A 1 8  ? -0.135 1.790  -11.546 0.50 11.62 ? 8    LYS A N   1 
ATOM   106 C  CA  A LYS A 1 8  ? -0.127 3.328  -10.136 0.50 11.28 ? 8    LYS A CA  1 
ATOM   107 C  CA  B LYS A 1 8  ? -0.326 2.932  -10.616 0.50 14.44 ? 8    LYS A CA  1 
ATOM   108 C  C   A LYS A 1 8  ? -0.924 2.532  -9.081  0.50 13.21 ? 8    LYS A C   1 
ATOM   109 C  C   B LYS A 1 8  ? -1.074 2.449  -9.376  0.50 13.18 ? 8    LYS A C   1 
ATOM   110 O  O   A LYS A 1 8  ? -0.684 2.653  -7.874  0.50 13.02 ? 8    LYS A O   1 
ATOM   111 O  O   B LYS A 1 8  ? -0.835 2.895  -8.242  0.50 14.94 ? 8    LYS A O   1 
ATOM   112 C  CB  A LYS A 1 8  ? -0.979 4.505  -10.609 0.50 12.46 ? 8    LYS A CB  1 
ATOM   113 C  CB  B LYS A 1 8  ? -1.115 4.064  -11.288 0.50 17.11 ? 8    LYS A CB  1 
ATOM   114 C  CG  A LYS A 1 8  ? -0.259 5.418  -11.608 0.50 17.03 ? 8    LYS A CG  1 
ATOM   115 C  CG  B LYS A 1 8  ? -0.290 5.286  -11.734 0.50 21.14 ? 8    LYS A CG  1 
ATOM   116 C  CD  . LYS A 1 8  ? -1.228 6.406  -12.199 1.00 23.50 ? 8    LYS A CD  1 
ATOM   117 C  CE  . LYS A 1 8  ? -0.589 7.271  -13.261 1.00 29.10 ? 8    LYS A CE  1 
ATOM   118 N  NZ  . LYS A 1 8  ? 0.627  7.919  -12.740 1.00 32.93 ? 8    LYS A NZ  1 
ATOM   119 N  N   A ILE A 1 9  ? -1.874 1.708  -9.526  0.50 12.84 ? 9    ILE A N   1 
ATOM   120 N  N   B ILE A 1 9  ? -1.947 1.484  -9.621  0.50 12.52 ? 9    ILE A N   1 
ATOM   121 C  CA  A ILE A 1 9  ? -2.635 0.893  -8.558  0.50 12.78 ? 9    ILE A CA  1 
ATOM   122 C  CA  B ILE A 1 9  ? -2.726 0.821  -8.577  0.50 10.94 ? 9    ILE A CA  1 
ATOM   123 C  C   A ILE A 1 9  ? -1.593 0.145  -7.704  0.50 10.06 ? 9    ILE A C   1 
ATOM   124 C  C   B ILE A 1 9  ? -1.864 -0.098 -7.747  0.50 12.63 ? 9    ILE A C   1 
ATOM   125 O  O   A ILE A 1 9  ? -1.654 0.195  -6.457  0.50 10.94 ? 9    ILE A O   1 
ATOM   126 O  O   B ILE A 1 9  ? -2.038 -0.250 -6.532  0.50 12.88 ? 9    ILE A O   1 
ATOM   127 C  CB  . ILE A 1 9  ? -3.765 -0.030 -9.253  1.00 11.94 ? 9    ILE A CB  1 
ATOM   128 C  CG1 . ILE A 1 9  ? -4.840 0.818  -9.952  1.00 12.50 ? 9    ILE A CG1 1 
ATOM   129 C  CG2 . ILE A 1 9  ? -4.416 -0.961 -8.261  1.00 14.84 ? 9    ILE A CG2 1 
ATOM   130 C  CD1 . ILE A 1 9  ? -5.738 0.069  -10.921 1.00 14.91 ? 9    ILE A CD1 1 
ATOM   131 N  N   A GLU A 1 10 ? -0.606 -0.485 -8.342  0.50 11.55 ? 10   GLU A N   1 
ATOM   132 N  N   B GLU A 1 10 ? -0.921 -0.741 -8.401  0.50 12.69 ? 10   GLU A N   1 
ATOM   133 C  CA  A GLU A 1 10 ? 0.390  -1.258 -7.604  0.50 13.81 ? 10   GLU A CA  1 
ATOM   134 C  CA  B GLU A 1 10 ? -0.013 -1.553 -7.659  0.50 11.37 ? 10   GLU A CA  1 
ATOM   135 C  C   A GLU A 1 10 ? 1.251  -0.408 -6.687  0.50 9.94  ? 10   GLU A C   1 
ATOM   136 C  C   B GLU A 1 10 ? 0.910  -0.760 -6.742  0.50 10.56 ? 10   GLU A C   1 
ATOM   137 O  O   A GLU A 1 10 ? 1.650  -0.870 -5.602  0.50 11.71 ? 10   GLU A O   1 
ATOM   138 O  O   B GLU A 1 10 ? 1.191  -1.248 -5.642  0.50 14.16 ? 10   GLU A O   1 
ATOM   139 C  CB  A GLU A 1 10 ? 1.300  -2.037 -8.550  0.50 14.76 ? 10   GLU A CB  1 
ATOM   140 C  CB  B GLU A 1 10 ? 0.774  -2.456 -8.588  0.50 13.33 ? 10   GLU A CB  1 
ATOM   141 C  CG  A GLU A 1 10 ? 2.289  -2.979 -7.793  0.50 17.27 ? 10   GLU A CG  1 
ATOM   142 C  CG  B GLU A 1 10 ? -0.049 -3.520 -9.199  0.50 21.32 ? 10   GLU A CG  1 
ATOM   143 C  CD  A GLU A 1 10 ? 1.607  -3.875 -6.739  0.50 20.37 ? 10   GLU A CD  1 
ATOM   144 C  CD  B GLU A 1 10 ? -0.773 -4.373 -8.161  0.50 26.26 ? 10   GLU A CD  1 
ATOM   145 O  OE1 A GLU A 1 10 ? 0.636  -4.558 -7.109  0.50 27.30 ? 10   GLU A OE1 1 
ATOM   146 O  OE1 B GLU A 1 10 ? -0.210 -4.560 -7.053  0.50 22.26 ? 10   GLU A OE1 1 
ATOM   147 O  OE2 A GLU A 1 10 ? 2.009  -3.873 -5.541  0.50 21.28 ? 10   GLU A OE2 1 
ATOM   148 O  OE2 B GLU A 1 10 ? -1.888 -4.860 -8.446  0.50 27.23 ? 10   GLU A OE2 1 
ATOM   149 N  N   A GLU A 1 11 ? 1.593  0.806  -7.098  0.50 12.68 ? 11   GLU A N   1 
ATOM   150 N  N   B GLU A 1 11 ? 1.365  0.443  -7.149  0.50 13.74 ? 11   GLU A N   1 
ATOM   151 C  CA  A GLU A 1 11 ? 2.325  1.720  -6.235  0.50 11.49 ? 11   GLU A CA  1 
ATOM   152 C  CA  B GLU A 1 11 ? 2.194  1.349  -6.319  0.50 16.17 ? 11   GLU A CA  1 
ATOM   153 C  C   A GLU A 1 11 ? 1.465  2.007  -5.001  0.50 12.10 ? 11   GLU A C   1 
ATOM   154 C  C   B GLU A 1 11 ? 1.430  1.780  -5.035  0.50 12.25 ? 11   GLU A C   1 
ATOM   155 O  O   A GLU A 1 11 ? 1.973  2.148  -3.898  0.50 13.38 ? 11   GLU A O   1 
ATOM   156 O  O   B GLU A 1 11 ? 1.980  1.809  -3.923  0.50 12.58 ? 11   GLU A O   1 
ATOM   157 C  CB  A GLU A 1 11 ? 2.630  3.013  -6.962  0.50 12.50 ? 11   GLU A CB  1 
ATOM   158 C  CB  B GLU A 1 11 ? 2.647  2.594  -7.088  0.50 21.62 ? 11   GLU A CB  1 
ATOM   159 C  CG  A GLU A 1 11 ? 3.678  2.851  -8.025  0.50 14.38 ? 11   GLU A CG  1 
ATOM   160 C  CG  B GLU A 1 11 ? 3.896  2.397  -7.951  0.50 25.12 ? 11   GLU A CG  1 
ATOM   161 C  CD  A GLU A 1 11 ? 3.871  4.093  -8.848  0.50 18.01 ? 11   GLU A CD  1 
ATOM   162 C  CD  B GLU A 1 11 ? 4.381  3.684  -8.594  0.50 29.93 ? 11   GLU A CD  1 
ATOM   163 O  OE1 A GLU A 1 11 ? 3.005  4.975  -8.817  0.50 21.34 ? 11   GLU A OE1 1 
ATOM   164 O  OE1 B GLU A 1 11 ? 4.199  4.756  -7.983  0.50 29.40 ? 11   GLU A OE1 1 
ATOM   165 O  OE2 A GLU A 1 11 ? 4.923  4.198  -9.498  0.50 22.29 ? 11   GLU A OE2 1 
ATOM   166 O  OE2 B GLU A 1 11 ? 4.954  3.608  -9.705  0.50 37.25 ? 11   GLU A OE2 1 
ATOM   167 N  N   . ASN A 1 12 ? 0.152  2.105  -5.187  1.00 12.27 ? 12   ASN A N   1 
ATOM   168 C  CA  . ASN A 1 12 ? -0.727 2.310  -4.037  1.00 10.03 ? 12   ASN A CA  1 
ATOM   169 C  C   . ASN A 1 12 ? -0.785 1.079  -3.165  1.00 10.57 ? 12   ASN A C   1 
ATOM   170 O  O   . ASN A 1 12 ? -0.706 1.160  -1.946  1.00 10.17 ? 12   ASN A O   1 
ATOM   171 C  CB  . ASN A 1 12 ? -2.130 2.745  -4.469  1.00 11.15 ? 12   ASN A CB  1 
ATOM   172 C  CG  . ASN A 1 12 ? -2.197 4.214  -4.835  1.00 11.48 ? 12   ASN A CG  1 
ATOM   173 O  OD1 . ASN A 1 12 ? -1.267 4.984  -4.568  1.00 13.46 ? 12   ASN A OD1 1 
ATOM   174 N  ND2 . ASN A 1 12 ? -3.292 4.606  -5.421  1.00 12.86 ? 12   ASN A ND2 1 
ATOM   175 N  N   . THR A 1 13 ? -0.954 -0.084 -3.771  1.00 11.13 ? 13   THR A N   1 
ATOM   176 C  CA  . THR A 1 13 ? -1.018 -1.320 -2.998  1.00 11.10 ? 13   THR A CA  1 
ATOM   177 C  C   . THR A 1 13 ? 0.246  -1.513 -2.166  1.00 11.90 ? 13   THR A C   1 
ATOM   178 O  O   . THR A 1 13 ? 0.180  -1.925 -0.988  1.00 12.23 ? 13   THR A O   1 
ATOM   179 C  CB  . THR A 1 13 ? -1.222 -2.506 -3.944  1.00 14.04 ? 13   THR A CB  1 
ATOM   180 O  OG1 . THR A 1 13 ? -2.466 -2.353 -4.649  1.00 14.40 ? 13   THR A OG1 1 
ATOM   181 C  CG2 . THR A 1 13 ? -1.199 -3.843 -3.152  1.00 16.20 ? 13   THR A CG2 1 
ATOM   182 N  N   . SER A 1 14 ? 1.399  -1.191 -2.736  1.00 12.29 ? 14   SER A N   1 
ATOM   183 C  CA  . SER A 1 14 ? 2.648  -1.309 -2.010  1.00 12.61 ? 14   SER A CA  1 
ATOM   184 C  C   . SER A 1 14 ? 2.730  -0.331 -0.834  1.00 11.76 ? 14   SER A C   1 
ATOM   185 O  O   . SER A 1 14 ? 3.135  -0.702 0.268   1.00 12.51 ? 14   SER A O   1 
ATOM   186 C  CB  A SER A 1 14 ? 3.769  -1.127 -2.964  0.50 12.85 ? 14   SER A CB  1 
ATOM   187 C  CB  B SER A 1 14 ? 3.857  -1.064 -2.886  0.50 14.45 ? 14   SER A CB  1 
ATOM   188 O  OG  A SER A 1 14 ? 4.914  -1.478 -2.296  0.50 14.89 ? 14   SER A OG  1 
ATOM   189 O  OG  B SER A 1 14 ? 3.987  -2.060 -3.870  0.50 17.31 ? 14   SER A OG  1 
ATOM   190 N  N   . LYS A 1 15 ? 2.362  0.918  -1.067  1.00 11.32 ? 15   LYS A N   1 
ATOM   191 C  CA  . LYS A 1 15 ? 2.338  1.890  -0.003  1.00 10.16 ? 15   LYS A CA  1 
ATOM   192 C  C   . LYS A 1 15 ? 1.385  1.443  1.117   1.00 9.17  ? 15   LYS A C   1 
ATOM   193 O  O   . LYS A 1 15 ? 1.704  1.600  2.282   1.00 9.68  ? 15   LYS A O   1 
ATOM   194 C  CB  . LYS A 1 15 ? 1.902  3.266  -0.537  1.00 10.86 ? 15   LYS A CB  1 
ATOM   195 C  CG  A LYS A 1 15 ? 2.934  3.969  -1.407  0.50 12.65 ? 15   LYS A CG  1 
ATOM   196 C  CG  B LYS A 1 15 ? 2.910  4.033  -1.352  0.50 13.90 ? 15   LYS A CG  1 
ATOM   197 C  CD  A LYS A 1 15 ? 2.287  5.151  -2.151  0.50 12.26 ? 15   LYS A CD  1 
ATOM   198 C  CD  B LYS A 1 15 ? 2.366  5.470  -1.574  0.50 14.25 ? 15   LYS A CD  1 
ATOM   199 C  CE  A LYS A 1 15 ? 3.350  6.099  -2.705  0.50 16.22 ? 15   LYS A CE  1 
ATOM   200 C  CE  B LYS A 1 15 ? 3.363  6.343  -2.287  0.50 22.84 ? 15   LYS A CE  1 
ATOM   201 N  NZ  A LYS A 1 15 ? 2.740  7.252  -3.422  0.50 13.93 ? 15   LYS A NZ  1 
ATOM   202 N  NZ  B LYS A 1 15 ? 3.823  5.631  -3.486  0.50 27.87 ? 15   LYS A NZ  1 
ATOM   203 N  N   . ILE A 1 16 ? 0.232  0.905  0.779   1.00 9.01  ? 16   ILE A N   1 
ATOM   204 C  CA  . ILE A 1 16 ? -0.750 0.405  1.763   1.00 9.37  ? 16   ILE A CA  1 
ATOM   205 C  C   . ILE A 1 16 ? -0.123 -0.720 2.587   1.00 9.22  ? 16   ILE A C   1 
ATOM   206 O  O   . ILE A 1 16 ? -0.295 -0.775 3.793   1.00 10.06 ? 16   ILE A O   1 
ATOM   207 C  CB  . ILE A 1 16 ? -2.045 -0.031 1.093   1.00 9.52  ? 16   ILE A CB  1 
ATOM   208 C  CG1 . ILE A 1 16 ? -2.764 1.169  0.436   1.00 9.48  ? 16   ILE A CG1 1 
ATOM   209 C  CG2 . ILE A 1 16 ? -2.958 -0.748 2.051   1.00 11.64 ? 16   ILE A CG2 1 
ATOM   210 C  CD1 . ILE A 1 16 ? -3.847 0.774  -0.535  1.00 10.84 ? 16   ILE A CD1 1 
ATOM   211 N  N   . TYR A 1 17 ? 0.565  -1.650 1.924   1.00 10.78 ? 17   TYR A N   1 
ATOM   212 C  CA  . TYR A 1 17 ? 1.183  -2.803 2.581   1.00 11.79 ? 17   TYR A CA  1 
ATOM   213 C  C   . TYR A 1 17 ? 2.143  -2.300 3.651   1.00 10.75 ? 17   TYR A C   1 
ATOM   214 O  O   . TYR A 1 17 ? 2.102  -2.749 4.796   1.00 11.28 ? 17   TYR A O   1 
ATOM   215 C  CB  . TYR A 1 17 ? 1.939  -3.638 1.528   1.00 14.46 ? 17   TYR A CB  1 
ATOM   216 C  CG  . TYR A 1 17 ? 2.774  -4.712 2.099   1.00 14.98 ? 17   TYR A CG  1 
ATOM   217 C  CD1 . TYR A 1 17 ? 2.196  -5.911 2.486   1.00 17.02 ? 17   TYR A CD1 1 
ATOM   218 C  CD2 . TYR A 1 17 ? 4.105  -4.564 2.235   1.00 16.49 ? 17   TYR A CD2 1 
ATOM   219 C  CE1 . TYR A 1 17 ? 2.920  -6.907 3.025   1.00 16.94 ? 17   TYR A CE1 1 
ATOM   220 C  CE2 . TYR A 1 17 ? 4.854  -5.615 2.783   1.00 19.10 ? 17   TYR A CE2 1 
ATOM   221 C  CZ  . TYR A 1 17 ? 4.222  -6.749 3.161   1.00 16.77 ? 17   TYR A CZ  1 
ATOM   222 O  OH  . TYR A 1 17 ? 4.980  -7.814 3.651   1.00 24.19 ? 17   TYR A OH  1 
ATOM   223 N  N   . HIS A 1 18 ? 3.024  -1.412 3.289   1.00 10.94 ? 18   HIS A N   1 
ATOM   224 C  CA  . HIS A 1 18 ? 3.965  -0.911 4.250   1.00 11.60 ? 18   HIS A CA  1 
ATOM   225 C  C   . HIS A 1 18 ? 3.294  -0.101 5.386   1.00 8.89  ? 18   HIS A C   1 
ATOM   226 O  O   . HIS A 1 18 ? 3.687  -0.229 6.547   1.00 8.74  ? 18   HIS A O   1 
ATOM   227 C  CB  . HIS A 1 18 ? 5.030  -0.144 3.559   1.00 13.86 ? 18   HIS A CB  1 
ATOM   228 C  CG  . HIS A 1 18 ? 5.841  -1.013 2.616   1.00 16.96 ? 18   HIS A CG  1 
ATOM   229 N  ND1 . HIS A 1 18 ? 6.503  -2.149 3.046   1.00 19.47 ? 18   HIS A ND1 1 
ATOM   230 C  CD2 . HIS A 1 18 ? 6.042  -0.942 1.271   1.00 20.11 ? 18   HIS A CD2 1 
ATOM   231 C  CE1 . HIS A 1 18 ? 7.074  -2.731 2.007   1.00 22.05 ? 18   HIS A CE1 1 
ATOM   232 N  NE2 . HIS A 1 18 ? 6.839  -2.000 0.923   1.00 27.54 ? 18   HIS A NE2 1 
ATOM   233 N  N   . ASN A 1 19 ? 2.281  0.692  5.051   1.00 8.37  ? 19   ASN A N   1 
ATOM   234 C  CA  . ASN A 1 19 ? 1.541  1.373  6.081   1.00 7.46  ? 19   ASN A CA  1 
ATOM   235 C  C   . ASN A 1 19 ? 0.886  0.377  7.075   1.00 6.75  ? 19   ASN A C   1 
ATOM   236 O  O   . ASN A 1 19 ? 0.937  0.581  8.271   1.00 6.68  ? 19   ASN A O   1 
ATOM   237 C  CB  . ASN A 1 19 ? 0.462  2.302  5.508   1.00 6.94  ? 19   ASN A CB  1 
ATOM   238 C  CG  . ASN A 1 19 ? 1.034  3.615  5.021   1.00 8.03  ? 19   ASN A CG  1 
ATOM   239 O  OD1 . ASN A 1 19 ? 2.220  3.910  5.209   1.00 9.50  ? 19   ASN A OD1 1 
ATOM   240 N  ND2 . ASN A 1 19 ? 0.160  4.410  4.407   1.00 8.51  ? 19   ASN A ND2 1 
ATOM   241 N  N   . THR A 1 20 ? 0.279  -0.688 6.559   1.00 7.44  ? 20   THR A N   1 
ATOM   242 C  CA  . THR A 1 20 ? -0.362 -1.660 7.430   1.00 7.79  ? 20   THR A CA  1 
ATOM   243 C  C   . THR A 1 20 ? 0.616  -2.242 8.419   1.00 7.58  ? 20   THR A C   1 
ATOM   244 O  O   . THR A 1 20 ? 0.305  -2.437 9.607   1.00 7.57  ? 20   THR A O   1 
ATOM   245 C  CB  . THR A 1 20 ? -0.989 -2.777 6.565   1.00 9.40  ? 20   THR A CB  1 
ATOM   246 O  OG1 . THR A 1 20 ? -1.917 -2.200 5.677   1.00 10.41 ? 20   THR A OG1 1 
ATOM   247 C  CG2 . THR A 1 20 ? -1.656 -3.807 7.409   1.00 10.96 ? 20   THR A CG2 1 
ATOM   248 N  N   . ASN A 1 21 ? 1.839  -2.557 7.971   1.00 8.33  ? 21   ASN A N   1 
ATOM   249 C  CA  . ASN A 1 21 ? 2.841  -3.109 8.876   1.00 8.86  ? 21   ASN A CA  1 
ATOM   250 C  C   . ASN A 1 21 ? 3.330  -2.098 9.932   1.00 7.57  ? 21   ASN A C   1 
ATOM   251 O  O   . ASN A 1 21 ? 3.553  -2.436 11.078  1.00 7.02  ? 21   ASN A O   1 
ATOM   252 C  CB  . ASN A 1 21 ? 3.978  -3.674 8.070   1.00 12.88 ? 21   ASN A CB  1 
ATOM   253 C  CG  . ASN A 1 21 ? 3.547  -4.943 7.279   1.00 16.54 ? 21   ASN A CG  1 
ATOM   254 O  OD1 . ASN A 1 21 ? 2.653  -5.650 7.696   1.00 21.42 ? 21   ASN A OD1 1 
ATOM   255 N  ND2 . ASN A 1 21 ? 4.052  -5.069 6.049   1.00 22.56 ? 21   ASN A ND2 1 
ATOM   256 N  N   . GLU A 1 22 ? 3.501  -0.840 9.529   1.00 6.97  ? 22   GLU A N   1 
ATOM   257 C  CA  . GLU A 1 22 ? 3.909  0.190  10.452  1.00 6.33  ? 22   GLU A CA  1 
ATOM   258 C  C   . GLU A 1 22 ? 2.806  0.455  11.490  1.00 5.92  ? 22   GLU A C   1 
ATOM   259 O  O   . GLU A 1 22 ? 3.066  0.611  12.677  1.00 6.11  ? 22   GLU A O   1 
ATOM   260 C  CB  A GLU A 1 22 ? 4.333  1.432  9.668   0.70 7.89  ? 22   GLU A CB  1 
ATOM   261 C  CB  B GLU A 1 22 ? 4.208  1.532  9.742   0.30 7.02  ? 22   GLU A CB  1 
ATOM   262 C  CG  A GLU A 1 22 ? 4.976  2.456  10.489  0.70 6.11  ? 22   GLU A CG  1 
ATOM   263 C  CG  B GLU A 1 22 ? 5.618  1.720  9.201   0.30 9.60  ? 22   GLU A CG  1 
ATOM   264 C  CD  A GLU A 1 22 ? 6.467  2.279  10.682  0.70 7.09  ? 22   GLU A CD  1 
ATOM   265 C  CD  B GLU A 1 22 ? 6.658  2.006  10.282  0.30 10.84 ? 22   GLU A CD  1 
ATOM   266 O  OE1 A GLU A 1 22 ? 7.027  1.165  10.537  0.70 8.08  ? 22   GLU A OE1 1 
ATOM   267 O  OE1 B GLU A 1 22 ? 7.175  3.143  10.315  0.30 14.32 ? 22   GLU A OE1 1 
ATOM   268 O  OE2 A GLU A 1 22 ? 7.117  3.312  10.897  0.70 7.54  ? 22   GLU A OE2 1 
ATOM   269 O  OE2 B GLU A 1 22 ? 6.967  1.128  11.108  0.30 8.59  ? 22   GLU A OE2 1 
ATOM   270 N  N   . ILE A 1 23 ? 1.539  0.494  11.030  1.00 5.06  ? 23   ILE A N   1 
ATOM   271 C  CA  . ILE A 1 23 ? 0.417  0.615  11.951  1.00 5.01  ? 23   ILE A CA  1 
ATOM   272 C  C   . ILE A 1 23 ? 0.455  -0.520 12.972  1.00 5.20  ? 23   ILE A C   1 
ATOM   273 O  O   . ILE A 1 23 ? 0.223  -0.310 14.172  1.00 5.85  ? 23   ILE A O   1 
ATOM   274 C  CB  . ILE A 1 23 ? -0.931 0.620  11.186  1.00 5.56  ? 23   ILE A CB  1 
ATOM   275 C  CG1 . ILE A 1 23 ? -1.055 1.851  10.294  1.00 5.60  ? 23   ILE A CG1 1 
ATOM   276 C  CG2 . ILE A 1 23 ? -2.104 0.520  12.104  1.00 6.70  ? 23   ILE A CG2 1 
ATOM   277 C  CD1 . ILE A 1 23 ? -2.104 1.702  9.227   1.00 6.70  ? 23   ILE A CD1 1 
ATOM   278 N  N   . ALA A 1 24 ? 0.697  -1.745 12.503  1.00 5.35  ? 24   ALA A N   1 
ATOM   279 C  CA  . ALA A 1 24 ? 0.691  -2.896 13.391  1.00 5.61  ? 24   ALA A CA  1 
ATOM   280 C  C   . ALA A 1 24 ? 1.779  -2.743 14.472  1.00 5.52  ? 24   ALA A C   1 
ATOM   281 O  O   . ALA A 1 24 ? 1.582  -3.143 15.621  1.00 6.04  ? 24   ALA A O   1 
ATOM   282 C  CB  . ALA A 1 24 ? 0.882  -4.204 12.593  1.00 7.24  ? 24   ALA A CB  1 
ATOM   283 N  N   . ARG A 1 25 ? 2.940  -2.203 14.087  1.00 5.45  ? 25   ARG A N   1 
ATOM   284 C  CA  . ARG A 1 25 ? 3.993  -1.943 15.052  1.00 5.72  ? 25   ARG A CA  1 
ATOM   285 C  C   . ARG A 1 25 ? 3.497  -0.943 16.112  1.00 5.49  ? 25   ARG A C   1 
ATOM   286 O  O   . ARG A 1 25 ? 3.701  -1.169 17.320  1.00 6.57  ? 25   ARG A O   1 
ATOM   287 C  CB  . ARG A 1 25 ? 5.223  -1.427 14.339  1.00 5.59  ? 25   ARG A CB  1 
ATOM   288 C  CG  . ARG A 1 25 ? 6.369  -1.058 15.271  1.00 6.37  ? 25   ARG A CG  1 
ATOM   289 C  CD  . ARG A 1 25 ? 7.594  -0.701 14.493  1.00 6.53  ? 25   ARG A CD  1 
ATOM   290 N  NE  . ARG A 1 25 ? 8.755  -0.436 15.333  1.00 7.69  ? 25   ARG A NE  1 
ATOM   291 C  CZ  . ARG A 1 25 ? 8.966  0.699  15.991  1.00 6.88  ? 25   ARG A CZ  1 
ATOM   292 N  NH1 . ARG A 1 25 ? 8.241  1.772  15.781  1.00 8.12  ? 25   ARG A NH1 1 
ATOM   293 N  NH2 . ARG A 1 25 ? 9.976  0.759  16.835  1.00 8.88  ? 25   ARG A NH2 1 
ATOM   294 N  N   . ASN A 1 26 ? 2.876  0.131  15.680  1.00 5.48  ? 26   ASN A N   1 
ATOM   295 C  CA  . ASN A 1 26 ? 2.359  1.113  16.616  1.00 5.91  ? 26   ASN A CA  1 
ATOM   296 C  C   . ASN A 1 26 ? 1.263  0.530  17.512  1.00 5.65  ? 26   ASN A C   1 
ATOM   297 O  O   . ASN A 1 26 ? 1.224  0.834  18.703  1.00 6.65  ? 26   ASN A O   1 
ATOM   298 C  CB  . ASN A 1 26 ? 1.906  2.364  15.881  1.00 5.85  ? 26   ASN A CB  1 
ATOM   299 C  CG  . ASN A 1 26 ? 3.055  3.132  15.282  1.00 5.93  ? 26   ASN A CG  1 
ATOM   300 O  OD1 . ASN A 1 26 ? 4.199  2.948  15.679  1.00 7.75  ? 26   ASN A OD1 1 
ATOM   301 N  ND2 . ASN A 1 26 ? 2.752  4.007  14.316  1.00 6.69  ? 26   ASN A ND2 1 
ATOM   302 N  N   . THR A 1 27 ? 0.386  -0.284 16.949  1.00 5.46  ? 27   THR A N   1 
ATOM   303 C  CA  . THR A 1 27 ? -0.671 -0.935 17.705  1.00 5.77  ? 27   THR A CA  1 
ATOM   304 C  C   . THR A 1 27 ? -0.096 -1.740 18.847  1.00 6.77  ? 27   THR A C   1 
ATOM   305 O  O   . THR A 1 27 ? -0.555 -1.694 19.980  1.00 7.70  ? 27   THR A O   1 
ATOM   306 C  CB  . THR A 1 27 ? -1.498 -1.803 16.783  1.00 6.18  ? 27   THR A CB  1 
ATOM   307 O  OG1 . THR A 1 27 ? -2.171 -0.977 15.856  1.00 6.72  ? 27   THR A OG1 1 
ATOM   308 C  CG2 . THR A 1 27 ? -2.480 -2.708 17.498  1.00 7.94  ? 27   THR A CG2 1 
ATOM   309 N  N   . LYS A 1 28 ? 0.963  -2.487 18.549  1.00 7.16  ? 28   LYS A N   1 
ATOM   310 C  CA  . LYS A 1 28 ? 1.606  -3.307 19.572  1.00 8.20  ? 28   LYS A CA  1 
ATOM   311 C  C   . LYS A 1 28 ? 2.212  -2.404 20.627  1.00 8.54  ? 28   LYS A C   1 
ATOM   312 O  O   . LYS A 1 28 ? 2.116  -2.714 21.827  1.00 10.97 ? 28   LYS A O   1 
ATOM   313 C  CB  . LYS A 1 28 ? 2.678  -4.217 18.916  1.00 11.06 ? 28   LYS A CB  1 
ATOM   314 C  CG  . LYS A 1 28 ? 3.437  -5.099 19.818  1.00 15.35 ? 28   LYS A CG  1 
ATOM   315 C  CD  . LYS A 1 28 ? 4.427  -6.056 19.109  1.00 21.22 ? 28   LYS A CD  1 
ATOM   316 C  CE  . LYS A 1 28 ? 5.134  -6.956 20.127  1.00 29.30 ? 28   LYS A CE  1 
ATOM   317 N  NZ  . LYS A 1 28 ? 6.551  -6.556 20.323  1.00 40.57 ? 28   LYS A NZ  1 
ATOM   318 N  N   . LEU A 1 29 ? 2.882  -1.330 20.228  1.00 8.39  ? 29   LEU A N   1 
ATOM   319 C  CA  . LEU A 1 29 ? 3.530  -0.461 21.159  1.00 9.54  ? 29   LEU A CA  1 
ATOM   320 C  C   . LEU A 1 29 ? 2.597  0.309  22.071  1.00 10.64 ? 29   LEU A C   1 
ATOM   321 O  O   . LEU A 1 29 ? 2.981  0.651  23.197  1.00 14.61 ? 29   LEU A O   1 
ATOM   322 C  CB  . LEU A 1 29 ? 4.517  0.469  20.446  1.00 9.89  ? 29   LEU A CB  1 
ATOM   323 C  CG  . LEU A 1 29 ? 5.758  -0.219 19.967  1.00 9.88  ? 29   LEU A CG  1 
ATOM   324 C  CD1 . LEU A 1 29 ? 6.565  0.671  19.005  1.00 11.41 ? 29   LEU A CD1 1 
ATOM   325 C  CD2 . LEU A 1 29 ? 6.654  -0.548 21.173  1.00 15.14 ? 29   LEU A CD2 1 
ATOM   326 N  N   . VAL A 1 30 ? 1.371  0.585  21.597  1.00 10.19 ? 30   VAL A N   1 
ATOM   327 C  CA  A VAL A 1 30 ? 0.396  1.296  22.445  0.50 11.22 ? 30   VAL A CA  1 
ATOM   328 C  CA  B VAL A 1 30 ? 0.319  1.150  22.465  0.50 11.62 ? 30   VAL A CA  1 
ATOM   329 C  C   A VAL A 1 30 ? -0.382 0.412  23.371  0.50 13.74 ? 30   VAL A C   1 
ATOM   330 C  C   B VAL A 1 30 ? -0.519 0.072  23.216  0.50 8.51  ? 30   VAL A C   1 
ATOM   331 O  O   A VAL A 1 30 ? -1.033 0.892  24.304  0.50 17.56 ? 30   VAL A O   1 
ATOM   332 O  O   B VAL A 1 30 ? -1.357 0.433  24.008  0.50 14.08 ? 30   VAL A O   1 
ATOM   333 C  CB  . VAL A 1 30 ? -0.616 2.155  21.699  1.00 12.92 ? 30   VAL A CB  1 
ATOM   334 C  CG1 . VAL A 1 30 ? 0.127  3.293  21.098  1.00 16.08 ? 30   VAL A CG1 1 
ATOM   335 C  CG2 . VAL A 1 30 ? -1.499 1.485  20.749  1.00 11.23 ? 30   VAL A CG2 1 
ATOM   336 N  N   A GLY A 1 31 ? -0.344 -0.871 23.080  0.50 14.90 ? 31   GLY A N   1 
ATOM   337 N  N   B GLY A 1 31 ? -0.284 -1.216 22.957  0.50 9.05  ? 31   GLY A N   1 
ATOM   338 C  CA  A GLY A 1 31 ? -1.157 -1.833 23.764  0.50 14.92 ? 31   GLY A CA  1 
ATOM   339 C  CA  B GLY A 1 31 ? -0.988 -2.306 23.630  0.50 10.96 ? 31   GLY A CA  1 
ATOM   340 C  C   A GLY A 1 31 ? -0.572 -2.171 25.103  0.50 11.78 ? 31   GLY A C   1 
ATOM   341 C  C   B GLY A 1 31 ? -0.387 -2.680 24.970  0.50 12.63 ? 31   GLY A C   1 
ATOM   342 O  O   A GLY A 1 31 ? 0.554  -1.822 25.431  0.50 11.56 ? 31   GLY A O   1 
ATOM   343 O  O   B GLY A 1 31 ? 0.765  -2.386 25.267  0.50 16.43 ? 31   GLY A O   1 
ATOM   344 N  N   A GLU A 1 32 ? -1.350 -2.887 25.883  0.50 11.88 ? 32   GLU A N   1 
ATOM   345 N  N   B GLU A 1 32 ? -1.162 -3.373 25.787  0.50 17.92 ? 32   GLU A N   1 
ATOM   346 C  CA  A GLU A 1 32 ? -1.012 -3.126 27.252  0.50 12.83 ? 32   GLU A CA  1 
ATOM   347 C  CA  B GLU A 1 32 ? -0.712 -3.681 27.130  0.50 17.91 ? 32   GLU A CA  1 
ATOM   348 C  C   A GLU A 1 32 ? -0.175 -4.398 27.380  0.50 20.79 ? 32   GLU A C   1 
ATOM   349 C  C   B GLU A 1 32 ? 0.138  -4.953 27.074  0.50 23.42 ? 32   GLU A C   1 
ATOM   350 O  O   A GLU A 1 32 ? -0.645 -5.518 27.155  0.50 25.93 ? 32   GLU A O   1 
ATOM   351 O  O   B GLU A 1 32 ? 0.032  -5.742 26.130  0.50 26.15 ? 32   GLU A O   1 
ATOM   352 C  CB  A GLU A 1 32 ? -2.301 -3.196 28.054  0.50 15.39 ? 32   GLU A CB  1 
ATOM   353 C  CB  B GLU A 1 32 ? -1.891 -3.814 28.083  0.50 16.89 ? 32   GLU A CB  1 
ATOM   354 C  CG  A GLU A 1 32 ? -3.152 -1.921 27.993  0.50 17.04 ? 32   GLU A CG  1 
ATOM   355 C  CG  B GLU A 1 32 ? -2.600 -2.471 28.442  0.50 15.78 ? 32   GLU A CG  1 
ATOM   356 C  CD  A GLU A 1 32 ? -2.470 -0.700 28.612  0.50 22.82 ? 32   GLU A CD  1 
ATOM   357 C  CD  B GLU A 1 32 ? -1.786 -1.540 29.363  0.50 22.90 ? 32   GLU A CD  1 
ATOM   358 O  OE1 A GLU A 1 32 ? -1.461 -0.848 29.355  0.50 15.41 ? 32   GLU A OE1 1 
ATOM   359 O  OE1 B GLU A 1 32 ? -1.160 -1.981 30.361  0.50 23.07 ? 32   GLU A OE1 1 
ATOM   360 O  OE2 A GLU A 1 32 ? -2.959 0.424  28.372  0.50 32.35 ? 32   GLU A OE2 1 
ATOM   361 O  OE2 B GLU A 1 32 ? -1.787 -0.319 29.084  0.50 25.40 ? 32   GLU A OE2 1 
HETATM 362 BR BR  . BR  B 2 .  ? -5.693 2.456  -6.195  0.33 15.76 ? 1033 BR  A BR  1 
HETATM 363 BR BR  . BR  C 2 .  ? -3.012 3.402  3.998   0.33 11.85 ? 1034 BR  A BR  1 
HETATM 364 BR BR  . BR  D 2 .  ? -0.518 4.277  13.481  0.33 8.69  ? 1035 BR  A BR  1 
HETATM 365 O  O   . HOH E 3 .  ? -1.476 -7.193 12.464  1.00 27.34 ? 2001 HOH A O   1 
HETATM 366 O  O   . HOH E 3 .  ? 6.234  1.003  -5.713  1.00 38.67 ? 2002 HOH A O   1 
HETATM 367 O  O   . HOH E 3 .  ? 2.059  5.944  -14.409 0.50 26.43 ? 2003 HOH A O   1 
HETATM 368 O  O   . HOH E 3 .  ? 0.595  4.715  -20.878 0.50 21.46 ? 2004 HOH A O   1 
HETATM 369 O  O   . HOH E 3 .  ? 5.939  2.640  0.639   1.00 24.55 ? 2005 HOH A O   1 
HETATM 370 O  O   . HOH E 3 .  ? 6.422  2.790  6.428   0.50 21.21 ? 2006 HOH A O   1 
HETATM 371 O  O   . HOH E 3 .  ? 7.028  5.558  4.246   1.00 35.69 ? 2007 HOH A O   1 
HETATM 372 O  O   . HOH E 3 .  ? -4.105 -6.533 6.098   1.00 39.65 ? 2008 HOH A O   1 
HETATM 373 O  O   . HOH E 3 .  ? -2.851 -5.472 10.394  1.00 25.54 ? 2009 HOH A O   1 
HETATM 374 O  O   . HOH E 3 .  ? 7.500  -3.716 11.711  0.50 11.25 ? 2010 HOH A O   1 
HETATM 375 O  O   . HOH E 3 .  ? 1.229  -7.875 12.505  1.00 30.84 ? 2011 HOH A O   1 
HETATM 376 O  O   . HOH E 3 .  ? 8.537  5.099  6.728   1.00 35.07 ? 2012 HOH A O   1 
HETATM 377 O  O   . HOH E 3 .  ? 2.133  -6.989 15.271  1.00 18.54 ? 2013 HOH A O   1 
HETATM 378 O  O   . HOH E 3 .  ? -2.065 -5.410 14.477  1.00 11.30 ? 2014 HOH A O   1 
HETATM 379 O  O   . HOH E 3 .  ? -2.786 -3.410 -10.595 1.00 34.62 ? 2015 HOH A O   1 
HETATM 380 O  O   . HOH E 3 .  ? 10.134 0.838  20.646  1.00 17.22 ? 2016 HOH A O   1 
HETATM 381 O  O   . HOH E 3 .  ? 6.254  -4.791 15.996  1.00 20.48 ? 2017 HOH A O   1 
HETATM 382 O  O   . HOH E 3 .  ? -3.112 -4.784 20.574  0.50 12.77 ? 2018 HOH A O   1 
HETATM 383 O  O   . HOH E 3 .  ? 8.484  -3.169 23.465  1.00 44.61 ? 2019 HOH A O   1 
HETATM 384 O  O   . HOH E 3 .  ? -1.026 -5.671 21.116  1.00 25.54 ? 2020 HOH A O   1 
HETATM 385 O  O   . HOH E 3 .  ? 7.337  1.745  -13.098 1.00 24.42 ? 2021 HOH A O   1 
HETATM 386 O  O   . HOH E 3 .  ? 3.714  5.259  -12.916 1.00 27.03 ? 2022 HOH A O   1 
HETATM 387 O  O   . HOH E 3 .  ? 3.862  -0.634 -9.604  1.00 28.97 ? 2023 HOH A O   1 
HETATM 388 O  O   . HOH E 3 .  ? 1.817  8.551  -10.062 1.00 28.51 ? 2024 HOH A O   1 
HETATM 389 O  O   . HOH E 3 .  ? -2.573 -4.918 -8.437  0.50 38.12 ? 2025 HOH A O   1 
HETATM 390 O  O   . HOH E 3 .  ? 2.667  -4.118 -5.888  0.50 32.11 ? 2026 HOH A O   1 
HETATM 391 O  O   . HOH E 3 .  ? 4.688  -0.978 -6.967  1.00 39.08 ? 2027 HOH A O   1 
HETATM 392 O  O   . HOH E 3 .  ? 0.430  5.426  -7.794  1.00 23.96 ? 2028 HOH A O   1 
HETATM 393 O  O   . HOH E 3 .  ? 3.327  6.667  -10.709 1.00 31.66 ? 2029 HOH A O   1 
HETATM 394 O  O   . HOH E 3 .  ? 4.844  2.433  -3.927  1.00 20.65 ? 2030 HOH A O   1 
HETATM 395 O  O   . HOH E 3 .  ? 4.587  6.697  -6.652  0.50 41.27 ? 2031 HOH A O   1 
HETATM 396 O  O   . HOH E 3 .  ? -1.416 -4.012 0.298   1.00 19.44 ? 2032 HOH A O   1 
HETATM 397 O  O   . HOH E 3 .  ? -3.381 -4.356 -6.156  1.00 23.93 ? 2033 HOH A O   1 
HETATM 398 O  O   . HOH E 3 .  ? 5.846  1.184  -1.615  1.00 23.77 ? 2034 HOH A O   1 
HETATM 399 O  O   . HOH E 3 .  ? 1.253  5.862  -5.209  1.00 24.09 ? 2035 HOH A O   1 
HETATM 400 O  O   . HOH E 3 .  ? 3.905  3.315  2.623   1.00 19.65 ? 2036 HOH A O   1 
HETATM 401 O  O   . HOH E 3 .  ? 6.424  -3.344 5.503   1.00 20.60 ? 2037 HOH A O   1 
HETATM 402 O  O   . HOH E 3 .  ? 9.195  -4.365 4.031   1.00 30.94 ? 2038 HOH A O   1 
HETATM 403 O  O   . HOH E 3 .  ? 6.159  -1.121 7.050   1.00 16.69 ? 2039 HOH A O   1 
HETATM 404 O  O   . HOH E 3 .  ? 4.112  3.963  7.183   1.00 10.90 ? 2040 HOH A O   1 
HETATM 405 O  O   . HOH E 3 .  ? 5.518  2.987  5.065   0.50 19.25 ? 2041 HOH A O   1 
HETATM 406 O  O   . HOH E 3 .  ? -3.951 -3.703 4.555   1.00 21.16 ? 2042 HOH A O   1 
HETATM 407 O  O   . HOH E 3 .  ? -2.270 -2.862 10.926  1.00 8.62  ? 2043 HOH A O   1 
HETATM 408 O  O   . HOH E 3 .  ? -1.777 -4.178 3.154   1.00 24.45 ? 2044 HOH A O   1 
HETATM 409 O  O   . HOH E 3 .  ? 1.050  -5.386 5.522   1.00 25.91 ? 2045 HOH A O   1 
HETATM 410 O  O   . HOH E 3 .  ? 0.797  -6.362 9.439   1.00 32.39 ? 2046 HOH A O   1 
HETATM 411 O  O   . HOH E 3 .  ? 2.973  -6.743 10.657  1.00 37.48 ? 2047 HOH A O   1 
HETATM 412 O  O   . HOH E 3 .  ? 4.935  -4.667 11.962  1.00 12.76 ? 2048 HOH A O   1 
HETATM 413 O  O   . HOH E 3 .  ? 7.388  -5.557 6.544   1.00 32.52 ? 2049 HOH A O   1 
HETATM 414 O  O   . HOH E 3 .  ? 7.080  -1.455 9.804   1.00 13.47 ? 2050 HOH A O   1 
HETATM 415 O  O   . HOH E 3 .  ? 9.056  1.801  8.610   1.00 27.99 ? 2051 HOH A O   1 
HETATM 416 O  O   . HOH E 3 .  ? 9.077  4.108  8.886   1.00 24.56 ? 2052 HOH A O   1 
HETATM 417 O  O   . HOH E 3 .  ? 6.161  5.779  10.588  1.00 8.00  ? 2053 HOH A O   1 
HETATM 418 O  O   . HOH E 3 .  ? 0.068  -5.377 16.206  1.00 9.39  ? 2054 HOH A O   1 
HETATM 419 O  O   . HOH E 3 .  ? 4.332  -5.506 14.418  1.00 17.82 ? 2055 HOH A O   1 
HETATM 420 O  O   . HOH E 3 .  ? 5.767  -3.185 18.047  1.00 15.92 ? 2056 HOH A O   1 
HETATM 421 O  O   . HOH E 3 .  ? 10.290 2.857  18.875  1.00 13.12 ? 2057 HOH A O   1 
HETATM 422 O  O   . HOH E 3 .  ? 6.166  2.316  13.890  1.00 9.43  ? 2058 HOH A O   1 
HETATM 423 O  O   . HOH E 3 .  ? -3.187 -1.924 20.920  1.00 10.65 ? 2059 HOH A O   1 
HETATM 424 O  O   . HOH E 3 .  ? 0.834  -4.924 22.858  1.00 25.97 ? 2060 HOH A O   1 
HETATM 425 O  O   . HOH E 3 .  ? 8.525  -5.925 18.673  0.50 18.39 ? 2061 HOH A O   1 
HETATM 426 O  O   . HOH E 3 .  ? 6.261  -4.055 20.935  1.00 35.46 ? 2062 HOH A O   1 
HETATM 427 O  O   . HOH E 3 .  ? 7.197  -7.973 22.216  1.00 36.35 ? 2063 HOH A O   1 
HETATM 428 O  O   . HOH E 3 .  ? 5.289  1.826  24.338  1.00 37.73 ? 2064 HOH A O   1 
HETATM 429 O  O   . HOH E 3 .  ? 3.341  -2.361 24.578  1.00 34.15 ? 2065 HOH A O   1 
HETATM 430 O  O   . HOH E 3 .  ? -3.826 -4.157 24.776  1.00 12.58 ? 2066 HOH A O   1 
HETATM 431 O  O   . HOH E 3 .  ? -2.388 -3.939 31.839  1.00 39.55 ? 2067 HOH A O   1 
HETATM 432 O  O   . HOH E 3 .  ? -3.488 0.888  25.750  1.00 32.64 ? 2068 HOH A O   1 
HETATM 433 O  O   . HOH E 3 .  ? -0.051 -8.353 25.422  1.00 41.53 ? 2069 HOH A O   1 
HETATM 434 O  O   . HOH E 3 .  ? -0.287 -2.417 31.028  0.50 21.73 ? 2070 HOH A O   1 
# 
loop_
_atom_site_anisotrop.id 
_atom_site_anisotrop.type_symbol 
_atom_site_anisotrop.pdbx_label_atom_id 
_atom_site_anisotrop.pdbx_label_alt_id 
_atom_site_anisotrop.pdbx_label_comp_id 
_atom_site_anisotrop.pdbx_label_asym_id 
_atom_site_anisotrop.pdbx_label_seq_id 
_atom_site_anisotrop.pdbx_PDB_ins_code 
_atom_site_anisotrop.U[1][1] 
_atom_site_anisotrop.U[2][2] 
_atom_site_anisotrop.U[3][3] 
_atom_site_anisotrop.U[1][2] 
_atom_site_anisotrop.U[1][3] 
_atom_site_anisotrop.U[2][3] 
_atom_site_anisotrop.pdbx_auth_seq_id 
_atom_site_anisotrop.pdbx_auth_comp_id 
_atom_site_anisotrop.pdbx_auth_asym_id 
_atom_site_anisotrop.pdbx_auth_atom_id 
1   N  N   A ARG A 1  ? 0.2672 0.3689 0.1072 0.0205  -0.0459 0.0386  1    ARG A N   
2   N  N   B ARG A 1  ? 0.3090 0.3384 0.2640 -0.0075 0.0279  -0.0358 1    ARG A N   
3   C  CA  A ARG A 1  ? 0.3055 0.3360 0.3053 -0.0112 -0.0205 -0.0285 1    ARG A CA  
4   C  CA  B ARG A 1  ? 0.2227 0.2934 0.2296 -0.0089 -0.0032 -0.0065 1    ARG A CA  
5   C  C   A ARG A 1  ? 0.3454 0.3506 0.3342 0.0028  0.0039  -0.0080 1    ARG A C   
6   C  C   B ARG A 1  ? 0.1650 0.2233 0.2126 0.0483  -0.0300 -0.0261 1    ARG A C   
7   O  O   A ARG A 1  ? 0.3372 0.3096 0.3454 -0.0166 0.0335  -0.0117 1    ARG A O   
8   O  O   B ARG A 1  ? 0.1566 0.2676 0.1242 0.0522  -0.0330 -0.0284 1    ARG A O   
9   C  CB  A ARG A 1  ? 0.4137 0.3739 0.4053 -0.0044 0.0008  -0.0123 1    ARG A CB  
10  C  CB  B ARG A 1  ? 0.3174 0.2984 0.2600 0.0227  -0.0123 0.0086  1    ARG A CB  
11  N  N   A MET A 2  ? 0.2537 0.3435 0.2131 0.0078  -0.0137 0.0001  2    MET A N   
12  N  N   B MET A 2  ? 0.2869 0.2926 0.2532 -0.0347 0.0241  -0.0253 2    MET A N   
13  C  CA  A MET A 2  ? 0.2950 0.3713 0.2350 0.0077  0.0140  0.0245  2    MET A CA  
14  C  CA  B MET A 2  ? 0.2600 0.2707 0.1200 0.0587  -0.0384 -0.0291 2    MET A CA  
15  C  C   A MET A 2  ? 0.2341 0.3138 0.2155 -0.0040 0.0457  0.0028  2    MET A C   
16  C  C   B MET A 2  ? 0.1869 0.1974 0.1586 0.0008  0.0209  0.0193  2    MET A C   
17  O  O   A MET A 2  ? 0.3068 0.3095 0.2055 -0.0288 0.0316  0.0146  2    MET A O   
18  O  O   B MET A 2  ? 0.1955 0.2079 0.0944 0.0046  0.0031  0.0241  2    MET A O   
19  C  CB  A MET A 2  ? 0.4157 0.3783 0.3939 0.0028  0.0134  0.0022  2    MET A CB  
20  C  CB  B MET A 2  ? 0.2752 0.2954 0.2463 0.0177  -0.0391 -0.0061 2    MET A CB  
21  C  CG  A MET A 2  ? 0.4557 0.4685 0.4651 0.0009  -0.0154 0.0004  2    MET A CG  
22  C  CG  B MET A 2  ? 0.3854 0.3371 0.3652 -0.0099 -0.0015 0.0257  2    MET A CG  
23  S  SD  A MET A 2  ? 0.4891 0.4374 0.4761 -0.0128 0.0032  -0.0038 2    MET A SD  
24  S  SD  B MET A 2  ? 0.4483 0.4431 0.4364 -0.0332 -0.0651 -0.0215 2    MET A SD  
25  C  CE  A MET A 2  ? 0.1778 0.3449 0.2963 0.0027  -0.0045 0.0242  2    MET A CE  
26  C  CE  B MET A 2  ? 0.4970 0.6168 0.5539 0.0946  0.0482  -0.1268 2    MET A CE  
27  N  N   A LYS A 3  ? 0.2427 0.2798 0.1498 -0.0330 0.0417  -0.0010 3    LYS A N   
28  N  N   B LYS A 3  ? 0.1898 0.2275 0.0994 0.0073  -0.0405 -0.0025 3    LYS A N   
29  C  CA  A LYS A 3  ? 0.2956 0.2816 0.2930 -0.0042 -0.0095 -0.0036 3    LYS A CA  
30  C  CA  B LYS A 3  ? 0.1822 0.2571 0.1470 0.0448  -0.0063 -0.0031 3    LYS A CA  
31  C  C   A LYS A 3  ? 0.2094 0.2329 0.2051 -0.0054 -0.0216 0.0313  3    LYS A C   
32  C  C   B LYS A 3  ? 0.1999 0.1954 0.1908 0.0617  -0.0450 0.0479  3    LYS A C   
33  O  O   A LYS A 3  ? 0.2080 0.1990 0.1188 -0.0228 0.0349  0.0594  3    LYS A O   
34  O  O   B LYS A 3  ? 0.1513 0.1455 0.1321 0.0222  -0.0081 0.0258  3    LYS A O   
35  C  CB  A LYS A 3  ? 0.3582 0.4112 0.3839 0.0196  0.0279  0.0085  3    LYS A CB  
36  C  CB  B LYS A 3  ? 0.1898 0.2674 0.1595 0.0512  0.0001  -0.0199 3    LYS A CB  
37  C  CG  A LYS A 3  ? 0.4848 0.4540 0.4738 0.0026  -0.0118 -0.0167 3    LYS A CG  
38  C  CG  B LYS A 3  ? 0.3081 0.2989 0.2851 -0.0111 0.0098  -0.0406 3    LYS A CG  
39  N  N   A GLN A 4  ? 0.1302 0.2192 0.1612 0.0353  0.0446  0.0641  4    GLN A N   
40  N  N   B GLN A 4  ? 0.1857 0.2019 0.0682 0.0080  -0.0091 -0.0331 4    GLN A N   
41  C  CA  A GLN A 4  ? 0.2607 0.2529 0.2492 -0.0458 0.0368  0.0417  4    GLN A CA  
42  C  CA  B GLN A 4  ? 0.1621 0.2532 0.0497 -0.0547 0.0231  0.0558  4    GLN A CA  
43  C  C   A GLN A 4  ? 0.2107 0.3476 0.1705 -0.0245 -0.0386 -0.0261 4    GLN A C   
44  C  C   B GLN A 4  ? 0.1103 0.3664 0.1390 -0.0231 0.0487  0.0256  4    GLN A C   
45  O  O   A GLN A 4  ? 0.1892 0.2234 0.1317 -0.0009 -0.0255 0.0361  4    GLN A O   
46  O  O   B GLN A 4  ? 0.1737 0.1619 0.1687 0.0246  0.0380  0.0698  4    GLN A O   
47  C  CB  A GLN A 4  ? 0.1545 0.1660 0.1612 0.0387  0.0219  0.0595  4    GLN A CB  
48  C  CB  B GLN A 4  ? 0.1758 0.2218 0.1097 -0.0105 -0.0275 -0.0245 4    GLN A CB  
49  C  CG  A GLN A 4  ? 0.1541 0.2226 0.2137 -0.0050 0.0475  0.0145  4    GLN A CG  
50  C  CG  B GLN A 4  ? 0.1250 0.2156 0.2107 -0.0374 -0.0259 -0.0340 4    GLN A CG  
51  C  CD  A GLN A 4  ? 0.1339 0.2054 0.2009 -0.0474 0.0070  -0.0353 4    GLN A CD  
52  C  CD  B GLN A 4  ? 0.1652 0.3223 0.2961 0.0804  0.0340  0.0367  4    GLN A CD  
53  O  OE1 A GLN A 4  ? 0.2051 0.3054 0.2764 0.0092  0.0043  0.0068  4    GLN A OE1 
54  O  OE1 B GLN A 4  ? 0.3503 0.3514 0.4458 -0.0145 -0.0025 0.0055  4    GLN A OE1 
55  N  NE2 A GLN A 4  ? 0.1851 0.1758 0.2363 -0.0531 0.0115  -0.0051 4    GLN A NE2 
56  N  NE2 B GLN A 4  ? 0.2733 0.3595 0.3413 -0.0032 -0.0208 -0.0602 4    GLN A NE2 
57  N  N   A LEU A 5  ? 0.1956 0.3124 0.2219 -0.0058 0.0137  0.0289  5    LEU A N   
58  N  N   B LEU A 5  ? 0.1864 0.3385 0.1663 -0.0138 -0.0313 0.0781  5    LEU A N   
59  C  CA  A LEU A 5  ? 0.1526 0.2367 0.1217 -0.0016 -0.0312 0.0063  5    LEU A CA  
60  C  CA  B LEU A 5  ? 0.2061 0.2454 0.2106 0.0188  0.0004  0.0614  5    LEU A CA  
61  C  C   A LEU A 5  ? 0.1012 0.1976 0.1556 0.0064  -0.0054 -0.0100 5    LEU A C   
62  C  C   B LEU A 5  ? 0.1897 0.1885 0.1738 -0.0107 -0.0180 0.0259  5    LEU A C   
63  O  O   A LEU A 5  ? 0.1815 0.2047 0.1596 0.0284  0.0150  0.0069  5    LEU A O   
64  O  O   B LEU A 5  ? 0.1327 0.2551 0.1219 0.0144  0.0591  0.0253  5    LEU A O   
65  C  CB  A LEU A 5  ? 0.1928 0.2833 0.2001 0.0232  -0.0289 0.0419  5    LEU A CB  
66  C  CB  B LEU A 5  ? 0.2406 0.3074 0.2362 0.0335  -0.0326 0.0491  5    LEU A CB  
67  C  CG  . LEU A 5  ? 0.2690 0.2958 0.2688 0.0869  -0.0407 0.0218  5    LEU A CG  
68  C  CD1 . LEU A 5  ? 0.2837 0.3915 0.3933 0.1024  -0.0749 0.0134  5    LEU A CD1 
69  C  CD2 . LEU A 5  ? 0.4021 0.3576 0.3735 0.0081  -0.0164 -0.0107 5    LEU A CD2 
70  N  N   A GLU A 6  ? 0.2132 0.1696 0.1644 -0.0025 -0.0049 -0.0215 6    GLU A N   
71  N  N   B GLU A 6  ? 0.1619 0.2374 0.0603 0.0219  0.0256  0.0383  6    GLU A N   
72  C  CA  A GLU A 6  ? 0.1560 0.2234 0.1318 0.0051  0.0498  0.0005  6    GLU A CA  
73  C  CA  B GLU A 6  ? 0.1970 0.2644 0.0946 0.0239  0.0160  0.0358  6    GLU A CA  
74  C  C   A GLU A 6  ? 0.1242 0.1831 0.0739 0.0265  0.0475  -0.0138 6    GLU A C   
75  C  C   B GLU A 6  ? 0.1764 0.1650 0.1095 -0.0475 0.0071  0.0115  6    GLU A C   
76  O  O   A GLU A 6  ? 0.1686 0.1770 0.0747 -0.0145 0.0208  -0.0064 6    GLU A O   
77  O  O   B GLU A 6  ? 0.1712 0.1634 0.0903 -0.0362 0.0279  0.0065  6    GLU A O   
78  C  CB  A GLU A 6  ? 0.2694 0.2480 0.1664 0.0271  0.0310  -0.0203 6    GLU A CB  
79  C  CB  B GLU A 6  ? 0.2157 0.2299 0.2041 -0.0252 0.0526  0.0176  6    GLU A CB  
80  C  CG  A GLU A 6  ? 0.2971 0.3138 0.2760 -0.0097 -0.0073 -0.0274 6    GLU A CG  
81  C  CG  B GLU A 6  ? 0.3707 0.3934 0.3793 -0.0040 -0.0363 -0.0182 6    GLU A CG  
82  C  CD  A GLU A 6  ? 0.3893 0.3538 0.3204 -0.0177 0.0115  -0.0729 6    GLU A CD  
83  C  CD  B GLU A 6  ? 0.4461 0.3635 0.3745 -0.0174 -0.0149 -0.0274 6    GLU A CD  
84  O  OE1 A GLU A 6  ? 0.4922 0.4459 0.4872 0.0132  -0.0144 -0.0048 6    GLU A OE1 
85  O  OE1 B GLU A 6  ? 0.4912 0.5065 0.5180 0.0205  0.0115  0.0002  6    GLU A OE1 
86  O  OE2 A GLU A 6  ? 0.4040 0.4451 0.3854 0.0167  -0.0152 0.0164  6    GLU A OE2 
87  O  OE2 B GLU A 6  ? 0.4242 0.4459 0.4773 0.0088  -0.0080 0.0122  6    GLU A OE2 
88  N  N   A ASP A 7  ? 0.1615 0.2593 0.1108 0.0314  0.0240  0.0073  7    ASP A N   
89  N  N   B ASP A 7  ? 0.0666 0.1519 0.0317 0.0035  0.0053  0.0173  7    ASP A N   
90  C  CA  A ASP A 7  ? 0.1514 0.2106 0.1496 0.0009  0.0222  0.0128  7    ASP A CA  
91  C  CA  B ASP A 7  ? 0.0842 0.1364 0.0875 -0.0151 0.0115  0.0434  7    ASP A CA  
92  C  C   A ASP A 7  ? 0.1816 0.2358 0.1474 0.0545  0.0421  0.0110  7    ASP A C   
93  C  C   B ASP A 7  ? 0.0773 0.2028 0.0614 -0.0254 0.0257  -0.0169 7    ASP A C   
94  O  O   A ASP A 7  ? 0.1817 0.2675 0.1064 0.0440  -0.0065 0.0220  7    ASP A O   
95  O  O   B ASP A 7  ? 0.0969 0.2438 0.1039 -0.0111 0.0151  0.0414  7    ASP A O   
96  C  CB  A ASP A 7  ? 0.1988 0.2176 0.1578 0.0214  0.0171  0.0049  7    ASP A CB  
97  C  CB  B ASP A 7  ? 0.1220 0.1704 0.0568 0.0154  0.0268  0.0205  7    ASP A CB  
98  C  CG  A ASP A 7  ? 0.1873 0.2856 0.1759 0.0013  0.0038  0.0160  7    ASP A CG  
99  C  CG  B ASP A 7  ? 0.1505 0.1378 0.1341 -0.0135 0.0236  0.0424  7    ASP A CG  
100 O  OD1 A ASP A 7  ? 0.2818 0.3772 0.3103 0.0980  -0.0174 0.0141  7    ASP A OD1 
101 O  OD1 B ASP A 7  ? 0.2725 0.1568 0.2376 -0.0324 0.0404  0.0221  7    ASP A OD1 
102 O  OD2 A ASP A 7  ? 0.3362 0.2860 0.2387 -0.0006 -0.0203 0.0346  7    ASP A OD2 
103 O  OD2 B ASP A 7  ? 0.1550 0.1993 0.1909 -0.0325 0.0676  0.0098  7    ASP A OD2 
104 N  N   A LYS A 8  ? 0.0866 0.1978 0.0749 -0.0404 -0.0003 0.0176  8    LYS A N   
105 N  N   B LYS A 8  ? 0.0904 0.2079 0.1431 -0.0237 -0.0204 0.0161  8    LYS A N   
106 C  CA  A LYS A 8  ? 0.0986 0.2237 0.1059 -0.0015 0.0163  -0.0154 8    LYS A CA  
107 C  CA  B LYS A 8  ? 0.1541 0.2202 0.1741 0.0009  -0.0078 0.0056  8    LYS A CA  
108 C  C   A LYS A 8  ? 0.1533 0.1873 0.1610 0.0105  0.0274  0.0239  8    LYS A C   
109 C  C   B LYS A 8  ? 0.1249 0.1894 0.1861 0.0382  0.0198  0.0155  8    LYS A C   
110 O  O   A LYS A 8  ? 0.1529 0.2278 0.1137 0.0637  0.0138  0.0258  8    LYS A O   
111 O  O   B LYS A 8  ? 0.1896 0.1908 0.1871 -0.0111 0.0088  0.0285  8    LYS A O   
112 C  CB  A LYS A 8  ? 0.0949 0.2378 0.1405 -0.0105 -0.0180 0.0361  8    LYS A CB  
113 C  CB  B LYS A 8  ? 0.2063 0.2088 0.2350 0.0087  0.0243  0.0178  8    LYS A CB  
114 C  CG  A LYS A 8  ? 0.1841 0.2350 0.2277 -0.0336 0.0229  0.0373  8    LYS A CG  
115 C  CG  B LYS A 8  ? 0.2515 0.2779 0.2735 -0.0207 0.0153  0.0362  8    LYS A CG  
116 C  CD  . LYS A 8  ? 0.3434 0.2501 0.2994 0.0039  -0.0242 0.0346  8    LYS A CD  
117 C  CE  . LYS A 8  ? 0.4180 0.3291 0.3584 -0.0141 0.0122  0.0644  8    LYS A CE  
118 N  NZ  . LYS A 8  ? 0.3993 0.4001 0.4518 -0.0180 0.0074  0.0105  8    LYS A NZ  
119 N  N   A ILE A 9  ? 0.2051 0.1800 0.1024 -0.0042 0.0364  0.0026  9    ILE A N   
120 N  N   B ILE A 9  ? 0.1622 0.1900 0.1231 0.0148  0.0399  0.0119  9    ILE A N   
121 C  CA  A ILE A 9  ? 0.1769 0.1540 0.1543 -0.0155 0.0168  -0.0092 9    ILE A CA  
122 C  CA  B ILE A 9  ? 0.1468 0.1674 0.1012 0.0185  0.0271  0.0019  9    ILE A CA  
123 C  C   A ILE A 9  ? 0.1664 0.1282 0.0876 -0.0484 0.0346  -0.0274 9    ILE A C   
124 C  C   B ILE A 9  ? 0.1660 0.1991 0.1146 0.0219  -0.0025 -0.0112 9    ILE A C   
125 O  O   A ILE A 9  ? 0.1767 0.1484 0.0906 -0.0658 0.0408  -0.0376 9    ILE A O   
126 O  O   B ILE A 9  ? 0.1628 0.2408 0.0854 -0.0185 0.0004  0.0030  9    ILE A O   
127 C  CB  . ILE A 9  ? 0.2163 0.1393 0.0980 0.0001  0.0399  -0.0093 9    ILE A CB  
128 C  CG1 . ILE A 9  ? 0.1560 0.1939 0.1249 -0.0069 0.0315  -0.0015 9    ILE A CG1 
129 C  CG2 . ILE A 9  ? 0.2622 0.1827 0.1188 -0.0447 -0.0022 0.0164  9    ILE A CG2 
130 C  CD1 . ILE A 9  ? 0.2302 0.1928 0.1432 -0.0159 -0.0144 -0.0239 9    ILE A CD1 
131 N  N   A GLU A 10 ? 0.2068 0.1410 0.0907 0.0072  0.0054  0.0075  10   GLU A N   
132 N  N   B GLU A 10 ? 0.1941 0.1932 0.0948 0.0474  0.0083  0.0050  10   GLU A N   
133 C  CA  A GLU A 10 ? 0.1827 0.1366 0.2051 -0.0062 -0.0125 -0.0146 10   GLU A CA  
134 C  CA  B GLU A 10 ? 0.1581 0.1703 0.1035 0.0193  0.0157  -0.0098 10   GLU A CA  
135 C  C   A GLU A 10 ? 0.1323 0.1180 0.1275 -0.0331 0.0158  0.0201  10   GLU A C   
136 C  C   B GLU A 10 ? 0.1278 0.1875 0.0858 0.0198  -0.0051 -0.0410 10   GLU A C   
137 O  O   A GLU A 10 ? 0.1752 0.1675 0.1022 -0.0356 0.0212  0.0091  10   GLU A O   
138 O  O   B GLU A 10 ? 0.1976 0.2538 0.0866 0.0956  0.0087  -0.0061 10   GLU A O   
139 C  CB  A GLU A 10 ? 0.2268 0.1263 0.2075 0.0142  -0.0302 -0.0112 10   GLU A CB  
140 C  CB  B GLU A 10 ? 0.1615 0.2363 0.1084 0.0433  0.0323  0.0293  10   GLU A CB  
141 C  CG  A GLU A 10 ? 0.2911 0.2106 0.1545 0.0673  0.0217  -0.0322 10   GLU A CG  
142 C  CG  B GLU A 10 ? 0.2935 0.2535 0.2627 0.0139  -0.0272 -0.0019 10   GLU A CG  
143 C  CD  A GLU A 10 ? 0.2312 0.2775 0.2649 0.0447  -0.0223 0.0041  10   GLU A CD  
144 C  CD  B GLU A 10 ? 0.3423 0.3421 0.3132 -0.0068 -0.0045 0.0171  10   GLU A CD  
145 O  OE1 A GLU A 10 ? 0.3286 0.3215 0.3871 -0.0190 -0.0228 -0.0410 10   GLU A OE1 
146 O  OE1 B GLU A 10 ? 0.2862 0.2814 0.2781 0.0253  0.0096  0.0069  10   GLU A OE1 
147 O  OE2 A GLU A 10 ? 0.3198 0.2148 0.2737 0.0170  -0.0504 0.0263  10   GLU A OE2 
148 O  OE2 B GLU A 10 ? 0.3555 0.3674 0.3116 0.0011  0.0008  -0.0003 10   GLU A OE2 
149 N  N   A GLU A 11 ? 0.1556 0.1748 0.1513 -0.0233 0.0448  0.0085  11   GLU A N   
150 N  N   B GLU A 11 ? 0.2008 0.2348 0.0863 0.0208  0.0264  0.0100  11   GLU A N   
151 C  CA  A GLU A 11 ? 0.1150 0.1442 0.1773 -0.0225 -0.0048 0.0193  11   GLU A CA  
152 C  CA  B GLU A 11 ? 0.2079 0.2623 0.1442 0.0298  0.0028  -0.0323 11   GLU A CA  
153 C  C   A GLU A 11 ? 0.1658 0.1503 0.1433 -0.0301 0.0170  0.0219  11   GLU A C   
154 C  C   B GLU A 11 ? 0.1722 0.1952 0.0980 0.0191  0.0260  0.0212  11   GLU A C   
155 O  O   A GLU A 11 ? 0.1629 0.1956 0.1495 -0.0193 0.0200  0.0182  11   GLU A O   
156 O  O   B GLU A 11 ? 0.1429 0.2613 0.0733 0.0533  -0.0063 0.0126  11   GLU A O   
157 C  CB  A GLU A 11 ? 0.1495 0.1801 0.1452 -0.0286 0.0355  0.0147  11   GLU A CB  
158 C  CB  B GLU A 11 ? 0.2713 0.2782 0.2717 0.0146  0.0067  0.0126  11   GLU A CB  
159 C  CG  A GLU A 11 ? 0.1783 0.2421 0.1257 -0.0325 0.0567  0.0348  11   GLU A CG  
160 C  CG  B GLU A 11 ? 0.3018 0.3513 0.3011 0.0062  0.0053  0.0107  11   GLU A CG  
161 C  CD  A GLU A 11 ? 0.2468 0.2475 0.1899 -0.0184 0.0767  0.0338  11   GLU A CD  
162 C  CD  B GLU A 11 ? 0.3905 0.3598 0.3869 -0.0205 0.0208  0.0277  11   GLU A CD  
163 O  OE1 A GLU A 11 ? 0.2211 0.3081 0.2816 0.0020  0.0478  0.0931  11   GLU A OE1 
164 O  OE1 B GLU A 11 ? 0.3971 0.3497 0.3699 -0.0270 -0.0355 -0.0121 11   GLU A OE1 
165 O  OE2 A GLU A 11 ? 0.2295 0.2816 0.3359 -0.0693 0.0907  0.0675  11   GLU A OE2 
166 O  OE2 B GLU A 11 ? 0.4730 0.4948 0.4475 -0.0050 0.0374  0.0031  11   GLU A OE2 
167 N  N   . ASN A 12 ? 0.1558 0.2176 0.0927 -0.0063 0.0096  0.0197  12   ASN A N   
168 C  CA  . ASN A 12 ? 0.1521 0.1389 0.0898 -0.0074 0.0193  0.0116  12   ASN A CA  
169 C  C   . ASN A 12 ? 0.1433 0.1528 0.1052 0.0073  0.0155  -0.0106 12   ASN A C   
170 O  O   . ASN A 12 ? 0.1490 0.1574 0.0798 0.0177  0.0063  -0.0136 12   ASN A O   
171 C  CB  . ASN A 12 ? 0.1628 0.1636 0.0971 0.0114  -0.0178 0.0101  12   ASN A CB  
172 C  CG  . ASN A 12 ? 0.1741 0.1648 0.0972 -0.0111 -0.0097 0.0202  12   ASN A CG  
173 O  OD1 . ASN A 12 ? 0.1975 0.1772 0.1364 -0.0204 -0.0196 0.0480  12   ASN A OD1 
174 N  ND2 . ASN A 12 ? 0.1938 0.1848 0.1097 0.0190  -0.0259 0.0396  12   ASN A ND2 
175 N  N   . THR A 13 ? 0.1954 0.1424 0.0848 0.0044  0.0183  0.0025  13   THR A N   
176 C  CA  . THR A 13 ? 0.1931 0.1371 0.0914 0.0055  0.0256  -0.0327 13   THR A CA  
177 C  C   . THR A 13 ? 0.2210 0.1523 0.0788 0.0341  0.0094  0.0036  13   THR A C   
178 O  O   . THR A 13 ? 0.2278 0.1490 0.0876 0.0338  0.0163  -0.0106 13   THR A O   
179 C  CB  . THR A 13 ? 0.2515 0.1360 0.1458 0.0188  0.0249  -0.0012 13   THR A CB  
180 O  OG1 . THR A 13 ? 0.2310 0.1668 0.1490 0.0338  0.0012  -0.0423 13   THR A OG1 
181 C  CG2 . THR A 13 ? 0.3136 0.1182 0.1838 -0.0114 -0.0006 -0.0086 13   THR A CG2 
182 N  N   . SER A 14 ? 0.1848 0.1945 0.0872 0.0492  0.0189  -0.0050 14   SER A N   
183 C  CA  . SER A 14 ? 0.1933 0.1705 0.1153 0.0669  0.0345  -0.0129 14   SER A CA  
184 C  C   . SER A 14 ? 0.1908 0.1607 0.0952 0.0535  0.0352  0.0072  14   SER A C   
185 O  O   . SER A 14 ? 0.1926 0.1825 0.1001 0.0617  0.0203  0.0035  14   SER A O   
186 C  CB  A SER A 14 ? 0.1697 0.1894 0.1291 0.1067  0.0236  0.0106  14   SER A CB  
187 C  CB  B SER A 14 ? 0.2068 0.2215 0.1209 0.0550  0.0671  -0.0346 14   SER A CB  
188 O  OG  A SER A 14 ? 0.1906 0.2672 0.1076 0.1081  0.0234  -0.0118 14   SER A OG  
189 O  OG  B SER A 14 ? 0.2023 0.2570 0.1983 0.0229  0.0794  -0.0323 14   SER A OG  
190 N  N   . LYS A 15 ? 0.1733 0.1579 0.0986 0.0323  0.0117  -0.0010 15   LYS A N   
191 C  CA  . LYS A 15 ? 0.1169 0.1583 0.1108 0.0110  0.0176  -0.0009 15   LYS A CA  
192 C  C   . LYS A 15 ? 0.1277 0.1333 0.0871 0.0373  -0.0005 -0.0082 15   LYS A C   
193 O  O   . LYS A 15 ? 0.1345 0.1402 0.0929 0.0202  0.0000  -0.0008 15   LYS A O   
194 C  CB  . LYS A 15 ? 0.1278 0.1562 0.1285 -0.0031 -0.0105 0.0289  15   LYS A CB  
195 C  CG  A LYS A 15 ? 0.1383 0.1838 0.1583 -0.0239 0.0131  0.0379  15   LYS A CG  
196 C  CG  B LYS A 15 ? 0.1546 0.2004 0.1730 -0.0282 0.0075  0.0255  15   LYS A CG  
197 C  CD  A LYS A 15 ? 0.1554 0.1539 0.1567 -0.0406 0.0243  0.0360  15   LYS A CD  
198 C  CD  B LYS A 15 ? 0.1885 0.1986 0.1543 -0.0076 -0.0315 0.0035  15   LYS A CD  
199 C  CE  A LYS A 15 ? 0.2151 0.2014 0.1998 -0.0178 -0.0038 0.0643  15   LYS A CE  
200 C  CE  B LYS A 15 ? 0.2814 0.3067 0.2796 -0.0155 -0.0056 0.0271  15   LYS A CE  
201 N  NZ  A LYS A 15 ? 0.1906 0.1681 0.1705 -0.0770 -0.0521 0.0786  15   LYS A NZ  
202 N  NZ  B LYS A 15 ? 0.3443 0.3780 0.3367 -0.0051 0.0132  -0.0153 15   LYS A NZ  
203 N  N   . ILE A 16 ? 0.1407 0.1209 0.0806 0.0092  0.0054  -0.0084 16   ILE A N   
204 C  CA  . ILE A 16 ? 0.1558 0.1260 0.0738 -0.0016 0.0143  -0.0094 16   ILE A CA  
205 C  C   . ILE A 16 ? 0.1428 0.1337 0.0738 0.0103  -0.0004 -0.0082 16   ILE A C   
206 O  O   . ILE A 16 ? 0.1828 0.1249 0.0745 0.0045  0.0036  -0.0023 16   ILE A O   
207 C  CB  . ILE A 16 ? 0.1439 0.1260 0.0916 -0.0058 0.0118  -0.0096 16   ILE A CB  
208 C  CG1 . ILE A 16 ? 0.1258 0.1339 0.1004 0.0024  0.0133  -0.0383 16   ILE A CG1 
209 C  CG2 . ILE A 16 ? 0.1895 0.1439 0.1088 -0.0354 0.0080  0.0040  16   ILE A CG2 
210 C  CD1 . ILE A 16 ? 0.1508 0.1500 0.1109 -0.0146 -0.0054 -0.0331 16   ILE A CD1 
211 N  N   . TYR A 17 ? 0.1842 0.1356 0.0897 0.0255  -0.0048 -0.0133 17   TYR A N   
212 C  CA  . TYR A 17 ? 0.2286 0.1327 0.0867 0.0339  0.0034  -0.0254 17   TYR A CA  
213 C  C   . TYR A 17 ? 0.1821 0.1352 0.0909 0.0571  0.0278  -0.0084 17   TYR A C   
214 O  O   . TYR A 17 ? 0.2025 0.1351 0.0909 0.0505  0.0106  0.0009  17   TYR A O   
215 C  CB  . TYR A 17 ? 0.2890 0.1322 0.1282 0.0533  0.0074  -0.0361 17   TYR A CB  
216 C  CG  . TYR A 17 ? 0.3051 0.1430 0.1211 0.0170  0.0321  -0.0451 17   TYR A CG  
217 C  CD1 . TYR A 17 ? 0.3174 0.1405 0.1885 0.0490  0.0295  -0.0427 17   TYR A CD1 
218 C  CD2 . TYR A 17 ? 0.2815 0.2058 0.1393 0.0798  0.0487  -0.0125 17   TYR A CD2 
219 C  CE1 . TYR A 17 ? 0.3043 0.1534 0.1858 0.0330  0.0622  -0.0316 17   TYR A CE1 
220 C  CE2 . TYR A 17 ? 0.2889 0.2154 0.2211 0.0753  0.0688  -0.0210 17   TYR A CE2 
221 C  CZ  . TYR A 17 ? 0.2378 0.1937 0.2056 0.0985  0.0631  -0.0021 17   TYR A CZ  
222 O  OH  . TYR A 17 ? 0.3626 0.2311 0.3254 0.1397  0.0546  0.0313  17   TYR A OH  
223 N  N   . HIS A 18 ? 0.1530 0.1867 0.0761 0.0626  0.0186  0.0039  18   HIS A N   
224 C  CA  . HIS A 18 ? 0.1437 0.1962 0.1006 0.0730  0.0418  0.0235  18   HIS A CA  
225 C  C   . HIS A 18 ? 0.0981 0.1586 0.0807 0.0036  0.0163  -0.0049 18   HIS A C   
226 O  O   . HIS A 18 ? 0.0969 0.1471 0.0880 0.0216  0.0018  0.0021  18   HIS A O   
227 C  CB  . HIS A 18 ? 0.1230 0.2888 0.1147 0.0532  0.0488  0.0142  18   HIS A CB  
228 C  CG  . HIS A 18 ? 0.2053 0.3043 0.1345 0.0929  0.0517  0.0376  18   HIS A CG  
229 N  ND1 . HIS A 18 ? 0.2242 0.3182 0.1972 0.0958  0.0594  0.0392  18   HIS A ND1 
230 C  CD2 . HIS A 18 ? 0.2339 0.3559 0.1743 0.1015  0.0760  0.0466  18   HIS A CD2 
231 C  CE1 . HIS A 18 ? 0.3094 0.3128 0.2155 0.1085  0.0416  0.0054  18   HIS A CE1 
232 N  NE2 . HIS A 18 ? 0.3406 0.4162 0.2896 0.1140  0.0698  0.0780  18   HIS A NE2 
233 N  N   . ASN A 19 ? 0.0869 0.1358 0.0951 0.0259  0.0084  0.0034  19   ASN A N   
234 C  CA  . ASN A 19 ? 0.1018 0.1080 0.0737 0.0101  0.0032  -0.0120 19   ASN A CA  
235 C  C   . ASN A 19 ? 0.0876 0.0816 0.0871 0.0139  0.0093  -0.0113 19   ASN A C   
236 O  O   . ASN A 19 ? 0.0958 0.0981 0.0598 0.0114  -0.0020 -0.0138 19   ASN A O   
237 C  CB  . ASN A 19 ? 0.0934 0.1026 0.0676 0.0049  0.0011  0.0000  19   ASN A CB  
238 C  CG  . ASN A 19 ? 0.1203 0.1051 0.0795 0.0053  0.0065  -0.0056 19   ASN A CG  
239 O  OD1 . ASN A 19 ? 0.1167 0.1327 0.1116 -0.0176 -0.0065 0.0067  19   ASN A OD1 
240 N  ND2 . ASN A 19 ? 0.1367 0.0921 0.0945 0.0048  0.0031  0.0082  19   ASN A ND2 
241 N  N   . THR A 20 ? 0.1191 0.0993 0.0641 -0.0012 0.0091  -0.0084 20   THR A N   
242 C  CA  . THR A 20 ? 0.1262 0.0831 0.0866 -0.0054 -0.0012 -0.0193 20   THR A CA  
243 C  C   . THR A 20 ? 0.1282 0.0737 0.0859 0.0071  0.0084  -0.0237 20   THR A C   
244 O  O   . THR A 20 ? 0.1140 0.0782 0.0954 -0.0063 0.0107  -0.0092 20   THR A O   
245 C  CB  . THR A 20 ? 0.1533 0.0835 0.1201 -0.0042 -0.0280 -0.0115 20   THR A CB  
246 O  OG1 . THR A 20 ? 0.1650 0.1002 0.1301 -0.0041 -0.0491 -0.0173 20   THR A OG1 
247 C  CG2 . THR A 20 ? 0.1724 0.1194 0.1246 -0.0320 -0.0162 -0.0184 20   THR A CG2 
248 N  N   . ASN A 21 ? 0.1420 0.0896 0.0848 0.0117  0.0108  -0.0187 21   ASN A N   
249 C  CA  . ASN A 21 ? 0.1581 0.0915 0.0868 0.0453  0.0118  -0.0028 21   ASN A CA  
250 C  C   . ASN A 21 ? 0.0940 0.0872 0.1064 0.0338  0.0157  0.0064  21   ASN A C   
251 O  O   . ASN A 21 ? 0.0879 0.0863 0.0924 0.0231  0.0055  0.0118  21   ASN A O   
252 C  CB  . ASN A 21 ? 0.1979 0.1482 0.1430 0.1022  0.0168  -0.0290 21   ASN A CB  
253 C  CG  . ASN A 21 ? 0.3002 0.1548 0.1732 0.0470  0.0616  -0.0693 21   ASN A CG  
254 O  OD1 . ASN A 21 ? 0.4354 0.1530 0.2252 0.0052  0.0790  -0.1192 21   ASN A OD1 
255 N  ND2 . ASN A 21 ? 0.4307 0.2223 0.2040 0.0495  0.0386  -0.0539 21   ASN A ND2 
256 N  N   . GLU A 22 ? 0.0833 0.0995 0.0820 0.0192  0.0121  0.0026  22   GLU A N   
257 C  CA  . GLU A 22 ? 0.0630 0.1013 0.0761 0.0082  0.0151  0.0063  22   GLU A CA  
258 C  C   . GLU A 22 ? 0.0736 0.0671 0.0840 -0.0019 -0.0004 0.0194  22   GLU A C   
259 O  O   . GLU A 22 ? 0.0730 0.0774 0.0816 0.0010  0.0002  0.0138  22   GLU A O   
260 C  CB  A GLU A 22 ? 0.0680 0.1349 0.0966 -0.0289 0.0181  0.0250  22   GLU A CB  
261 C  CB  B GLU A 22 ? 0.0872 0.0908 0.0888 0.0626  0.0213  0.0324  22   GLU A CB  
262 C  CG  A GLU A 22 ? 0.0595 0.0716 0.1010 0.0069  0.0094  0.0181  22   GLU A CG  
263 C  CG  B GLU A 22 ? 0.1300 0.1114 0.1230 -0.0189 0.0487  0.0044  22   GLU A CG  
264 C  CD  A GLU A 22 ? 0.0788 0.0564 0.1340 0.0021  -0.0023 0.0239  22   GLU A CD  
265 C  CD  B GLU A 22 ? 0.1152 0.1345 0.1620 -0.0053 0.0158  0.0424  22   GLU A CD  
266 O  OE1 A GLU A 22 ? 0.0812 0.0948 0.1308 0.0066  -0.0141 0.0069  22   GLU A OE1 
267 O  OE1 B GLU A 22 ? 0.2200 0.1539 0.1699 -0.0334 -0.0208 -0.0596 22   GLU A OE1 
268 O  OE2 A GLU A 22 ? 0.0747 0.0936 0.1181 0.0172  -0.0185 0.0085  22   GLU A OE2 
269 O  OE2 B GLU A 22 ? 0.0878 0.0998 0.1385 0.0035  0.0137  0.0249  22   GLU A OE2 
270 N  N   . ILE A 23 ? 0.0551 0.0696 0.0675 -0.0036 0.0055  -0.0040 23   ILE A N   
271 C  CA  . ILE A 23 ? 0.0651 0.0571 0.0678 0.0035  0.0122  -0.0016 23   ILE A CA  
272 C  C   . ILE A 23 ? 0.0369 0.0714 0.0889 -0.0016 0.0006  -0.0041 23   ILE A C   
273 O  O   . ILE A 23 ? 0.0684 0.0873 0.0664 0.0088  0.0131  0.0032  23   ILE A O   
274 C  CB  . ILE A 23 ? 0.0622 0.0731 0.0757 0.0030  -0.0003 0.0048  23   ILE A CB  
275 C  CG1 . ILE A 23 ? 0.0532 0.0742 0.0853 0.0008  0.0090  -0.0128 23   ILE A CG1 
276 C  CG2 . ILE A 23 ? 0.0628 0.0997 0.0918 -0.0031 0.0216  0.0185  23   ILE A CG2 
277 C  CD1 . ILE A 23 ? 0.0826 0.0867 0.0850 0.0086  -0.0105 -0.0018 23   ILE A CD1 
278 N  N   . ALA A 24 ? 0.0641 0.0668 0.0723 0.0040  0.0057  0.0001  24   ALA A N   
279 C  CA  . ALA A 24 ? 0.0714 0.0628 0.0786 -0.0054 0.0064  0.0034  24   ALA A CA  
280 C  C   . ALA A 24 ? 0.0643 0.0566 0.0885 0.0043  0.0099  0.0076  24   ALA A C   
281 O  O   . ALA A 24 ? 0.0690 0.0752 0.0850 -0.0061 0.0077  0.0182  24   ALA A O   
282 C  CB  . ALA A 24 ? 0.0993 0.0747 0.1008 -0.0077 -0.0088 0.0005  24   ALA A CB  
283 N  N   . ARG A 25 ? 0.0601 0.0764 0.0706 -0.0019 0.0055  0.0042  25   ARG A N   
284 C  CA  . ARG A 25 ? 0.0667 0.0780 0.0724 0.0134  0.0102  0.0113  25   ARG A CA  
285 C  C   . ARG A 25 ? 0.0482 0.0790 0.0811 -0.0126 0.0070  0.0082  25   ARG A C   
286 O  O   . ARG A 25 ? 0.0759 0.0976 0.0758 0.0035  0.0034  0.0129  25   ARG A O   
287 C  CB  . ARG A 25 ? 0.0549 0.0835 0.0736 0.0002  0.0040  0.0068  25   ARG A CB  
288 C  CG  . ARG A 25 ? 0.0564 0.0951 0.0905 0.0063  -0.0014 0.0101  25   ARG A CG  
289 C  CD  . ARG A 25 ? 0.0459 0.1142 0.0879 0.0095  0.0067  -0.0046 25   ARG A CD  
290 N  NE  . ARG A 25 ? 0.0570 0.1006 0.1343 0.0147  0.0098  0.0029  25   ARG A NE  
291 C  CZ  . ARG A 25 ? 0.0343 0.1038 0.1231 0.0091  0.0045  0.0086  25   ARG A CZ  
292 N  NH1 . ARG A 25 ? 0.0624 0.1024 0.1434 0.0107  0.0008  0.0006  25   ARG A NH1 
293 N  NH2 . ARG A 25 ? 0.0606 0.1212 0.1556 0.0115  -0.0043 -0.0169 25   ARG A NH2 
294 N  N   . ASN A 26 ? 0.0657 0.0679 0.0747 0.0044  0.0122  0.0025  26   ASN A N   
295 C  CA  . ASN A 26 ? 0.0654 0.0789 0.0800 -0.0025 0.0026  0.0008  26   ASN A CA  
296 C  C   . ASN A 26 ? 0.0622 0.0753 0.0770 -0.0025 0.0123  0.0087  26   ASN A C   
297 O  O   . ASN A 26 ? 0.0880 0.0956 0.0690 -0.0020 0.0109  0.0015  26   ASN A O   
298 C  CB  . ASN A 26 ? 0.0659 0.0696 0.0868 -0.0149 0.0092  -0.0098 26   ASN A CB  
299 C  CG  . ASN A 26 ? 0.0656 0.0633 0.0961 -0.0044 0.0051  -0.0059 26   ASN A CG  
300 O  OD1 . ASN A 26 ? 0.0626 0.1032 0.1285 -0.0147 -0.0003 0.0251  26   ASN A OD1 
301 N  ND2 . ASN A 26 ? 0.1001 0.0622 0.0918 -0.0054 0.0166  0.0059  26   ASN A ND2 
302 N  N   . THR A 27 ? 0.0608 0.0755 0.0709 -0.0118 0.0190  0.0014  27   THR A N   
303 C  CA  . THR A 27 ? 0.0728 0.0736 0.0727 0.0061  0.0155  0.0097  27   THR A CA  
304 C  C   . THR A 27 ? 0.0674 0.0782 0.1113 -0.0049 0.0191  0.0119  27   THR A C   
305 O  O   . THR A 27 ? 0.0850 0.1200 0.0875 -0.0083 0.0206  0.0215  27   THR A O   
306 C  CB  . THR A 27 ? 0.0617 0.0801 0.0929 -0.0031 0.0249  0.0163  27   THR A CB  
307 O  OG1 . THR A 27 ? 0.0701 0.0810 0.1041 0.0035  0.0101  0.0120  27   THR A OG1 
308 C  CG2 . THR A 27 ? 0.0743 0.1033 0.1240 -0.0102 0.0187  0.0106  27   THR A CG2 
309 N  N   . LYS A 28 ? 0.0855 0.0862 0.1003 0.0030  0.0218  0.0306  28   LYS A N   
310 C  CA  . LYS A 28 ? 0.1045 0.0888 0.1182 0.0036  0.0092  0.0253  28   LYS A CA  
311 C  C   . LYS A 28 ? 0.1032 0.1144 0.1068 0.0016  0.0061  0.0402  28   LYS A C   
312 O  O   . LYS A 28 ? 0.1607 0.1477 0.1083 -0.0207 0.0012  0.0450  28   LYS A O   
313 C  CB  . LYS A 28 ? 0.1316 0.1096 0.1788 0.0197  -0.0172 0.0367  28   LYS A CB  
314 C  CG  . LYS A 28 ? 0.2076 0.1543 0.2210 0.0332  -0.0398 0.0246  28   LYS A CG  
315 C  CD  . LYS A 28 ? 0.2752 0.2274 0.3035 0.1058  -0.0295 0.0052  28   LYS A CD  
316 C  CE  . LYS A 28 ? 0.3928 0.3163 0.4039 0.1084  -0.0309 0.0379  28   LYS A CE  
317 N  NZ  . LYS A 28 ? 0.4809 0.5211 0.5392 -0.0076 -0.0065 0.0006  28   LYS A NZ  
318 N  N   . LEU A 29 ? 0.1060 0.1315 0.0813 -0.0182 -0.0045 0.0220  29   LEU A N   
319 C  CA  . LEU A 29 ? 0.0943 0.1426 0.1254 -0.0112 -0.0034 0.0260  29   LEU A CA  
320 C  C   . LEU A 29 ? 0.1247 0.1717 0.1077 -0.0199 0.0050  -0.0132 29   LEU A C   
321 O  O   . LEU A 29 ? 0.1322 0.2869 0.1359 -0.0367 -0.0103 -0.0510 29   LEU A O   
322 C  CB  . LEU A 29 ? 0.0981 0.1697 0.1076 -0.0037 0.0000  0.0117  29   LEU A CB  
323 C  CG  . LEU A 29 ? 0.0890 0.1437 0.1426 -0.0085 -0.0122 0.0207  29   LEU A CG  
324 C  CD1 . LEU A 29 ? 0.1096 0.1834 0.1405 -0.0093 0.0197  -0.0060 29   LEU A CD1 
325 C  CD2 . LEU A 29 ? 0.1295 0.2571 0.1884 0.0387  -0.0259 0.0500  29   LEU A CD2 
326 N  N   . VAL A 30 ? 0.1264 0.1619 0.0986 -0.0037 0.0086  -0.0169 30   VAL A N   
327 C  CA  A VAL A 30 ? 0.1741 0.1760 0.0762 0.0173  -0.0176 -0.0467 30   VAL A CA  
328 C  CA  B VAL A 30 ? 0.1117 0.1501 0.1796 -0.0274 0.0031  -0.0399 30   VAL A CA  
329 C  C   A VAL A 30 ? 0.2256 0.1959 0.1005 0.0002  -0.0058 -0.0270 30   VAL A C   
330 C  C   B VAL A 30 ? 0.0734 0.1725 0.0774 -0.0401 0.0275  -0.0210 30   VAL A C   
331 O  O   A VAL A 30 ? 0.2779 0.2766 0.1127 -0.0260 0.0290  -0.0559 30   VAL A O   
332 O  O   B VAL A 30 ? 0.1680 0.2203 0.1467 -0.0312 0.0971  -0.0195 30   VAL A O   
333 C  CB  . VAL A 30 ? 0.1697 0.1474 0.1737 0.0016  0.0137  -0.0342 30   VAL A CB  
334 C  CG1 . VAL A 30 ? 0.2007 0.1507 0.2597 0.0018  0.0694  -0.0128 30   VAL A CG1 
335 C  CG2 . VAL A 30 ? 0.1407 0.1572 0.1287 -0.0056 0.0196  -0.0032 30   VAL A CG2 
336 N  N   A GLY A 31 ? 0.2271 0.1862 0.1527 0.0009  0.0468  -0.0041 31   GLY A N   
337 N  N   B GLY A 31 ? 0.0860 0.1764 0.0814 -0.0533 0.0152  -0.0009 31   GLY A N   
338 C  CA  A GLY A 31 ? 0.1730 0.2297 0.1641 -0.0197 -0.0004 -0.0036 31   GLY A CA  
339 C  CA  B GLY A 31 ? 0.1429 0.1800 0.0934 -0.0452 0.0086  0.0027  31   GLY A CA  
340 C  C   A GLY A 31 ? 0.1213 0.1835 0.1428 -0.0436 0.0164  -0.0205 31   GLY A C   
341 C  C   B GLY A 31 ? 0.1428 0.1929 0.1440 0.0117  0.0048  -0.0040 31   GLY A C   
342 O  O   A GLY A 31 ? 0.1155 0.2178 0.1058 -0.0372 -0.0157 -0.0185 31   GLY A O   
343 O  O   B GLY A 31 ? 0.1656 0.2643 0.1943 -0.0119 0.0177  0.0179  31   GLY A O   
344 N  N   A GLU A 32 ? 0.1315 0.2108 0.1086 -0.0527 0.0358  -0.0192 32   GLU A N   
345 N  N   B GLU A 32 ? 0.1969 0.2674 0.2164 -0.0250 0.0040  0.0433  32   GLU A N   
346 C  CA  A GLU A 32 ? 0.1653 0.2071 0.1149 -0.0115 0.0170  0.0129  32   GLU A CA  
347 C  CA  B GLU A 32 ? 0.2161 0.2622 0.2021 -0.0049 0.0123  0.0055  32   GLU A CA  
348 C  C   A GLU A 32 ? 0.3120 0.2387 0.2392 0.0237  -0.0563 0.0337  32   GLU A C   
349 C  C   B GLU A 32 ? 0.3000 0.3111 0.2785 0.0399  0.0098  0.0068  32   GLU A C   
350 O  O   A GLU A 32 ? 0.3179 0.3055 0.3614 -0.0303 -0.0341 0.0012  32   GLU A O   
351 O  O   B GLU A 32 ? 0.3259 0.3310 0.3366 0.0332  -0.0368 -0.0145 32   GLU A O   
352 C  CB  A GLU A 32 ? 0.2078 0.1927 0.1841 -0.0278 0.0017  -0.0313 32   GLU A CB  
353 C  CB  B GLU A 32 ? 0.2402 0.2451 0.1563 -0.0014 0.0046  -0.0169 32   GLU A CB  
354 C  CG  A GLU A 32 ? 0.1939 0.2651 0.1883 0.0058  0.0028  0.0351  32   GLU A CG  
355 C  CG  B GLU A 32 ? 0.1756 0.1828 0.2411 -0.0049 0.0693  0.0407  32   GLU A CG  
356 C  CD  A GLU A 32 ? 0.2621 0.3089 0.2958 -0.0102 -0.0267 0.0037  32   GLU A CD  
357 C  CD  B GLU A 32 ? 0.3018 0.2690 0.2991 0.0073  -0.0118 0.0011  32   GLU A CD  
358 O  OE1 A GLU A 32 ? 0.2309 0.2052 0.1492 -0.0376 0.0127  -0.0281 32   GLU A OE1 
359 O  OE1 B GLU A 32 ? 0.2932 0.2927 0.2905 -0.0225 0.0007  0.0267  32   GLU A OE1 
360 O  OE2 A GLU A 32 ? 0.4230 0.3725 0.4334 0.0387  -0.0213 0.0007  32   GLU A OE2 
361 O  OE2 B GLU A 32 ? 0.3478 0.2617 0.3555 -0.0263 -0.0311 -0.0247 32   GLU A OE2 
362 BR BR  . BR  B .  ? 0.2058 0.2316 0.1612 -0.0081 -0.0216 -0.0077 1033 BR  A BR  
363 BR BR  . BR  C .  ? 0.1512 0.1583 0.1405 -0.0023 -0.0054 -0.0018 1034 BR  A BR  
364 BR BR  . BR  D .  ? 0.1086 0.1017 0.1196 0.0022  0.0053  0.0018  1035 BR  A BR  
365 O  O   . HOH E .  ? 0.3941 0.3138 0.3309 -0.0507 0.0441  -0.0661 2001 HOH A O   
366 O  O   . HOH E .  ? 0.5079 0.5172 0.4440 -0.0108 0.0112  -0.0081 2002 HOH A O   
367 O  O   . HOH E .  ? 0.3228 0.3448 0.3364 -0.0022 -0.0196 -0.0416 2003 HOH A O   
368 O  O   . HOH E .  ? 0.2180 0.3149 0.2825 0.0737  -0.0445 -0.0190 2004 HOH A O   
369 O  O   . HOH E .  ? 0.2450 0.3829 0.3046 0.0441  0.0371  -0.0116 2005 HOH A O   
370 O  O   . HOH E .  ? 0.1969 0.3333 0.2757 0.0314  0.0191  -0.0577 2006 HOH A O   
371 O  O   . HOH E .  ? 0.4405 0.4598 0.4557 -0.0306 -0.0103 0.0091  2007 HOH A O   
372 O  O   . HOH E .  ? 0.5078 0.4802 0.5183 -0.0520 -0.0665 -0.0453 2008 HOH A O   
373 O  O   . HOH E .  ? 0.4489 0.1894 0.3319 -0.0714 -0.0032 -0.0239 2009 HOH A O   
374 O  O   . HOH E .  ? 0.1125 0.1361 0.1785 0.0359  0.0268  -0.0159 2010 HOH A O   
375 O  O   . HOH E .  ? 0.4182 0.2540 0.4994 -0.0431 0.0073  -0.0551 2011 HOH A O   
376 O  O   . HOH E .  ? 0.4200 0.4417 0.4707 -0.0133 -0.0068 0.0146  2012 HOH A O   
377 O  O   . HOH E .  ? 0.1899 0.1683 0.3461 0.0290  0.0797  0.0544  2013 HOH A O   
378 O  O   . HOH E .  ? 0.1270 0.1345 0.1678 -0.0141 0.0050  0.0155  2014 HOH A O   
379 O  O   . HOH E .  ? 0.4295 0.4220 0.4639 0.0227  0.0438  -0.0087 2015 HOH A O   
380 O  O   . HOH E .  ? 0.1343 0.2392 0.2808 0.0038  0.0104  -0.0106 2016 HOH A O   
381 O  O   . HOH E .  ? 0.2569 0.2872 0.2336 0.0178  0.0409  0.0323  2017 HOH A O   
382 O  O   . HOH E .  ? 0.1775 0.1167 0.1908 -0.0092 0.0036  0.0131  2018 HOH A O   
383 O  O   . HOH E .  ? 0.5554 0.5844 0.5548 0.0123  0.0099  0.0336  2019 HOH A O   
384 O  O   . HOH E .  ? 0.3146 0.3155 0.3403 -0.0443 -0.0245 -0.0058 2020 HOH A O   
385 O  O   . HOH E .  ? 0.2943 0.3018 0.3317 0.0344  0.0105  -0.0191 2021 HOH A O   
386 O  O   . HOH E .  ? 0.3090 0.3710 0.3468 -0.0944 0.0761  -0.0414 2022 HOH A O   
387 O  O   . HOH E .  ? 0.3722 0.3852 0.3432 0.0842  0.0424  0.0187  2023 HOH A O   
388 O  O   . HOH E .  ? 0.3353 0.3953 0.3527 -0.0334 0.1307  -0.0104 2024 HOH A O   
389 O  O   . HOH E .  ? 0.4894 0.4897 0.4691 -0.0124 0.0029  0.0086  2025 HOH A O   
390 O  O   . HOH E .  ? 0.4175 0.4007 0.4017 0.0152  -0.0289 0.0419  2026 HOH A O   
391 O  O   . HOH E .  ? 0.4867 0.5034 0.4946 0.0222  -0.0093 0.0150  2027 HOH A O   
392 O  O   . HOH E .  ? 0.2703 0.2647 0.3752 -0.0184 0.0016  0.0160  2028 HOH A O   
393 O  O   . HOH E .  ? 0.4249 0.3879 0.3900 -0.0434 0.0455  0.0287  2029 HOH A O   
394 O  O   . HOH E .  ? 0.2079 0.3812 0.1954 0.0171  0.0227  0.0086  2030 HOH A O   
395 O  O   . HOH E .  ? 0.5266 0.5308 0.5106 -0.0009 0.0093  -0.0002 2031 HOH A O   
396 O  O   . HOH E .  ? 0.2956 0.2369 0.2059 -0.0070 0.0043  0.0063  2032 HOH A O   
397 O  O   . HOH E .  ? 0.3575 0.2942 0.2571 -0.0123 0.0056  -0.0110 2033 HOH A O   
398 O  O   . HOH E .  ? 0.2820 0.3835 0.2378 0.0628  -0.0074 0.0542  2034 HOH A O   
399 O  O   . HOH E .  ? 0.2436 0.3301 0.3414 -0.0236 0.0017  -0.0009 2035 HOH A O   
400 O  O   . HOH E .  ? 0.2101 0.3664 0.1697 -0.0529 -0.0098 0.0235  2036 HOH A O   
401 O  O   . HOH E .  ? 0.3541 0.2206 0.2079 0.1048  0.0489  -0.0287 2037 HOH A O   
402 O  O   . HOH E .  ? 0.3650 0.3656 0.4448 0.0345  -0.0066 0.0800  2038 HOH A O   
403 O  O   . HOH E .  ? 0.1987 0.2462 0.1890 0.0306  0.0157  -0.0248 2039 HOH A O   
404 O  O   . HOH E .  ? 0.1399 0.1314 0.1428 0.0233  -0.0212 -0.0065 2040 HOH A O   
405 O  O   . HOH E .  ? 0.1946 0.2977 0.2389 0.0148  -0.0217 0.0205  2041 HOH A O   
406 O  O   . HOH E .  ? 0.2490 0.3149 0.2400 0.0063  -0.0300 0.0232  2042 HOH A O   
407 O  O   . HOH E .  ? 0.1141 0.1199 0.0935 -0.0243 0.0054  0.0024  2043 HOH A O   
408 O  O   . HOH E .  ? 0.3368 0.3410 0.2512 0.0122  0.0490  0.0875  2044 HOH A O   
409 O  O   . HOH E .  ? 0.4298 0.2462 0.3083 0.0211  0.0897  -0.0106 2045 HOH A O   
410 O  O   . HOH E .  ? 0.4361 0.3355 0.4591 -0.0128 0.0235  -0.0161 2046 HOH A O   
411 O  O   . HOH E .  ? 0.5102 0.4566 0.4574 0.0187  0.0506  -0.0338 2047 HOH A O   
412 O  O   . HOH E .  ? 0.1724 0.1320 0.1804 0.0375  0.0096  0.0194  2048 HOH A O   
413 O  O   . HOH E .  ? 0.3881 0.4214 0.4258 0.0771  -0.0219 0.0116  2049 HOH A O   
414 O  O   . HOH E .  ? 0.1114 0.1303 0.2701 0.0093  0.0068  -0.0415 2050 HOH A O   
415 O  O   . HOH E .  ? 0.3517 0.3916 0.3203 -0.0296 0.0230  0.0106  2051 HOH A O   
416 O  O   . HOH E .  ? 0.2408 0.3696 0.3224 -0.0002 0.0813  -0.0072 2052 HOH A O   
417 O  O   . HOH E .  ? 0.0880 0.1063 0.1096 0.0129  0.0060  -0.0116 2053 HOH A O   
418 O  O   . HOH E .  ? 0.1131 0.0932 0.1503 -0.0102 0.0103  0.0203  2054 HOH A O   
419 O  O   . HOH E .  ? 0.2003 0.2231 0.2534 0.0155  0.0281  0.0796  2055 HOH A O   
420 O  O   . HOH E .  ? 0.2041 0.2069 0.1937 0.0399  0.0111  0.0285  2056 HOH A O   
421 O  O   . HOH E .  ? 0.1417 0.1562 0.2006 0.0372  -0.0279 -0.0384 2057 HOH A O   
422 O  O   . HOH E .  ? 0.0892 0.1138 0.1551 0.0247  -0.0009 0.0002  2058 HOH A O   
423 O  O   . HOH E .  ? 0.1001 0.1814 0.1228 0.0012  0.0227  0.0502  2059 HOH A O   
424 O  O   . HOH E .  ? 0.3812 0.3280 0.2775 -0.0713 0.0207  0.0836  2060 HOH A O   
425 O  O   . HOH E .  ? 0.1691 0.2572 0.2724 0.0251  -0.0523 0.0084  2061 HOH A O   
426 O  O   . HOH E .  ? 0.4351 0.4571 0.4547 0.0373  -0.0148 0.0337  2062 HOH A O   
427 O  O   . HOH E .  ? 0.3933 0.5130 0.4746 0.0396  -0.0481 0.0250  2063 HOH A O   
428 O  O   . HOH E .  ? 0.4311 0.5366 0.4656 -0.0323 -0.0217 -0.0001 2064 HOH A O   
429 O  O   . HOH E .  ? 0.4313 0.4658 0.4004 0.0020  -0.0150 0.0500  2065 HOH A O   
430 O  O   . HOH E .  ? 0.1036 0.2606 0.1137 -0.0686 0.0067  0.0439  2066 HOH A O   
431 O  O   . HOH E .  ? 0.5054 0.4876 0.5096 0.0386  0.0138  0.0151  2067 HOH A O   
432 O  O   . HOH E .  ? 0.3555 0.4527 0.4319 -0.0007 0.0346  -0.0008 2068 HOH A O   
433 O  O   . HOH E .  ? 0.5347 0.5146 0.5286 0.0320  -0.0313 0.0330  2069 HOH A O   
434 O  O   . HOH E .  ? 0.3128 0.2727 0.2401 -0.0093 -0.0762 -0.0241 2070 HOH A O   
# 
